data_2NWV
# 
_entry.id   2NWV 
# 
_audit_conform.dict_name       mmcif_pdbx.dic 
_audit_conform.dict_version    5.399 
_audit_conform.dict_location   http://mmcif.pdb.org/dictionaries/ascii/mmcif_pdbx.dic 
# 
loop_
_database_2.database_id 
_database_2.database_code 
_database_2.pdbx_database_accession 
_database_2.pdbx_DOI 
PDB   2NWV         pdb_00002nwv 10.2210/pdb2nwv/pdb 
RCSB  RCSB040401   ?            ?                   
WWPDB D_1000040401 ?            ?                   
# 
loop_
_pdbx_audit_revision_history.ordinal 
_pdbx_audit_revision_history.data_content_type 
_pdbx_audit_revision_history.major_revision 
_pdbx_audit_revision_history.minor_revision 
_pdbx_audit_revision_history.revision_date 
1 'Structure model' 1 0 2006-11-28 
2 'Structure model' 1 1 2008-05-01 
3 'Structure model' 1 2 2011-07-13 
4 'Structure model' 1 3 2014-09-10 
5 'Structure model' 1 4 2014-09-24 
6 'Structure model' 1 5 2017-10-18 
7 'Structure model' 1 6 2017-10-25 
8 'Structure model' 1 7 2023-01-25 
9 'Structure model' 1 8 2024-11-20 
# 
_pdbx_audit_revision_details.ordinal             1 
_pdbx_audit_revision_details.revision_ordinal    1 
_pdbx_audit_revision_details.data_content_type   'Structure model' 
_pdbx_audit_revision_details.provider            repository 
_pdbx_audit_revision_details.type                'Initial release' 
_pdbx_audit_revision_details.description         ? 
_pdbx_audit_revision_details.details             ? 
# 
loop_
_pdbx_audit_revision_group.ordinal 
_pdbx_audit_revision_group.revision_ordinal 
_pdbx_audit_revision_group.data_content_type 
_pdbx_audit_revision_group.group 
1  2 'Structure model' 'Version format compliance'  
2  3 'Structure model' Advisory                     
3  3 'Structure model' 'Version format compliance'  
4  4 'Structure model' 'Database references'        
5  5 'Structure model' 'Database references'        
6  6 'Structure model' 'Refinement description'     
7  7 'Structure model' 'Author supporting evidence' 
8  8 'Structure model' 'Database references'        
9  8 'Structure model' 'Derived calculations'       
10 9 'Structure model' 'Data collection'            
11 9 'Structure model' 'Structure summary'          
# 
loop_
_pdbx_audit_revision_category.ordinal 
_pdbx_audit_revision_category.revision_ordinal 
_pdbx_audit_revision_category.data_content_type 
_pdbx_audit_revision_category.category 
1 6 'Structure model' software                           
2 7 'Structure model' pdbx_struct_assembly_auth_evidence 
3 8 'Structure model' database_2                         
4 8 'Structure model' struct_conn                        
5 8 'Structure model' struct_ref_seq_dif                 
6 9 'Structure model' chem_comp_atom                     
7 9 'Structure model' chem_comp_bond                     
8 9 'Structure model' pdbx_entry_details                 
9 9 'Structure model' pdbx_modification_feature          
# 
loop_
_pdbx_audit_revision_item.ordinal 
_pdbx_audit_revision_item.revision_ordinal 
_pdbx_audit_revision_item.data_content_type 
_pdbx_audit_revision_item.item 
1 6 'Structure model' '_software.classification'            
2 6 'Structure model' '_software.name'                      
3 8 'Structure model' '_database_2.pdbx_DOI'                
4 8 'Structure model' '_database_2.pdbx_database_accession' 
5 8 'Structure model' '_struct_conn.pdbx_leaving_atom_flag' 
6 8 'Structure model' '_struct_ref_seq_dif.details'         
# 
_pdbx_database_status.SG_entry                        Y 
_pdbx_database_status.entry_id                        2NWV 
_pdbx_database_status.deposit_site                    RCSB 
_pdbx_database_status.process_site                    RCSB 
_pdbx_database_status.recvd_initial_deposition_date   2006-11-16 
_pdbx_database_status.status_code                     REL 
_pdbx_database_status.status_code_sf                  REL 
_pdbx_database_status.status_code_mr                  ? 
_pdbx_database_status.status_code_cs                  ? 
_pdbx_database_status.pdb_format_compatible           Y 
_pdbx_database_status.methods_development_category    ? 
_pdbx_database_status.status_code_nmr_data            ? 
# 
_pdbx_database_related.db_name        TargetDB 
_pdbx_database_related.db_id          367681 
_pdbx_database_related.details        . 
_pdbx_database_related.content_type   unspecified 
# 
_audit_author.name           'Joint Center for Structural Genomics (JCSG)' 
_audit_author.pdbx_ordinal   1 
# 
_citation.id                        primary 
_citation.title                     
'Site-specific recombination of nitrogen-fixation genes in cyanobacteria by XisF-XisH-XisI complex: Structures and models.' 
_citation.journal_abbrev            Proteins 
_citation.journal_volume            ? 
_citation.page_first                ? 
_citation.page_last                 ? 
_citation.year                      2014 
_citation.journal_id_ASTM           PSFGEY 
_citation.country                   US 
_citation.journal_id_ISSN           1097-0134 
_citation.journal_id_CSD            0867 
_citation.book_publisher            ? 
_citation.pdbx_database_id_PubMed   25179344 
_citation.pdbx_database_id_DOI      10.1002/prot.24679 
# 
loop_
_citation_author.citation_id 
_citation_author.name 
_citation_author.ordinal 
_citation_author.identifier_ORCID 
primary 'Hwang, W.C.'  1 ? 
primary 'Golden, J.W.' 2 ? 
primary 'Pascual, J.'  3 ? 
primary 'Xu, D.'       4 ? 
primary 'Cheltsov, A.' 5 ? 
primary 'Godzik, A.'   6 ? 
# 
loop_
_entity.id 
_entity.type 
_entity.src_method 
_entity.pdbx_description 
_entity.formula_weight 
_entity.pdbx_number_of_molecules 
_entity.pdbx_ec 
_entity.pdbx_mutation 
_entity.pdbx_fragment 
_entity.details 
1 polymer man 'XisI protein-like' 13592.875 1  ? ? ? ? 
2 water   nat water               18.015    76 ? ? ? ? 
# 
_entity_poly.entity_id                      1 
_entity_poly.type                           'polypeptide(L)' 
_entity_poly.nstd_linkage                   no 
_entity_poly.nstd_monomer                   yes 
_entity_poly.pdbx_seq_one_letter_code       
;G(MSE)DNVAEYRKLIKQVLTEYDNLSRQSPETNYETCLVFDENHDNYLWLAVDWQGSKRIKYTYVHIRIKNEKIYIEED
YTEEGIATEL(MSE)RLGVTNNDIVLAFHPPDVRKFTDFATA
;
_entity_poly.pdbx_seq_one_letter_code_can   
;GMDNVAEYRKLIKQVLTEYDNLSRQSPETNYETCLVFDENHDNYLWLAVDWQGSKRIKYTYVHIRIKNEKIYIEEDYTEE
GIATELMRLGVTNNDIVLAFHPPDVRKFTDFATA
;
_entity_poly.pdbx_strand_id                 A 
_entity_poly.pdbx_target_identifier         367681 
# 
_pdbx_entity_nonpoly.entity_id   2 
_pdbx_entity_nonpoly.name        water 
_pdbx_entity_nonpoly.comp_id     HOH 
# 
loop_
_entity_poly_seq.entity_id 
_entity_poly_seq.num 
_entity_poly_seq.mon_id 
_entity_poly_seq.hetero 
1 1   GLY n 
1 2   MSE n 
1 3   ASP n 
1 4   ASN n 
1 5   VAL n 
1 6   ALA n 
1 7   GLU n 
1 8   TYR n 
1 9   ARG n 
1 10  LYS n 
1 11  LEU n 
1 12  ILE n 
1 13  LYS n 
1 14  GLN n 
1 15  VAL n 
1 16  LEU n 
1 17  THR n 
1 18  GLU n 
1 19  TYR n 
1 20  ASP n 
1 21  ASN n 
1 22  LEU n 
1 23  SER n 
1 24  ARG n 
1 25  GLN n 
1 26  SER n 
1 27  PRO n 
1 28  GLU n 
1 29  THR n 
1 30  ASN n 
1 31  TYR n 
1 32  GLU n 
1 33  THR n 
1 34  CYS n 
1 35  LEU n 
1 36  VAL n 
1 37  PHE n 
1 38  ASP n 
1 39  GLU n 
1 40  ASN n 
1 41  HIS n 
1 42  ASP n 
1 43  ASN n 
1 44  TYR n 
1 45  LEU n 
1 46  TRP n 
1 47  LEU n 
1 48  ALA n 
1 49  VAL n 
1 50  ASP n 
1 51  TRP n 
1 52  GLN n 
1 53  GLY n 
1 54  SER n 
1 55  LYS n 
1 56  ARG n 
1 57  ILE n 
1 58  LYS n 
1 59  TYR n 
1 60  THR n 
1 61  TYR n 
1 62  VAL n 
1 63  HIS n 
1 64  ILE n 
1 65  ARG n 
1 66  ILE n 
1 67  LYS n 
1 68  ASN n 
1 69  GLU n 
1 70  LYS n 
1 71  ILE n 
1 72  TYR n 
1 73  ILE n 
1 74  GLU n 
1 75  GLU n 
1 76  ASP n 
1 77  TYR n 
1 78  THR n 
1 79  GLU n 
1 80  GLU n 
1 81  GLY n 
1 82  ILE n 
1 83  ALA n 
1 84  THR n 
1 85  GLU n 
1 86  LEU n 
1 87  MSE n 
1 88  ARG n 
1 89  LEU n 
1 90  GLY n 
1 91  VAL n 
1 92  THR n 
1 93  ASN n 
1 94  ASN n 
1 95  ASP n 
1 96  ILE n 
1 97  VAL n 
1 98  LEU n 
1 99  ALA n 
1 100 PHE n 
1 101 HIS n 
1 102 PRO n 
1 103 PRO n 
1 104 ASP n 
1 105 VAL n 
1 106 ARG n 
1 107 LYS n 
1 108 PHE n 
1 109 THR n 
1 110 ASP n 
1 111 PHE n 
1 112 ALA n 
1 113 THR n 
1 114 ALA n 
# 
_entity_src_gen.entity_id                          1 
_entity_src_gen.pdbx_src_id                        1 
_entity_src_gen.pdbx_alt_source_flag               sample 
_entity_src_gen.pdbx_seq_type                      ? 
_entity_src_gen.pdbx_beg_seq_num                   ? 
_entity_src_gen.pdbx_end_seq_num                   ? 
_entity_src_gen.gene_src_common_name               ? 
_entity_src_gen.gene_src_genus                     Anabaena 
_entity_src_gen.pdbx_gene_src_gene                 YP_323822.1 
_entity_src_gen.gene_src_species                   ? 
_entity_src_gen.gene_src_strain                    ? 
_entity_src_gen.gene_src_tissue                    ? 
_entity_src_gen.gene_src_tissue_fraction           ? 
_entity_src_gen.gene_src_details                   ? 
_entity_src_gen.pdbx_gene_src_fragment             ? 
_entity_src_gen.pdbx_gene_src_scientific_name      'Anabaena variabilis' 
_entity_src_gen.pdbx_gene_src_ncbi_taxonomy_id     1172 
_entity_src_gen.pdbx_gene_src_variant              ? 
_entity_src_gen.pdbx_gene_src_cell_line            ? 
_entity_src_gen.pdbx_gene_src_atcc                 ? 
_entity_src_gen.pdbx_gene_src_organ                ? 
_entity_src_gen.pdbx_gene_src_organelle            ? 
_entity_src_gen.pdbx_gene_src_cell                 ? 
_entity_src_gen.pdbx_gene_src_cellular_location    ? 
_entity_src_gen.host_org_common_name               ? 
_entity_src_gen.pdbx_host_org_scientific_name      'Escherichia coli' 
_entity_src_gen.pdbx_host_org_ncbi_taxonomy_id     562 
_entity_src_gen.host_org_genus                     Escherichia 
_entity_src_gen.pdbx_host_org_gene                 ? 
_entity_src_gen.pdbx_host_org_organ                ? 
_entity_src_gen.host_org_species                   ? 
_entity_src_gen.pdbx_host_org_tissue               ? 
_entity_src_gen.pdbx_host_org_tissue_fraction      ? 
_entity_src_gen.pdbx_host_org_strain               ? 
_entity_src_gen.pdbx_host_org_variant              ? 
_entity_src_gen.pdbx_host_org_cell_line            ? 
_entity_src_gen.pdbx_host_org_atcc                 ? 
_entity_src_gen.pdbx_host_org_culture_collection   ? 
_entity_src_gen.pdbx_host_org_cell                 ? 
_entity_src_gen.pdbx_host_org_organelle            ? 
_entity_src_gen.pdbx_host_org_cellular_location    ? 
_entity_src_gen.pdbx_host_org_vector_type          Plasmid 
_entity_src_gen.pdbx_host_org_vector               ? 
_entity_src_gen.host_org_details                   ? 
_entity_src_gen.expression_system_id               ? 
_entity_src_gen.plasmid_name                       ? 
_entity_src_gen.plasmid_details                    ? 
_entity_src_gen.pdbx_description                   ? 
# 
loop_
_chem_comp.id 
_chem_comp.type 
_chem_comp.mon_nstd_flag 
_chem_comp.name 
_chem_comp.pdbx_synonyms 
_chem_comp.formula 
_chem_comp.formula_weight 
ALA 'L-peptide linking' y ALANINE          ? 'C3 H7 N O2'     89.093  
ARG 'L-peptide linking' y ARGININE         ? 'C6 H15 N4 O2 1' 175.209 
ASN 'L-peptide linking' y ASPARAGINE       ? 'C4 H8 N2 O3'    132.118 
ASP 'L-peptide linking' y 'ASPARTIC ACID'  ? 'C4 H7 N O4'     133.103 
CYS 'L-peptide linking' y CYSTEINE         ? 'C3 H7 N O2 S'   121.158 
GLN 'L-peptide linking' y GLUTAMINE        ? 'C5 H10 N2 O3'   146.144 
GLU 'L-peptide linking' y 'GLUTAMIC ACID'  ? 'C5 H9 N O4'     147.129 
GLY 'peptide linking'   y GLYCINE          ? 'C2 H5 N O2'     75.067  
HIS 'L-peptide linking' y HISTIDINE        ? 'C6 H10 N3 O2 1' 156.162 
HOH non-polymer         . WATER            ? 'H2 O'           18.015  
ILE 'L-peptide linking' y ISOLEUCINE       ? 'C6 H13 N O2'    131.173 
LEU 'L-peptide linking' y LEUCINE          ? 'C6 H13 N O2'    131.173 
LYS 'L-peptide linking' y LYSINE           ? 'C6 H15 N2 O2 1' 147.195 
MSE 'L-peptide linking' n SELENOMETHIONINE ? 'C5 H11 N O2 Se' 196.106 
PHE 'L-peptide linking' y PHENYLALANINE    ? 'C9 H11 N O2'    165.189 
PRO 'L-peptide linking' y PROLINE          ? 'C5 H9 N O2'     115.130 
SER 'L-peptide linking' y SERINE           ? 'C3 H7 N O3'     105.093 
THR 'L-peptide linking' y THREONINE        ? 'C4 H9 N O3'     119.119 
TRP 'L-peptide linking' y TRYPTOPHAN       ? 'C11 H12 N2 O2'  204.225 
TYR 'L-peptide linking' y TYROSINE         ? 'C9 H11 N O3'    181.189 
VAL 'L-peptide linking' y VALINE           ? 'C5 H11 N O2'    117.146 
# 
loop_
_pdbx_poly_seq_scheme.asym_id 
_pdbx_poly_seq_scheme.entity_id 
_pdbx_poly_seq_scheme.seq_id 
_pdbx_poly_seq_scheme.mon_id 
_pdbx_poly_seq_scheme.ndb_seq_num 
_pdbx_poly_seq_scheme.pdb_seq_num 
_pdbx_poly_seq_scheme.auth_seq_num 
_pdbx_poly_seq_scheme.pdb_mon_id 
_pdbx_poly_seq_scheme.auth_mon_id 
_pdbx_poly_seq_scheme.pdb_strand_id 
_pdbx_poly_seq_scheme.pdb_ins_code 
_pdbx_poly_seq_scheme.hetero 
A 1 1   GLY 1   0   ?   ?   ?   A . n 
A 1 2   MSE 2   1   ?   ?   ?   A . n 
A 1 3   ASP 3   2   2   ASP ASP A . n 
A 1 4   ASN 4   3   3   ASN ASN A . n 
A 1 5   VAL 5   4   4   VAL VAL A . n 
A 1 6   ALA 6   5   5   ALA ALA A . n 
A 1 7   GLU 7   6   6   GLU GLU A . n 
A 1 8   TYR 8   7   7   TYR TYR A . n 
A 1 9   ARG 9   8   8   ARG ARG A . n 
A 1 10  LYS 10  9   9   LYS LYS A . n 
A 1 11  LEU 11  10  10  LEU LEU A . n 
A 1 12  ILE 12  11  11  ILE ILE A . n 
A 1 13  LYS 13  12  12  LYS LYS A . n 
A 1 14  GLN 14  13  13  GLN GLN A . n 
A 1 15  VAL 15  14  14  VAL VAL A . n 
A 1 16  LEU 16  15  15  LEU LEU A . n 
A 1 17  THR 17  16  16  THR THR A . n 
A 1 18  GLU 18  17  17  GLU GLU A . n 
A 1 19  TYR 19  18  18  TYR TYR A . n 
A 1 20  ASP 20  19  19  ASP ASP A . n 
A 1 21  ASN 21  20  20  ASN ASN A . n 
A 1 22  LEU 22  21  21  LEU LEU A . n 
A 1 23  SER 23  22  22  SER SER A . n 
A 1 24  ARG 24  23  23  ARG ARG A . n 
A 1 25  GLN 25  24  24  GLN GLN A . n 
A 1 26  SER 26  25  25  SER SER A . n 
A 1 27  PRO 27  26  26  PRO PRO A . n 
A 1 28  GLU 28  27  27  GLU GLU A . n 
A 1 29  THR 29  28  28  THR THR A . n 
A 1 30  ASN 30  29  29  ASN ASN A . n 
A 1 31  TYR 31  30  30  TYR TYR A . n 
A 1 32  GLU 32  31  31  GLU GLU A . n 
A 1 33  THR 33  32  32  THR THR A . n 
A 1 34  CYS 34  33  33  CYS CYS A . n 
A 1 35  LEU 35  34  34  LEU LEU A . n 
A 1 36  VAL 36  35  35  VAL VAL A . n 
A 1 37  PHE 37  36  36  PHE PHE A . n 
A 1 38  ASP 38  37  37  ASP ASP A . n 
A 1 39  GLU 39  38  38  GLU GLU A . n 
A 1 40  ASN 40  39  39  ASN ASN A . n 
A 1 41  HIS 41  40  40  HIS HIS A . n 
A 1 42  ASP 42  41  41  ASP ASP A . n 
A 1 43  ASN 43  42  42  ASN ASN A . n 
A 1 44  TYR 44  43  43  TYR TYR A . n 
A 1 45  LEU 45  44  44  LEU LEU A . n 
A 1 46  TRP 46  45  45  TRP TRP A . n 
A 1 47  LEU 47  46  46  LEU LEU A . n 
A 1 48  ALA 48  47  47  ALA ALA A . n 
A 1 49  VAL 49  48  48  VAL VAL A . n 
A 1 50  ASP 50  49  49  ASP ASP A . n 
A 1 51  TRP 51  50  50  TRP TRP A . n 
A 1 52  GLN 52  51  51  GLN GLN A . n 
A 1 53  GLY 53  52  52  GLY GLY A . n 
A 1 54  SER 54  53  53  SER SER A . n 
A 1 55  LYS 55  54  54  LYS LYS A . n 
A 1 56  ARG 56  55  55  ARG ARG A . n 
A 1 57  ILE 57  56  56  ILE ILE A . n 
A 1 58  LYS 58  57  57  LYS LYS A . n 
A 1 59  TYR 59  58  58  TYR TYR A . n 
A 1 60  THR 60  59  59  THR THR A . n 
A 1 61  TYR 61  60  60  TYR TYR A . n 
A 1 62  VAL 62  61  61  VAL VAL A . n 
A 1 63  HIS 63  62  62  HIS HIS A . n 
A 1 64  ILE 64  63  63  ILE ILE A . n 
A 1 65  ARG 65  64  64  ARG ARG A . n 
A 1 66  ILE 66  65  65  ILE ILE A . n 
A 1 67  LYS 67  66  66  LYS LYS A . n 
A 1 68  ASN 68  67  67  ASN ASN A . n 
A 1 69  GLU 69  68  68  GLU GLU A . n 
A 1 70  LYS 70  69  69  LYS LYS A . n 
A 1 71  ILE 71  70  70  ILE ILE A . n 
A 1 72  TYR 72  71  71  TYR TYR A . n 
A 1 73  ILE 73  72  72  ILE ILE A . n 
A 1 74  GLU 74  73  73  GLU GLU A . n 
A 1 75  GLU 75  74  74  GLU GLU A . n 
A 1 76  ASP 76  75  75  ASP ASP A . n 
A 1 77  TYR 77  76  76  TYR TYR A . n 
A 1 78  THR 78  77  77  THR THR A . n 
A 1 79  GLU 79  78  78  GLU GLU A . n 
A 1 80  GLU 80  79  79  GLU GLU A . n 
A 1 81  GLY 81  80  80  GLY GLY A . n 
A 1 82  ILE 82  81  81  ILE ILE A . n 
A 1 83  ALA 83  82  82  ALA ALA A . n 
A 1 84  THR 84  83  83  THR THR A . n 
A 1 85  GLU 85  84  84  GLU GLU A . n 
A 1 86  LEU 86  85  85  LEU LEU A . n 
A 1 87  MSE 87  86  86  MSE MSE A . n 
A 1 88  ARG 88  87  87  ARG ARG A . n 
A 1 89  LEU 89  88  88  LEU LEU A . n 
A 1 90  GLY 90  89  89  GLY GLY A . n 
A 1 91  VAL 91  90  90  VAL VAL A . n 
A 1 92  THR 92  91  91  THR THR A . n 
A 1 93  ASN 93  92  92  ASN ASN A . n 
A 1 94  ASN 94  93  93  ASN ASN A . n 
A 1 95  ASP 95  94  94  ASP ASP A . n 
A 1 96  ILE 96  95  95  ILE ILE A . n 
A 1 97  VAL 97  96  96  VAL VAL A . n 
A 1 98  LEU 98  97  97  LEU LEU A . n 
A 1 99  ALA 99  98  98  ALA ALA A . n 
A 1 100 PHE 100 99  99  PHE PHE A . n 
A 1 101 HIS 101 100 100 HIS HIS A . n 
A 1 102 PRO 102 101 101 PRO PRO A . n 
A 1 103 PRO 103 102 102 PRO PRO A . n 
A 1 104 ASP 104 103 103 ASP ASP A . n 
A 1 105 VAL 105 104 104 VAL VAL A . n 
A 1 106 ARG 106 105 105 ARG ARG A . n 
A 1 107 LYS 107 106 106 LYS LYS A . n 
A 1 108 PHE 108 107 107 PHE PHE A . n 
A 1 109 THR 109 108 108 THR THR A . n 
A 1 110 ASP 110 109 109 ASP ASP A . n 
A 1 111 PHE 111 110 110 PHE PHE A . n 
A 1 112 ALA 112 111 111 ALA ALA A . n 
A 1 113 THR 113 112 112 THR THR A . n 
A 1 114 ALA 114 113 113 ALA ALA A . n 
# 
loop_
_pdbx_nonpoly_scheme.asym_id 
_pdbx_nonpoly_scheme.entity_id 
_pdbx_nonpoly_scheme.mon_id 
_pdbx_nonpoly_scheme.ndb_seq_num 
_pdbx_nonpoly_scheme.pdb_seq_num 
_pdbx_nonpoly_scheme.auth_seq_num 
_pdbx_nonpoly_scheme.pdb_mon_id 
_pdbx_nonpoly_scheme.auth_mon_id 
_pdbx_nonpoly_scheme.pdb_strand_id 
_pdbx_nonpoly_scheme.pdb_ins_code 
B 2 HOH 1  114 1  HOH HOH A . 
B 2 HOH 2  115 2  HOH HOH A . 
B 2 HOH 3  116 3  HOH HOH A . 
B 2 HOH 4  117 4  HOH HOH A . 
B 2 HOH 5  118 5  HOH HOH A . 
B 2 HOH 6  119 6  HOH HOH A . 
B 2 HOH 7  120 7  HOH HOH A . 
B 2 HOH 8  121 8  HOH HOH A . 
B 2 HOH 9  122 9  HOH HOH A . 
B 2 HOH 10 123 10 HOH HOH A . 
B 2 HOH 11 124 11 HOH HOH A . 
B 2 HOH 12 125 12 HOH HOH A . 
B 2 HOH 13 126 13 HOH HOH A . 
B 2 HOH 14 127 14 HOH HOH A . 
B 2 HOH 15 128 15 HOH HOH A . 
B 2 HOH 16 129 16 HOH HOH A . 
B 2 HOH 17 130 17 HOH HOH A . 
B 2 HOH 18 131 18 HOH HOH A . 
B 2 HOH 19 132 19 HOH HOH A . 
B 2 HOH 20 133 20 HOH HOH A . 
B 2 HOH 21 134 21 HOH HOH A . 
B 2 HOH 22 135 22 HOH HOH A . 
B 2 HOH 23 136 23 HOH HOH A . 
B 2 HOH 24 137 24 HOH HOH A . 
B 2 HOH 25 138 25 HOH HOH A . 
B 2 HOH 26 139 26 HOH HOH A . 
B 2 HOH 27 140 27 HOH HOH A . 
B 2 HOH 28 141 28 HOH HOH A . 
B 2 HOH 29 142 29 HOH HOH A . 
B 2 HOH 30 143 30 HOH HOH A . 
B 2 HOH 31 144 31 HOH HOH A . 
B 2 HOH 32 145 32 HOH HOH A . 
B 2 HOH 33 146 33 HOH HOH A . 
B 2 HOH 34 147 34 HOH HOH A . 
B 2 HOH 35 148 35 HOH HOH A . 
B 2 HOH 36 149 36 HOH HOH A . 
B 2 HOH 37 150 37 HOH HOH A . 
B 2 HOH 38 151 38 HOH HOH A . 
B 2 HOH 39 152 39 HOH HOH A . 
B 2 HOH 40 153 40 HOH HOH A . 
B 2 HOH 41 154 41 HOH HOH A . 
B 2 HOH 42 155 42 HOH HOH A . 
B 2 HOH 43 156 43 HOH HOH A . 
B 2 HOH 44 157 44 HOH HOH A . 
B 2 HOH 45 158 45 HOH HOH A . 
B 2 HOH 46 159 46 HOH HOH A . 
B 2 HOH 47 160 47 HOH HOH A . 
B 2 HOH 48 161 48 HOH HOH A . 
B 2 HOH 49 162 49 HOH HOH A . 
B 2 HOH 50 163 50 HOH HOH A . 
B 2 HOH 51 164 51 HOH HOH A . 
B 2 HOH 52 165 52 HOH HOH A . 
B 2 HOH 53 166 53 HOH HOH A . 
B 2 HOH 54 167 54 HOH HOH A . 
B 2 HOH 55 168 55 HOH HOH A . 
B 2 HOH 56 169 56 HOH HOH A . 
B 2 HOH 57 170 57 HOH HOH A . 
B 2 HOH 58 171 58 HOH HOH A . 
B 2 HOH 59 172 59 HOH HOH A . 
B 2 HOH 60 173 60 HOH HOH A . 
B 2 HOH 61 174 61 HOH HOH A . 
B 2 HOH 62 175 62 HOH HOH A . 
B 2 HOH 63 176 63 HOH HOH A . 
B 2 HOH 64 177 64 HOH HOH A . 
B 2 HOH 65 178 65 HOH HOH A . 
B 2 HOH 66 179 66 HOH HOH A . 
B 2 HOH 67 180 67 HOH HOH A . 
B 2 HOH 68 181 68 HOH HOH A . 
B 2 HOH 69 182 69 HOH HOH A . 
B 2 HOH 70 183 70 HOH HOH A . 
B 2 HOH 71 184 71 HOH HOH A . 
B 2 HOH 72 185 72 HOH HOH A . 
B 2 HOH 73 186 73 HOH HOH A . 
B 2 HOH 74 187 74 HOH HOH A . 
B 2 HOH 75 188 75 HOH HOH A . 
B 2 HOH 76 189 76 HOH HOH A . 
# 
loop_
_pdbx_unobs_or_zero_occ_atoms.id 
_pdbx_unobs_or_zero_occ_atoms.PDB_model_num 
_pdbx_unobs_or_zero_occ_atoms.polymer_flag 
_pdbx_unobs_or_zero_occ_atoms.occupancy_flag 
_pdbx_unobs_or_zero_occ_atoms.auth_asym_id 
_pdbx_unobs_or_zero_occ_atoms.auth_comp_id 
_pdbx_unobs_or_zero_occ_atoms.auth_seq_id 
_pdbx_unobs_or_zero_occ_atoms.PDB_ins_code 
_pdbx_unobs_or_zero_occ_atoms.auth_atom_id 
_pdbx_unobs_or_zero_occ_atoms.label_alt_id 
_pdbx_unobs_or_zero_occ_atoms.label_asym_id 
_pdbx_unobs_or_zero_occ_atoms.label_comp_id 
_pdbx_unobs_or_zero_occ_atoms.label_seq_id 
_pdbx_unobs_or_zero_occ_atoms.label_atom_id 
1  1 Y 1 A ASP 2  ? CG  ? A ASP 3  CG  
2  1 Y 1 A ASP 2  ? OD1 ? A ASP 3  OD1 
3  1 Y 1 A ASP 2  ? OD2 ? A ASP 3  OD2 
4  1 Y 1 A LYS 9  ? CE  ? A LYS 10 CE  
5  1 Y 1 A LYS 9  ? NZ  ? A LYS 10 NZ  
6  1 Y 1 A GLU 27 ? CG  ? A GLU 28 CG  
7  1 Y 1 A GLU 27 ? CD  ? A GLU 28 CD  
8  1 Y 1 A GLU 27 ? OE1 ? A GLU 28 OE1 
9  1 Y 1 A GLU 27 ? OE2 ? A GLU 28 OE2 
10 1 Y 1 A GLU 68 ? OE1 ? A GLU 69 OE1 
11 1 Y 1 A GLU 68 ? OE2 ? A GLU 69 OE2 
12 1 Y 1 A GLU 78 ? CD  ? A GLU 79 CD  
13 1 Y 1 A GLU 78 ? OE1 ? A GLU 79 OE1 
14 1 Y 1 A GLU 78 ? OE2 ? A GLU 79 OE2 
15 1 Y 1 A GLU 79 ? CG  ? A GLU 80 CG  
16 1 Y 1 A GLU 79 ? CD  ? A GLU 80 CD  
17 1 Y 1 A GLU 79 ? OE1 ? A GLU 80 OE1 
18 1 Y 1 A GLU 79 ? OE2 ? A GLU 80 OE2 
# 
loop_
_software.name 
_software.version 
_software.date 
_software.type 
_software.contact_author 
_software.contact_author_email 
_software.classification 
_software.location 
_software.language 
_software.citation_id 
_software.pdbx_ordinal 
MolProbity  3beta29   ?                package 'D.C. & J.S. Richardson lab' molprobity@kinemage.biochem.duke.edu 'model building'  
http://kinemage.biochem.duke.edu/molprobity/ ?          ? 1 
SHELX       .         ?                package 'George Sheldrick'           gsheldr@shelx.uni-ac.gwdg.de         phasing           
http://shelx.uni-ac.gwdg.de/SHELX/           Fortran_77 ? 2 
REFMAC      5.2.0019  ?                program 'Murshudov, G.N.'            ccp4@dl.ac.uk                        refinement        
http://www.ccp4.ac.uk/main.html              Fortran_77 ? 3 
SCALA       .         ?                other   'Phil Evans'                 pre@mrc-lmb.cam.ac.uk                'data scaling'    
http://www.ccp4.ac.uk/dist/html/INDEX.html   Fortran_77 ? 4 
PDB_EXTRACT 2.000     'April. 3, 2006' package PDB                          sw-help@rcsb.rutgers.edu             'data extraction' 
http://pdb.rutgers.edu/software/             C++        ? 5 
MOSFLM      .         ?                ?       ?                            ?                                    'data reduction'  
?                                            ?          ? 6 
CCP4        '(SCALA)' ?                ?       ?                            ?                                    'data scaling'    
?                                            ?          ? 7 
SHELXD      .         ?                ?       ?                            ?                                    phasing           
?                                            ?          ? 8 
SOLVE       .         ?                ?       ?                            ?                                    phasing           
?                                            ?          ? 9 
# 
_cell.entry_id           2NWV 
_cell.length_a           62.522 
_cell.length_b           62.522 
_cell.length_c           137.558 
_cell.angle_alpha        90.000 
_cell.angle_beta         90.000 
_cell.angle_gamma        120.000 
_cell.pdbx_unique_axis   ? 
_cell.Z_PDB              12 
_cell.length_a_esd       ? 
_cell.length_b_esd       ? 
_cell.length_c_esd       ? 
_cell.angle_alpha_esd    ? 
_cell.angle_beta_esd     ? 
_cell.angle_gamma_esd    ? 
# 
_symmetry.entry_id                         2NWV 
_symmetry.Int_Tables_number                179 
_symmetry.space_group_name_H-M             'P 65 2 2' 
_symmetry.pdbx_full_space_group_name_H-M   ? 
_symmetry.cell_setting                     ? 
_symmetry.space_group_name_Hall            ? 
# 
_exptl.crystals_number   1 
_exptl.method            'X-RAY DIFFRACTION' 
_exptl.entry_id          2NWV 
# 
_exptl_crystal.id                    1 
_exptl_crystal.density_Matthews      2.85 
_exptl_crystal.density_meas          ? 
_exptl_crystal.density_percent_sol   56.91 
_exptl_crystal.description           ? 
_exptl_crystal.F_000                 ? 
_exptl_crystal.preparation           ? 
# 
_exptl_crystal_grow.crystal_id      1 
_exptl_crystal_grow.method          'VAPOR DIFFUSION, SITTING DROP, NANODROP' 
_exptl_crystal_grow.pH              7.0 
_exptl_crystal_grow.temp            277 
_exptl_crystal_grow.pdbx_details    
'0.2M NaCl, 30.0% PEG-3000, 0.1M TRIS, pH 7.0, VAPOR DIFFUSION, SITTING DROP, NANODROP, temperature 277K' 
_exptl_crystal_grow.temp_details    ? 
_exptl_crystal_grow.pdbx_pH_range   . 
# 
_diffrn.id                     1 
_diffrn.ambient_temp           100 
_diffrn.ambient_temp_details   ? 
_diffrn.crystal_id             1 
# 
_diffrn_detector.diffrn_id              1 
_diffrn_detector.detector               CCD 
_diffrn_detector.type                   'ADSC QUANTUM 315' 
_diffrn_detector.details                ? 
_diffrn_detector.pdbx_collection_date   2006-09-13 
# 
_diffrn_radiation.diffrn_id                        1 
_diffrn_radiation.pdbx_monochromatic_or_laue_m_l   M 
_diffrn_radiation.monochromator                    'Double Crystal Si(111)' 
_diffrn_radiation.pdbx_diffrn_protocol             MAD 
_diffrn_radiation.wavelength_id                    1 
_diffrn_radiation.pdbx_scattering_type             x-ray 
# 
loop_
_diffrn_radiation_wavelength.id 
_diffrn_radiation_wavelength.wavelength 
_diffrn_radiation_wavelength.wt 
1 0.9792 1.0 
2 0.9795 1.0 
3 1.0000 1.0 
# 
_diffrn_source.diffrn_id                   1 
_diffrn_source.source                      SYNCHROTRON 
_diffrn_source.pdbx_synchrotron_beamline   8.2.2 
_diffrn_source.type                        'ALS BEAMLINE 8.2.2' 
_diffrn_source.pdbx_wavelength_list        '0.9792, 0.9795, 1.0000' 
_diffrn_source.pdbx_wavelength             ? 
_diffrn_source.pdbx_synchrotron_site       ALS 
# 
_reflns.entry_id                     2NWV 
_reflns.d_resolution_high            1.850 
_reflns.d_resolution_low             29.025 
_reflns.number_obs                   14324 
_reflns.pdbx_Rmerge_I_obs            0.129 
_reflns.pdbx_netI_over_sigmaI        5.300 
_reflns.pdbx_Rsym_value              0.129 
_reflns.pdbx_redundancy              8.400 
_reflns.percent_possible_obs         99.900 
_reflns.observed_criterion_sigma_F   ? 
_reflns.observed_criterion_sigma_I   ? 
_reflns.number_all                   ? 
_reflns.B_iso_Wilson_estimate        ? 
_reflns.R_free_details               ? 
_reflns.limit_h_max                  ? 
_reflns.limit_h_min                  ? 
_reflns.limit_k_max                  ? 
_reflns.limit_k_min                  ? 
_reflns.limit_l_max                  ? 
_reflns.limit_l_min                  ? 
_reflns.observed_criterion_F_max     ? 
_reflns.observed_criterion_F_min     ? 
_reflns.pdbx_chi_squared             ? 
_reflns.pdbx_scaling_rejects         ? 
_reflns.pdbx_ordinal                 1 
_reflns.pdbx_diffrn_id               1 
# 
loop_
_reflns_shell.d_res_high 
_reflns_shell.d_res_low 
_reflns_shell.number_measured_obs 
_reflns_shell.number_measured_all 
_reflns_shell.number_unique_obs 
_reflns_shell.Rmerge_I_obs 
_reflns_shell.meanI_over_sigI_obs 
_reflns_shell.pdbx_Rsym_value 
_reflns_shell.pdbx_chi_squared 
_reflns_shell.pdbx_redundancy 
_reflns_shell.percent_possible_obs 
_reflns_shell.number_unique_all 
_reflns_shell.percent_possible_all 
_reflns_shell.pdbx_ordinal 
_reflns_shell.pdbx_diffrn_id 
1.85 1.90  ? 8996 ? 0.016 0.5  0.01628 ? 8.80 ? 1026 99.80  1  1 
1.90 1.95  ? 8720 ? 0.016 0.6  0.01231 ? 8.70 ? 1001 99.90  2  1 
1.95 2.01  ? 8398 ? 0.016 0.9  0.876   ? 8.70 ? 965  99.90  3  1 
2.01 2.07  ? 8307 ? 0.016 1.1  0.672   ? 8.70 ? 954  99.90  4  1 
2.07 2.14  ? 7902 ? 0.016 1.5  0.517   ? 8.70 ? 913  100.00 5  1 
2.14 2.21  ? 7757 ? 0.016 2.0  0.386   ? 8.70 ? 895  100.00 6  1 
2.21 2.29  ? 7463 ? 0.016 2.4  0.318   ? 8.60 ? 866  100.00 7  1 
2.29 2.39  ? 7086 ? 0.016 2.7  0.286   ? 8.60 ? 828  100.00 8  1 
2.39 2.49  ? 6902 ? 0.016 3.1  0.244   ? 8.60 ? 807  100.00 9  1 
2.49 2.62  ? 6598 ? 0.016 3.6  0.211   ? 8.40 ? 783  100.00 10 1 
2.62 2.76  ? 6164 ? 0.016 4.9  0.155   ? 8.40 ? 731  100.00 11 1 
2.76 2.93  ? 5847 ? 0.016 6.2  0.121   ? 8.40 ? 698  100.00 12 1 
2.93 3.13  ? 5574 ? 0.016 7.6  0.098   ? 8.30 ? 673  100.00 13 1 
3.13 3.38  ? 5023 ? 0.016 10.5 0.069   ? 8.20 ? 615  100.00 14 1 
3.38 3.70  ? 4754 ? 0.016 11.3 0.061   ? 8.10 ? 587  100.00 15 1 
3.70 4.14  ? 4152 ? 0.016 12.9 0.05    ? 7.80 ? 533  100.00 16 1 
4.14 4.78  ? 3467 ? 0.016 13.8 0.044   ? 7.30 ? 478  100.00 17 1 
4.78 5.85  ? 3117 ? 0.016 14.2 0.044   ? 7.50 ? 413  100.00 18 1 
5.85 8.27  ? 2580 ? 0.016 14.7 0.044   ? 7.50 ? 343  100.00 19 1 
8.27 29.03 ? 1368 ? 0.016 13.2 0.039   ? 6.40 ? 215  98.00  20 1 
# 
_refine.entry_id                                 2NWV 
_refine.ls_d_res_high                            1.850 
_refine.ls_d_res_low                             29.025 
_refine.pdbx_ls_sigma_F                          0.00 
_refine.ls_percent_reflns_obs                    99.880 
_refine.ls_number_reflns_obs                     14279 
_refine.pdbx_ls_cross_valid_method               THROUGHOUT 
_refine.pdbx_R_Free_selection_details            RANDOM 
_refine.details                                  
;(1) HYDROGENS HAVE BEEN ADDED IN THE RIDING POSITIONS.
 (2) A MET-INHIBITION PROTOCOL WAS USED FOR SELENOMETHIONINE
 INCORPORATION DURING PROTEIN EXPRESSION. THE OCCUPANCY
 OF THE SE ATOMS IN THE MSE RESIDUES WAS REDUCED TO 0.75
 TO ACCOUNT FOR THE REDUCED SCATTERING POWER DUE TO PARTIAL
 SE-MET INCORPORATION.
 (3) ATOM RECORD CONTAINS RESIDUAL B FACTORS ONLY.
;
_refine.ls_R_factor_all                          ? 
_refine.ls_R_factor_R_work                       0.192 
_refine.ls_R_factor_R_free                       0.225 
_refine.ls_percent_reflns_R_free                 5.000 
_refine.ls_number_reflns_R_free                  718 
_refine.B_iso_mean                               20.411 
_refine.aniso_B[1][1]                            0.780 
_refine.aniso_B[2][2]                            0.780 
_refine.aniso_B[3][3]                            -1.170 
_refine.aniso_B[1][2]                            0.390 
_refine.aniso_B[1][3]                            0.000 
_refine.aniso_B[2][3]                            0.000 
_refine.correlation_coeff_Fo_to_Fc               0.957 
_refine.correlation_coeff_Fo_to_Fc_free          0.945 
_refine.pdbx_overall_ESU_R                       0.119 
_refine.pdbx_overall_ESU_R_Free                  0.116 
_refine.overall_SU_ML                            0.086 
_refine.overall_SU_B                             5.788 
_refine.solvent_model_details                    MASK 
_refine.pdbx_solvent_vdw_probe_radii             1.200 
_refine.pdbx_solvent_ion_probe_radii             0.800 
_refine.pdbx_solvent_shrinkage_radii             0.800 
_refine.pdbx_method_to_determine_struct          MAD 
_refine.pdbx_stereochemistry_target_values       'MAXIMUM LIKELIHOOD WITH PHASES' 
_refine.pdbx_ls_sigma_I                          ? 
_refine.ls_number_reflns_all                     ? 
_refine.ls_R_factor_obs                          0.193 
_refine.ls_redundancy_reflns_obs                 ? 
_refine.pdbx_data_cutoff_high_absF               ? 
_refine.pdbx_data_cutoff_low_absF                ? 
_refine.ls_number_parameters                     ? 
_refine.ls_number_restraints                     ? 
_refine.ls_R_factor_R_free_error                 ? 
_refine.ls_R_factor_R_free_error_details         ? 
_refine.pdbx_starting_model                      ? 
_refine.pdbx_stereochem_target_val_spec_case     ? 
_refine.solvent_model_param_bsol                 ? 
_refine.solvent_model_param_ksol                 ? 
_refine.occupancy_max                            ? 
_refine.occupancy_min                            ? 
_refine.pdbx_isotropic_thermal_model             ? 
_refine.B_iso_min                                ? 
_refine.B_iso_max                                ? 
_refine.overall_SU_R_Cruickshank_DPI             ? 
_refine.overall_SU_R_free                        ? 
_refine.pdbx_data_cutoff_high_rms_absF           ? 
_refine.ls_wR_factor_R_free                      ? 
_refine.ls_wR_factor_R_work                      ? 
_refine.overall_FOM_free_R_set                   ? 
_refine.overall_FOM_work_R_set                   ? 
_refine.pdbx_refine_id                           'X-RAY DIFFRACTION' 
_refine.pdbx_TLS_residual_ADP_flag               'LIKELY RESIDUAL' 
_refine.pdbx_diffrn_id                           1 
_refine.pdbx_overall_phase_error                 ? 
_refine.pdbx_overall_SU_R_free_Cruickshank_DPI   ? 
_refine.pdbx_overall_SU_R_Blow_DPI               ? 
_refine.pdbx_overall_SU_R_free_Blow_DPI          ? 
# 
_refine_hist.pdbx_refine_id                   'X-RAY DIFFRACTION' 
_refine_hist.cycle_id                         LAST 
_refine_hist.pdbx_number_atoms_protein        922 
_refine_hist.pdbx_number_atoms_nucleic_acid   0 
_refine_hist.pdbx_number_atoms_ligand         0 
_refine_hist.number_atoms_solvent             76 
_refine_hist.number_atoms_total               998 
_refine_hist.d_res_high                       1.850 
_refine_hist.d_res_low                        29.025 
# 
loop_
_refine_ls_restr.type 
_refine_ls_restr.number 
_refine_ls_restr.dev_ideal 
_refine_ls_restr.dev_ideal_target 
_refine_ls_restr.weight 
_refine_ls_restr.pdbx_refine_id 
_refine_ls_restr.pdbx_restraint_function 
r_bond_refined_d         971  0.017  0.022  ? 'X-RAY DIFFRACTION' ? 
r_bond_other_d           643  0.001  0.020  ? 'X-RAY DIFFRACTION' ? 
r_angle_refined_deg      1325 1.555  1.937  ? 'X-RAY DIFFRACTION' ? 
r_angle_other_deg        1562 1.001  3.000  ? 'X-RAY DIFFRACTION' ? 
r_dihedral_angle_1_deg   117  8.051  5.000  ? 'X-RAY DIFFRACTION' ? 
r_dihedral_angle_2_deg   50   39.037 23.800 ? 'X-RAY DIFFRACTION' ? 
r_dihedral_angle_3_deg   164  15.245 15.000 ? 'X-RAY DIFFRACTION' ? 
r_dihedral_angle_4_deg   7    19.939 15.000 ? 'X-RAY DIFFRACTION' ? 
r_chiral_restr           147  0.103  0.200  ? 'X-RAY DIFFRACTION' ? 
r_gen_planes_refined     1095 0.007  0.020  ? 'X-RAY DIFFRACTION' ? 
r_gen_planes_other       210  0.001  0.020  ? 'X-RAY DIFFRACTION' ? 
r_nbd_refined            168  0.208  0.200  ? 'X-RAY DIFFRACTION' ? 
r_nbd_other              688  0.197  0.200  ? 'X-RAY DIFFRACTION' ? 
r_nbtor_refined          464  0.183  0.200  ? 'X-RAY DIFFRACTION' ? 
r_nbtor_other            523  0.088  0.200  ? 'X-RAY DIFFRACTION' ? 
r_xyhbond_nbd_refined    59   0.161  0.200  ? 'X-RAY DIFFRACTION' ? 
r_symmetry_vdw_refined   11   0.119  0.200  ? 'X-RAY DIFFRACTION' ? 
r_symmetry_vdw_other     24   0.286  0.200  ? 'X-RAY DIFFRACTION' ? 
r_symmetry_hbond_refined 11   0.175  0.200  ? 'X-RAY DIFFRACTION' ? 
r_mcbond_it              635  2.546  3.000  ? 'X-RAY DIFFRACTION' ? 
r_mcbond_other           229  0.599  3.000  ? 'X-RAY DIFFRACTION' ? 
r_mcangle_it             945  3.582  5.000  ? 'X-RAY DIFFRACTION' ? 
r_scbond_it              440  5.931  8.000  ? 'X-RAY DIFFRACTION' ? 
r_scangle_it             380  7.958  11.000 ? 'X-RAY DIFFRACTION' ? 
# 
_refine_ls_shell.d_res_high                       1.850 
_refine_ls_shell.d_res_low                        1.898 
_refine_ls_shell.pdbx_total_number_of_bins_used   20 
_refine_ls_shell.percent_reflns_obs               99.710 
_refine_ls_shell.number_reflns_R_work             973 
_refine_ls_shell.R_factor_all                     ? 
_refine_ls_shell.R_factor_R_work                  0.287 
_refine_ls_shell.R_factor_R_free                  0.396 
_refine_ls_shell.percent_reflns_R_free            ? 
_refine_ls_shell.number_reflns_R_free             50 
_refine_ls_shell.R_factor_R_free_error            ? 
_refine_ls_shell.number_reflns_all                ? 
_refine_ls_shell.number_reflns_obs                1023 
_refine_ls_shell.redundancy_reflns_obs            ? 
_refine_ls_shell.pdbx_refine_id                   'X-RAY DIFFRACTION' 
# 
_struct.entry_id                  2NWV 
_struct.title                     
'Crystal structure of XisI protein-like (YP_323822.1) from Anabaena Variabilis ATCC 29413 at 1.85 A resolution' 
_struct.pdbx_model_details        ? 
_struct.pdbx_CASP_flag            ? 
_struct.pdbx_model_type_details   ? 
# 
_struct_keywords.text            
;YP_323822.1, XisI protein-like, Structural Genomics, PSI-2, Protein Structure Initiative, Joint Center for Structural Genomics, JCSG, Structural Genomics-Unknown Function COMPLEX
;
_struct_keywords.pdbx_keywords   'Structural Genomics/Unknown Function' 
_struct_keywords.entry_id        2NWV 
# 
loop_
_struct_asym.id 
_struct_asym.pdbx_blank_PDB_chainid_flag 
_struct_asym.pdbx_modified 
_struct_asym.entity_id 
_struct_asym.details 
A N N 1 ? 
B N N 2 ? 
# 
_struct_ref.id                         1 
_struct_ref.db_name                    UNP 
_struct_ref.db_code                    Q3M7V9_ANAVT 
_struct_ref.pdbx_db_accession          Q3M7V9 
_struct_ref.entity_id                  1 
_struct_ref.pdbx_align_begin           1 
_struct_ref.pdbx_db_isoform            ? 
_struct_ref.pdbx_seq_one_letter_code   ? 
# 
_struct_ref_seq.align_id                      1 
_struct_ref_seq.ref_id                        1 
_struct_ref_seq.pdbx_PDB_id_code              2NWV 
_struct_ref_seq.pdbx_strand_id                A 
_struct_ref_seq.seq_align_beg                 2 
_struct_ref_seq.pdbx_seq_align_beg_ins_code   ? 
_struct_ref_seq.seq_align_end                 114 
_struct_ref_seq.pdbx_seq_align_end_ins_code   ? 
_struct_ref_seq.pdbx_db_accession             Q3M7V9 
_struct_ref_seq.db_align_beg                  1 
_struct_ref_seq.pdbx_db_align_beg_ins_code    ? 
_struct_ref_seq.db_align_end                  113 
_struct_ref_seq.pdbx_db_align_end_ins_code    ? 
_struct_ref_seq.pdbx_auth_seq_align_beg       1 
_struct_ref_seq.pdbx_auth_seq_align_end       113 
# 
_struct_ref_seq_dif.align_id                     1 
_struct_ref_seq_dif.pdbx_pdb_id_code             2NWV 
_struct_ref_seq_dif.mon_id                       GLY 
_struct_ref_seq_dif.pdbx_pdb_strand_id           A 
_struct_ref_seq_dif.seq_num                      1 
_struct_ref_seq_dif.pdbx_pdb_ins_code            ? 
_struct_ref_seq_dif.pdbx_seq_db_name             UNP 
_struct_ref_seq_dif.pdbx_seq_db_accession_code   Q3M7V9 
_struct_ref_seq_dif.db_mon_id                    ? 
_struct_ref_seq_dif.pdbx_seq_db_seq_num          ? 
_struct_ref_seq_dif.details                      'expression tag' 
_struct_ref_seq_dif.pdbx_auth_seq_num            0 
_struct_ref_seq_dif.pdbx_ordinal                 1 
# 
_pdbx_struct_assembly.id                   1 
_pdbx_struct_assembly.details              author_defined_assembly 
_pdbx_struct_assembly.method_details       ? 
_pdbx_struct_assembly.oligomeric_details   dimeric 
_pdbx_struct_assembly.oligomeric_count     2 
# 
_pdbx_struct_assembly_gen.assembly_id       1 
_pdbx_struct_assembly_gen.oper_expression   1,2 
_pdbx_struct_assembly_gen.asym_id_list      A,B 
# 
loop_
_pdbx_struct_assembly_auth_evidence.id 
_pdbx_struct_assembly_auth_evidence.assembly_id 
_pdbx_struct_assembly_auth_evidence.experimental_support 
_pdbx_struct_assembly_auth_evidence.details 
1 1 'gel filtration'   ? 
2 1 'light scattering' ? 
# 
loop_
_pdbx_struct_oper_list.id 
_pdbx_struct_oper_list.type 
_pdbx_struct_oper_list.name 
_pdbx_struct_oper_list.symmetry_operation 
_pdbx_struct_oper_list.matrix[1][1] 
_pdbx_struct_oper_list.matrix[1][2] 
_pdbx_struct_oper_list.matrix[1][3] 
_pdbx_struct_oper_list.vector[1] 
_pdbx_struct_oper_list.matrix[2][1] 
_pdbx_struct_oper_list.matrix[2][2] 
_pdbx_struct_oper_list.matrix[2][3] 
_pdbx_struct_oper_list.vector[2] 
_pdbx_struct_oper_list.matrix[3][1] 
_pdbx_struct_oper_list.matrix[3][2] 
_pdbx_struct_oper_list.matrix[3][3] 
_pdbx_struct_oper_list.vector[3] 
1 'identity operation'         1_555  x,y,z        1.0000000000  0.0000000000 0.0000000000 0.0000000000  0.0000000000 1.0000000000  0.0000000000 0.0000000000   0.0000000000 0.0000000000 1.0000000000 0.0000000000 
2 'crystal symmetry operation' 12_554 x,x-y,-z-1/6 -0.8836902459 0.0110213616 0.4679423884 -1.3078732788 0.0110213616 -0.9989556301 0.0443416143 -22.0800675176 0.4679423884 0.0443416143 0.8826458760 0.8451271712 
# 
_struct_biol.id                    1 
_struct_biol.details               
;SIZE EXCLUSION CHROMATOGRAPHY WITH STATIC LIGHT
SCATTERING SUPPORTS THE ASSIGNMENT OF A DIMER AS
A BIOLOGICALLY SIGNIFICANT OLIGOMERIZATION STATE.
;
_struct_biol.pdbx_parent_biol_id   ? 
# 
loop_
_struct_conf.conf_type_id 
_struct_conf.id 
_struct_conf.pdbx_PDB_helix_id 
_struct_conf.beg_label_comp_id 
_struct_conf.beg_label_asym_id 
_struct_conf.beg_label_seq_id 
_struct_conf.pdbx_beg_PDB_ins_code 
_struct_conf.end_label_comp_id 
_struct_conf.end_label_asym_id 
_struct_conf.end_label_seq_id 
_struct_conf.pdbx_end_PDB_ins_code 
_struct_conf.beg_auth_comp_id 
_struct_conf.beg_auth_asym_id 
_struct_conf.beg_auth_seq_id 
_struct_conf.end_auth_comp_id 
_struct_conf.end_auth_asym_id 
_struct_conf.end_auth_seq_id 
_struct_conf.pdbx_PDB_helix_class 
_struct_conf.details 
_struct_conf.pdbx_PDB_helix_length 
HELX_P HELX_P1 1 ASN A 4   ? ARG A 24  ? ASN A 3   ARG A 23  1 ? 21 
HELX_P HELX_P2 2 GLY A 81  ? LEU A 89  ? GLY A 80  LEU A 88  1 ? 9  
HELX_P HELX_P3 3 THR A 92  ? ASN A 94  ? THR A 91  ASN A 93  5 ? 3  
HELX_P HELX_P4 4 PRO A 102 ? THR A 109 ? PRO A 101 THR A 108 5 ? 8  
# 
_struct_conf_type.id          HELX_P 
_struct_conf_type.criteria    ? 
_struct_conf_type.reference   ? 
# 
loop_
_struct_conn.id 
_struct_conn.conn_type_id 
_struct_conn.pdbx_leaving_atom_flag 
_struct_conn.pdbx_PDB_id 
_struct_conn.ptnr1_label_asym_id 
_struct_conn.ptnr1_label_comp_id 
_struct_conn.ptnr1_label_seq_id 
_struct_conn.ptnr1_label_atom_id 
_struct_conn.pdbx_ptnr1_label_alt_id 
_struct_conn.pdbx_ptnr1_PDB_ins_code 
_struct_conn.pdbx_ptnr1_standard_comp_id 
_struct_conn.ptnr1_symmetry 
_struct_conn.ptnr2_label_asym_id 
_struct_conn.ptnr2_label_comp_id 
_struct_conn.ptnr2_label_seq_id 
_struct_conn.ptnr2_label_atom_id 
_struct_conn.pdbx_ptnr2_label_alt_id 
_struct_conn.pdbx_ptnr2_PDB_ins_code 
_struct_conn.ptnr1_auth_asym_id 
_struct_conn.ptnr1_auth_comp_id 
_struct_conn.ptnr1_auth_seq_id 
_struct_conn.ptnr2_auth_asym_id 
_struct_conn.ptnr2_auth_comp_id 
_struct_conn.ptnr2_auth_seq_id 
_struct_conn.ptnr2_symmetry 
_struct_conn.pdbx_ptnr3_label_atom_id 
_struct_conn.pdbx_ptnr3_label_seq_id 
_struct_conn.pdbx_ptnr3_label_comp_id 
_struct_conn.pdbx_ptnr3_label_asym_id 
_struct_conn.pdbx_ptnr3_label_alt_id 
_struct_conn.pdbx_ptnr3_PDB_ins_code 
_struct_conn.details 
_struct_conn.pdbx_dist_value 
_struct_conn.pdbx_value_order 
_struct_conn.pdbx_role 
covale1 covale both ? A LEU 86 C ? ? ? 1_555 A MSE 87 N ? ? A LEU 85 A MSE 86 1_555 ? ? ? ? ? ? ? 1.316 ? ? 
covale2 covale both ? A MSE 87 C ? ? ? 1_555 A ARG 88 N B ? A MSE 86 A ARG 87 1_555 ? ? ? ? ? ? ? 1.334 ? ? 
covale3 covale both ? A MSE 87 C ? ? ? 1_555 A ARG 88 N A ? A MSE 86 A ARG 87 1_555 ? ? ? ? ? ? ? 1.326 ? ? 
# 
_struct_conn_type.id          covale 
_struct_conn_type.criteria    ? 
_struct_conn_type.reference   ? 
# 
_pdbx_modification_feature.ordinal                            1 
_pdbx_modification_feature.label_comp_id                      MSE 
_pdbx_modification_feature.label_asym_id                      A 
_pdbx_modification_feature.label_seq_id                       87 
_pdbx_modification_feature.label_alt_id                       ? 
_pdbx_modification_feature.modified_residue_label_comp_id     . 
_pdbx_modification_feature.modified_residue_label_asym_id     . 
_pdbx_modification_feature.modified_residue_label_seq_id      . 
_pdbx_modification_feature.modified_residue_label_alt_id      . 
_pdbx_modification_feature.auth_comp_id                       MSE 
_pdbx_modification_feature.auth_asym_id                       A 
_pdbx_modification_feature.auth_seq_id                        86 
_pdbx_modification_feature.PDB_ins_code                       ? 
_pdbx_modification_feature.symmetry                           1_555 
_pdbx_modification_feature.modified_residue_auth_comp_id      . 
_pdbx_modification_feature.modified_residue_auth_asym_id      . 
_pdbx_modification_feature.modified_residue_auth_seq_id       . 
_pdbx_modification_feature.modified_residue_PDB_ins_code      . 
_pdbx_modification_feature.modified_residue_symmetry          . 
_pdbx_modification_feature.comp_id_linking_atom               . 
_pdbx_modification_feature.modified_residue_id_linking_atom   . 
_pdbx_modification_feature.modified_residue_id                MET 
_pdbx_modification_feature.ref_pcm_id                         1 
_pdbx_modification_feature.ref_comp_id                        MSE 
_pdbx_modification_feature.type                               Selenomethionine 
_pdbx_modification_feature.category                           'Named protein modification' 
# 
_struct_sheet.id               A 
_struct_sheet.type             ? 
_struct_sheet.number_strands   5 
_struct_sheet.details          ? 
# 
loop_
_struct_sheet_order.sheet_id 
_struct_sheet_order.range_id_1 
_struct_sheet_order.range_id_2 
_struct_sheet_order.offset 
_struct_sheet_order.sense 
A 1 2 ? anti-parallel 
A 2 3 ? anti-parallel 
A 3 4 ? anti-parallel 
A 4 5 ? parallel      
# 
loop_
_struct_sheet_range.sheet_id 
_struct_sheet_range.id 
_struct_sheet_range.beg_label_comp_id 
_struct_sheet_range.beg_label_asym_id 
_struct_sheet_range.beg_label_seq_id 
_struct_sheet_range.pdbx_beg_PDB_ins_code 
_struct_sheet_range.end_label_comp_id 
_struct_sheet_range.end_label_asym_id 
_struct_sheet_range.end_label_seq_id 
_struct_sheet_range.pdbx_end_PDB_ins_code 
_struct_sheet_range.beg_auth_comp_id 
_struct_sheet_range.beg_auth_asym_id 
_struct_sheet_range.beg_auth_seq_id 
_struct_sheet_range.end_auth_comp_id 
_struct_sheet_range.end_auth_asym_id 
_struct_sheet_range.end_auth_seq_id 
A 1 THR A 33 ? ASP A 38 ? THR A 32 ASP A 37 
A 2 ASN A 43 ? GLN A 52 ? ASN A 42 GLN A 51 
A 3 LYS A 55 ? LYS A 67 ? LYS A 54 LYS A 66 
A 4 LYS A 70 ? ASP A 76 ? LYS A 69 ASP A 75 
A 5 ILE A 96 ? LEU A 98 ? ILE A 95 LEU A 97 
# 
loop_
_pdbx_struct_sheet_hbond.sheet_id 
_pdbx_struct_sheet_hbond.range_id_1 
_pdbx_struct_sheet_hbond.range_id_2 
_pdbx_struct_sheet_hbond.range_1_label_atom_id 
_pdbx_struct_sheet_hbond.range_1_label_comp_id 
_pdbx_struct_sheet_hbond.range_1_label_asym_id 
_pdbx_struct_sheet_hbond.range_1_label_seq_id 
_pdbx_struct_sheet_hbond.range_1_PDB_ins_code 
_pdbx_struct_sheet_hbond.range_1_auth_atom_id 
_pdbx_struct_sheet_hbond.range_1_auth_comp_id 
_pdbx_struct_sheet_hbond.range_1_auth_asym_id 
_pdbx_struct_sheet_hbond.range_1_auth_seq_id 
_pdbx_struct_sheet_hbond.range_2_label_atom_id 
_pdbx_struct_sheet_hbond.range_2_label_comp_id 
_pdbx_struct_sheet_hbond.range_2_label_asym_id 
_pdbx_struct_sheet_hbond.range_2_label_seq_id 
_pdbx_struct_sheet_hbond.range_2_PDB_ins_code 
_pdbx_struct_sheet_hbond.range_2_auth_atom_id 
_pdbx_struct_sheet_hbond.range_2_auth_comp_id 
_pdbx_struct_sheet_hbond.range_2_auth_asym_id 
_pdbx_struct_sheet_hbond.range_2_auth_seq_id 
A 1 2 N ASP A 38 ? N ASP A 37 O ASN A 43 ? O ASN A 42 
A 2 3 N TYR A 44 ? N TYR A 43 O ILE A 64 ? O ILE A 63 
A 3 4 N ARG A 65 ? N ARG A 64 O TYR A 72 ? O TYR A 71 
A 4 5 N ILE A 71 ? N ILE A 70 O VAL A 97 ? O VAL A 96 
# 
_pdbx_entry_details.entry_id                   2NWV 
_pdbx_entry_details.compound_details           ? 
_pdbx_entry_details.source_details             ? 
_pdbx_entry_details.nonpolymer_details         ? 
_pdbx_entry_details.sequence_details           ? 
_pdbx_entry_details.has_ligand_of_interest     ? 
_pdbx_entry_details.has_protein_modification   Y 
# 
_pdbx_validate_peptide_omega.id               1 
_pdbx_validate_peptide_omega.PDB_model_num    1 
_pdbx_validate_peptide_omega.auth_comp_id_1   ASP 
_pdbx_validate_peptide_omega.auth_asym_id_1   A 
_pdbx_validate_peptide_omega.auth_seq_id_1    2 
_pdbx_validate_peptide_omega.PDB_ins_code_1   ? 
_pdbx_validate_peptide_omega.label_alt_id_1   ? 
_pdbx_validate_peptide_omega.auth_comp_id_2   ASN 
_pdbx_validate_peptide_omega.auth_asym_id_2   A 
_pdbx_validate_peptide_omega.auth_seq_id_2    3 
_pdbx_validate_peptide_omega.PDB_ins_code_2   ? 
_pdbx_validate_peptide_omega.label_alt_id_2   ? 
_pdbx_validate_peptide_omega.omega            -61.66 
# 
_pdbx_SG_project.project_name          'PSI, Protein Structure Initiative' 
_pdbx_SG_project.full_name_of_center   'Joint Center for Structural Genomics' 
_pdbx_SG_project.id                    1 
_pdbx_SG_project.initial_of_center     JCSG 
# 
_pdbx_struct_mod_residue.id               1 
_pdbx_struct_mod_residue.label_asym_id    A 
_pdbx_struct_mod_residue.label_comp_id    MSE 
_pdbx_struct_mod_residue.label_seq_id     87 
_pdbx_struct_mod_residue.auth_asym_id     A 
_pdbx_struct_mod_residue.auth_comp_id     MSE 
_pdbx_struct_mod_residue.auth_seq_id      86 
_pdbx_struct_mod_residue.PDB_ins_code     ? 
_pdbx_struct_mod_residue.parent_comp_id   MET 
_pdbx_struct_mod_residue.details          SELENOMETHIONINE 
# 
_pdbx_refine_tls.id               1 
_pdbx_refine_tls.details          ? 
_pdbx_refine_tls.method           refined 
_pdbx_refine_tls.origin_x         -0.1525 
_pdbx_refine_tls.origin_y         -0.5466 
_pdbx_refine_tls.origin_z         0.2280 
_pdbx_refine_tls.T[1][1]          -0.0233 
_pdbx_refine_tls.T[2][2]          -0.0531 
_pdbx_refine_tls.T[3][3]          -0.0211 
_pdbx_refine_tls.T[1][2]          -0.0103 
_pdbx_refine_tls.T[1][3]          0.0077 
_pdbx_refine_tls.T[2][3]          0.0004 
_pdbx_refine_tls.L[1][1]          1.7765 
_pdbx_refine_tls.L[2][2]          1.0223 
_pdbx_refine_tls.L[3][3]          0.9381 
_pdbx_refine_tls.L[1][2]          -0.7468 
_pdbx_refine_tls.L[1][3]          -0.2385 
_pdbx_refine_tls.L[2][3]          0.2907 
_pdbx_refine_tls.S[1][1]          0.1155 
_pdbx_refine_tls.S[2][2]          -0.0762 
_pdbx_refine_tls.S[3][3]          -0.0394 
_pdbx_refine_tls.S[1][2]          -0.0294 
_pdbx_refine_tls.S[1][3]          0.2213 
_pdbx_refine_tls.S[2][3]          -0.1131 
_pdbx_refine_tls.S[2][1]          -0.1278 
_pdbx_refine_tls.S[3][1]          -0.1108 
_pdbx_refine_tls.S[3][2]          -0.0004 
_pdbx_refine_tls.pdbx_refine_id   'X-RAY DIFFRACTION' 
# 
_pdbx_refine_tls_group.id                  1 
_pdbx_refine_tls_group.refine_tls_id       1 
_pdbx_refine_tls_group.beg_label_asym_id   A 
_pdbx_refine_tls_group.beg_label_seq_id    3 
_pdbx_refine_tls_group.end_label_asym_id   A 
_pdbx_refine_tls_group.end_label_seq_id    114 
_pdbx_refine_tls_group.selection           ALL 
_pdbx_refine_tls_group.beg_auth_asym_id    A 
_pdbx_refine_tls_group.beg_auth_seq_id     2 
_pdbx_refine_tls_group.end_auth_asym_id    A 
_pdbx_refine_tls_group.end_auth_seq_id     113 
_pdbx_refine_tls_group.pdbx_refine_id      'X-RAY DIFFRACTION' 
_pdbx_refine_tls_group.selection_details   ? 
# 
_phasing.method   MAD 
# 
_pdbx_database_remark.id     300 
_pdbx_database_remark.text   
;
BIOMOLECULE: 1
THIS ENTRY CONTAINS THE CRYSTALLOGRAPHIC ASYMMETRIC UNIT
WHICH CONSISTS OF 1 CHAIN(S). SEE REMARK 350 FOR
INFORMATION ON GENERATING THE BIOLOGICAL MOLECULE(S).
SIZE EXCLUSION CHROMATOGRAPHY WITH STATIC LIGHT 
SCATTERING SUPPORTS THE ASSIGNMENT
OF A DIMER AS A BIOLOGICALLY SIGNIFICANT
OLIGOMERIZATION STATE.
;
# 
loop_
_pdbx_unobs_or_zero_occ_residues.id 
_pdbx_unobs_or_zero_occ_residues.PDB_model_num 
_pdbx_unobs_or_zero_occ_residues.polymer_flag 
_pdbx_unobs_or_zero_occ_residues.occupancy_flag 
_pdbx_unobs_or_zero_occ_residues.auth_asym_id 
_pdbx_unobs_or_zero_occ_residues.auth_comp_id 
_pdbx_unobs_or_zero_occ_residues.auth_seq_id 
_pdbx_unobs_or_zero_occ_residues.PDB_ins_code 
_pdbx_unobs_or_zero_occ_residues.label_asym_id 
_pdbx_unobs_or_zero_occ_residues.label_comp_id 
_pdbx_unobs_or_zero_occ_residues.label_seq_id 
1 1 Y 1 A GLY 0 ? A GLY 1 
2 1 Y 1 A MSE 1 ? A MSE 2 
# 
loop_
_chem_comp_atom.comp_id 
_chem_comp_atom.atom_id 
_chem_comp_atom.type_symbol 
_chem_comp_atom.pdbx_aromatic_flag 
_chem_comp_atom.pdbx_stereo_config 
_chem_comp_atom.pdbx_ordinal 
ALA N    N  N N 1   
ALA CA   C  N S 2   
ALA C    C  N N 3   
ALA O    O  N N 4   
ALA CB   C  N N 5   
ALA OXT  O  N N 6   
ALA H    H  N N 7   
ALA H2   H  N N 8   
ALA HA   H  N N 9   
ALA HB1  H  N N 10  
ALA HB2  H  N N 11  
ALA HB3  H  N N 12  
ALA HXT  H  N N 13  
ARG N    N  N N 14  
ARG CA   C  N S 15  
ARG C    C  N N 16  
ARG O    O  N N 17  
ARG CB   C  N N 18  
ARG CG   C  N N 19  
ARG CD   C  N N 20  
ARG NE   N  N N 21  
ARG CZ   C  N N 22  
ARG NH1  N  N N 23  
ARG NH2  N  N N 24  
ARG OXT  O  N N 25  
ARG H    H  N N 26  
ARG H2   H  N N 27  
ARG HA   H  N N 28  
ARG HB2  H  N N 29  
ARG HB3  H  N N 30  
ARG HG2  H  N N 31  
ARG HG3  H  N N 32  
ARG HD2  H  N N 33  
ARG HD3  H  N N 34  
ARG HE   H  N N 35  
ARG HH11 H  N N 36  
ARG HH12 H  N N 37  
ARG HH21 H  N N 38  
ARG HH22 H  N N 39  
ARG HXT  H  N N 40  
ASN N    N  N N 41  
ASN CA   C  N S 42  
ASN C    C  N N 43  
ASN O    O  N N 44  
ASN CB   C  N N 45  
ASN CG   C  N N 46  
ASN OD1  O  N N 47  
ASN ND2  N  N N 48  
ASN OXT  O  N N 49  
ASN H    H  N N 50  
ASN H2   H  N N 51  
ASN HA   H  N N 52  
ASN HB2  H  N N 53  
ASN HB3  H  N N 54  
ASN HD21 H  N N 55  
ASN HD22 H  N N 56  
ASN HXT  H  N N 57  
ASP N    N  N N 58  
ASP CA   C  N S 59  
ASP C    C  N N 60  
ASP O    O  N N 61  
ASP CB   C  N N 62  
ASP CG   C  N N 63  
ASP OD1  O  N N 64  
ASP OD2  O  N N 65  
ASP OXT  O  N N 66  
ASP H    H  N N 67  
ASP H2   H  N N 68  
ASP HA   H  N N 69  
ASP HB2  H  N N 70  
ASP HB3  H  N N 71  
ASP HD2  H  N N 72  
ASP HXT  H  N N 73  
CYS N    N  N N 74  
CYS CA   C  N R 75  
CYS C    C  N N 76  
CYS O    O  N N 77  
CYS CB   C  N N 78  
CYS SG   S  N N 79  
CYS OXT  O  N N 80  
CYS H    H  N N 81  
CYS H2   H  N N 82  
CYS HA   H  N N 83  
CYS HB2  H  N N 84  
CYS HB3  H  N N 85  
CYS HG   H  N N 86  
CYS HXT  H  N N 87  
GLN N    N  N N 88  
GLN CA   C  N S 89  
GLN C    C  N N 90  
GLN O    O  N N 91  
GLN CB   C  N N 92  
GLN CG   C  N N 93  
GLN CD   C  N N 94  
GLN OE1  O  N N 95  
GLN NE2  N  N N 96  
GLN OXT  O  N N 97  
GLN H    H  N N 98  
GLN H2   H  N N 99  
GLN HA   H  N N 100 
GLN HB2  H  N N 101 
GLN HB3  H  N N 102 
GLN HG2  H  N N 103 
GLN HG3  H  N N 104 
GLN HE21 H  N N 105 
GLN HE22 H  N N 106 
GLN HXT  H  N N 107 
GLU N    N  N N 108 
GLU CA   C  N S 109 
GLU C    C  N N 110 
GLU O    O  N N 111 
GLU CB   C  N N 112 
GLU CG   C  N N 113 
GLU CD   C  N N 114 
GLU OE1  O  N N 115 
GLU OE2  O  N N 116 
GLU OXT  O  N N 117 
GLU H    H  N N 118 
GLU H2   H  N N 119 
GLU HA   H  N N 120 
GLU HB2  H  N N 121 
GLU HB3  H  N N 122 
GLU HG2  H  N N 123 
GLU HG3  H  N N 124 
GLU HE2  H  N N 125 
GLU HXT  H  N N 126 
GLY N    N  N N 127 
GLY CA   C  N N 128 
GLY C    C  N N 129 
GLY O    O  N N 130 
GLY OXT  O  N N 131 
GLY H    H  N N 132 
GLY H2   H  N N 133 
GLY HA2  H  N N 134 
GLY HA3  H  N N 135 
GLY HXT  H  N N 136 
HIS N    N  N N 137 
HIS CA   C  N S 138 
HIS C    C  N N 139 
HIS O    O  N N 140 
HIS CB   C  N N 141 
HIS CG   C  Y N 142 
HIS ND1  N  Y N 143 
HIS CD2  C  Y N 144 
HIS CE1  C  Y N 145 
HIS NE2  N  Y N 146 
HIS OXT  O  N N 147 
HIS H    H  N N 148 
HIS H2   H  N N 149 
HIS HA   H  N N 150 
HIS HB2  H  N N 151 
HIS HB3  H  N N 152 
HIS HD1  H  N N 153 
HIS HD2  H  N N 154 
HIS HE1  H  N N 155 
HIS HE2  H  N N 156 
HIS HXT  H  N N 157 
HOH O    O  N N 158 
HOH H1   H  N N 159 
HOH H2   H  N N 160 
ILE N    N  N N 161 
ILE CA   C  N S 162 
ILE C    C  N N 163 
ILE O    O  N N 164 
ILE CB   C  N S 165 
ILE CG1  C  N N 166 
ILE CG2  C  N N 167 
ILE CD1  C  N N 168 
ILE OXT  O  N N 169 
ILE H    H  N N 170 
ILE H2   H  N N 171 
ILE HA   H  N N 172 
ILE HB   H  N N 173 
ILE HG12 H  N N 174 
ILE HG13 H  N N 175 
ILE HG21 H  N N 176 
ILE HG22 H  N N 177 
ILE HG23 H  N N 178 
ILE HD11 H  N N 179 
ILE HD12 H  N N 180 
ILE HD13 H  N N 181 
ILE HXT  H  N N 182 
LEU N    N  N N 183 
LEU CA   C  N S 184 
LEU C    C  N N 185 
LEU O    O  N N 186 
LEU CB   C  N N 187 
LEU CG   C  N N 188 
LEU CD1  C  N N 189 
LEU CD2  C  N N 190 
LEU OXT  O  N N 191 
LEU H    H  N N 192 
LEU H2   H  N N 193 
LEU HA   H  N N 194 
LEU HB2  H  N N 195 
LEU HB3  H  N N 196 
LEU HG   H  N N 197 
LEU HD11 H  N N 198 
LEU HD12 H  N N 199 
LEU HD13 H  N N 200 
LEU HD21 H  N N 201 
LEU HD22 H  N N 202 
LEU HD23 H  N N 203 
LEU HXT  H  N N 204 
LYS N    N  N N 205 
LYS CA   C  N S 206 
LYS C    C  N N 207 
LYS O    O  N N 208 
LYS CB   C  N N 209 
LYS CG   C  N N 210 
LYS CD   C  N N 211 
LYS CE   C  N N 212 
LYS NZ   N  N N 213 
LYS OXT  O  N N 214 
LYS H    H  N N 215 
LYS H2   H  N N 216 
LYS HA   H  N N 217 
LYS HB2  H  N N 218 
LYS HB3  H  N N 219 
LYS HG2  H  N N 220 
LYS HG3  H  N N 221 
LYS HD2  H  N N 222 
LYS HD3  H  N N 223 
LYS HE2  H  N N 224 
LYS HE3  H  N N 225 
LYS HZ1  H  N N 226 
LYS HZ2  H  N N 227 
LYS HZ3  H  N N 228 
LYS HXT  H  N N 229 
MSE N    N  N N 230 
MSE CA   C  N S 231 
MSE C    C  N N 232 
MSE O    O  N N 233 
MSE OXT  O  N N 234 
MSE CB   C  N N 235 
MSE CG   C  N N 236 
MSE SE   SE N N 237 
MSE CE   C  N N 238 
MSE H    H  N N 239 
MSE H2   H  N N 240 
MSE HA   H  N N 241 
MSE HXT  H  N N 242 
MSE HB2  H  N N 243 
MSE HB3  H  N N 244 
MSE HG2  H  N N 245 
MSE HG3  H  N N 246 
MSE HE1  H  N N 247 
MSE HE2  H  N N 248 
MSE HE3  H  N N 249 
PHE N    N  N N 250 
PHE CA   C  N S 251 
PHE C    C  N N 252 
PHE O    O  N N 253 
PHE CB   C  N N 254 
PHE CG   C  Y N 255 
PHE CD1  C  Y N 256 
PHE CD2  C  Y N 257 
PHE CE1  C  Y N 258 
PHE CE2  C  Y N 259 
PHE CZ   C  Y N 260 
PHE OXT  O  N N 261 
PHE H    H  N N 262 
PHE H2   H  N N 263 
PHE HA   H  N N 264 
PHE HB2  H  N N 265 
PHE HB3  H  N N 266 
PHE HD1  H  N N 267 
PHE HD2  H  N N 268 
PHE HE1  H  N N 269 
PHE HE2  H  N N 270 
PHE HZ   H  N N 271 
PHE HXT  H  N N 272 
PRO N    N  N N 273 
PRO CA   C  N S 274 
PRO C    C  N N 275 
PRO O    O  N N 276 
PRO CB   C  N N 277 
PRO CG   C  N N 278 
PRO CD   C  N N 279 
PRO OXT  O  N N 280 
PRO H    H  N N 281 
PRO HA   H  N N 282 
PRO HB2  H  N N 283 
PRO HB3  H  N N 284 
PRO HG2  H  N N 285 
PRO HG3  H  N N 286 
PRO HD2  H  N N 287 
PRO HD3  H  N N 288 
PRO HXT  H  N N 289 
SER N    N  N N 290 
SER CA   C  N S 291 
SER C    C  N N 292 
SER O    O  N N 293 
SER CB   C  N N 294 
SER OG   O  N N 295 
SER OXT  O  N N 296 
SER H    H  N N 297 
SER H2   H  N N 298 
SER HA   H  N N 299 
SER HB2  H  N N 300 
SER HB3  H  N N 301 
SER HG   H  N N 302 
SER HXT  H  N N 303 
THR N    N  N N 304 
THR CA   C  N S 305 
THR C    C  N N 306 
THR O    O  N N 307 
THR CB   C  N R 308 
THR OG1  O  N N 309 
THR CG2  C  N N 310 
THR OXT  O  N N 311 
THR H    H  N N 312 
THR H2   H  N N 313 
THR HA   H  N N 314 
THR HB   H  N N 315 
THR HG1  H  N N 316 
THR HG21 H  N N 317 
THR HG22 H  N N 318 
THR HG23 H  N N 319 
THR HXT  H  N N 320 
TRP N    N  N N 321 
TRP CA   C  N S 322 
TRP C    C  N N 323 
TRP O    O  N N 324 
TRP CB   C  N N 325 
TRP CG   C  Y N 326 
TRP CD1  C  Y N 327 
TRP CD2  C  Y N 328 
TRP NE1  N  Y N 329 
TRP CE2  C  Y N 330 
TRP CE3  C  Y N 331 
TRP CZ2  C  Y N 332 
TRP CZ3  C  Y N 333 
TRP CH2  C  Y N 334 
TRP OXT  O  N N 335 
TRP H    H  N N 336 
TRP H2   H  N N 337 
TRP HA   H  N N 338 
TRP HB2  H  N N 339 
TRP HB3  H  N N 340 
TRP HD1  H  N N 341 
TRP HE1  H  N N 342 
TRP HE3  H  N N 343 
TRP HZ2  H  N N 344 
TRP HZ3  H  N N 345 
TRP HH2  H  N N 346 
TRP HXT  H  N N 347 
TYR N    N  N N 348 
TYR CA   C  N S 349 
TYR C    C  N N 350 
TYR O    O  N N 351 
TYR CB   C  N N 352 
TYR CG   C  Y N 353 
TYR CD1  C  Y N 354 
TYR CD2  C  Y N 355 
TYR CE1  C  Y N 356 
TYR CE2  C  Y N 357 
TYR CZ   C  Y N 358 
TYR OH   O  N N 359 
TYR OXT  O  N N 360 
TYR H    H  N N 361 
TYR H2   H  N N 362 
TYR HA   H  N N 363 
TYR HB2  H  N N 364 
TYR HB3  H  N N 365 
TYR HD1  H  N N 366 
TYR HD2  H  N N 367 
TYR HE1  H  N N 368 
TYR HE2  H  N N 369 
TYR HH   H  N N 370 
TYR HXT  H  N N 371 
VAL N    N  N N 372 
VAL CA   C  N S 373 
VAL C    C  N N 374 
VAL O    O  N N 375 
VAL CB   C  N N 376 
VAL CG1  C  N N 377 
VAL CG2  C  N N 378 
VAL OXT  O  N N 379 
VAL H    H  N N 380 
VAL H2   H  N N 381 
VAL HA   H  N N 382 
VAL HB   H  N N 383 
VAL HG11 H  N N 384 
VAL HG12 H  N N 385 
VAL HG13 H  N N 386 
VAL HG21 H  N N 387 
VAL HG22 H  N N 388 
VAL HG23 H  N N 389 
VAL HXT  H  N N 390 
# 
loop_
_chem_comp_bond.comp_id 
_chem_comp_bond.atom_id_1 
_chem_comp_bond.atom_id_2 
_chem_comp_bond.value_order 
_chem_comp_bond.pdbx_aromatic_flag 
_chem_comp_bond.pdbx_stereo_config 
_chem_comp_bond.pdbx_ordinal 
ALA N   CA   sing N N 1   
ALA N   H    sing N N 2   
ALA N   H2   sing N N 3   
ALA CA  C    sing N N 4   
ALA CA  CB   sing N N 5   
ALA CA  HA   sing N N 6   
ALA C   O    doub N N 7   
ALA C   OXT  sing N N 8   
ALA CB  HB1  sing N N 9   
ALA CB  HB2  sing N N 10  
ALA CB  HB3  sing N N 11  
ALA OXT HXT  sing N N 12  
ARG N   CA   sing N N 13  
ARG N   H    sing N N 14  
ARG N   H2   sing N N 15  
ARG CA  C    sing N N 16  
ARG CA  CB   sing N N 17  
ARG CA  HA   sing N N 18  
ARG C   O    doub N N 19  
ARG C   OXT  sing N N 20  
ARG CB  CG   sing N N 21  
ARG CB  HB2  sing N N 22  
ARG CB  HB3  sing N N 23  
ARG CG  CD   sing N N 24  
ARG CG  HG2  sing N N 25  
ARG CG  HG3  sing N N 26  
ARG CD  NE   sing N N 27  
ARG CD  HD2  sing N N 28  
ARG CD  HD3  sing N N 29  
ARG NE  CZ   sing N N 30  
ARG NE  HE   sing N N 31  
ARG CZ  NH1  sing N N 32  
ARG CZ  NH2  doub N N 33  
ARG NH1 HH11 sing N N 34  
ARG NH1 HH12 sing N N 35  
ARG NH2 HH21 sing N N 36  
ARG NH2 HH22 sing N N 37  
ARG OXT HXT  sing N N 38  
ASN N   CA   sing N N 39  
ASN N   H    sing N N 40  
ASN N   H2   sing N N 41  
ASN CA  C    sing N N 42  
ASN CA  CB   sing N N 43  
ASN CA  HA   sing N N 44  
ASN C   O    doub N N 45  
ASN C   OXT  sing N N 46  
ASN CB  CG   sing N N 47  
ASN CB  HB2  sing N N 48  
ASN CB  HB3  sing N N 49  
ASN CG  OD1  doub N N 50  
ASN CG  ND2  sing N N 51  
ASN ND2 HD21 sing N N 52  
ASN ND2 HD22 sing N N 53  
ASN OXT HXT  sing N N 54  
ASP N   CA   sing N N 55  
ASP N   H    sing N N 56  
ASP N   H2   sing N N 57  
ASP CA  C    sing N N 58  
ASP CA  CB   sing N N 59  
ASP CA  HA   sing N N 60  
ASP C   O    doub N N 61  
ASP C   OXT  sing N N 62  
ASP CB  CG   sing N N 63  
ASP CB  HB2  sing N N 64  
ASP CB  HB3  sing N N 65  
ASP CG  OD1  doub N N 66  
ASP CG  OD2  sing N N 67  
ASP OD2 HD2  sing N N 68  
ASP OXT HXT  sing N N 69  
CYS N   CA   sing N N 70  
CYS N   H    sing N N 71  
CYS N   H2   sing N N 72  
CYS CA  C    sing N N 73  
CYS CA  CB   sing N N 74  
CYS CA  HA   sing N N 75  
CYS C   O    doub N N 76  
CYS C   OXT  sing N N 77  
CYS CB  SG   sing N N 78  
CYS CB  HB2  sing N N 79  
CYS CB  HB3  sing N N 80  
CYS SG  HG   sing N N 81  
CYS OXT HXT  sing N N 82  
GLN N   CA   sing N N 83  
GLN N   H    sing N N 84  
GLN N   H2   sing N N 85  
GLN CA  C    sing N N 86  
GLN CA  CB   sing N N 87  
GLN CA  HA   sing N N 88  
GLN C   O    doub N N 89  
GLN C   OXT  sing N N 90  
GLN CB  CG   sing N N 91  
GLN CB  HB2  sing N N 92  
GLN CB  HB3  sing N N 93  
GLN CG  CD   sing N N 94  
GLN CG  HG2  sing N N 95  
GLN CG  HG3  sing N N 96  
GLN CD  OE1  doub N N 97  
GLN CD  NE2  sing N N 98  
GLN NE2 HE21 sing N N 99  
GLN NE2 HE22 sing N N 100 
GLN OXT HXT  sing N N 101 
GLU N   CA   sing N N 102 
GLU N   H    sing N N 103 
GLU N   H2   sing N N 104 
GLU CA  C    sing N N 105 
GLU CA  CB   sing N N 106 
GLU CA  HA   sing N N 107 
GLU C   O    doub N N 108 
GLU C   OXT  sing N N 109 
GLU CB  CG   sing N N 110 
GLU CB  HB2  sing N N 111 
GLU CB  HB3  sing N N 112 
GLU CG  CD   sing N N 113 
GLU CG  HG2  sing N N 114 
GLU CG  HG3  sing N N 115 
GLU CD  OE1  doub N N 116 
GLU CD  OE2  sing N N 117 
GLU OE2 HE2  sing N N 118 
GLU OXT HXT  sing N N 119 
GLY N   CA   sing N N 120 
GLY N   H    sing N N 121 
GLY N   H2   sing N N 122 
GLY CA  C    sing N N 123 
GLY CA  HA2  sing N N 124 
GLY CA  HA3  sing N N 125 
GLY C   O    doub N N 126 
GLY C   OXT  sing N N 127 
GLY OXT HXT  sing N N 128 
HIS N   CA   sing N N 129 
HIS N   H    sing N N 130 
HIS N   H2   sing N N 131 
HIS CA  C    sing N N 132 
HIS CA  CB   sing N N 133 
HIS CA  HA   sing N N 134 
HIS C   O    doub N N 135 
HIS C   OXT  sing N N 136 
HIS CB  CG   sing N N 137 
HIS CB  HB2  sing N N 138 
HIS CB  HB3  sing N N 139 
HIS CG  ND1  sing Y N 140 
HIS CG  CD2  doub Y N 141 
HIS ND1 CE1  doub Y N 142 
HIS ND1 HD1  sing N N 143 
HIS CD2 NE2  sing Y N 144 
HIS CD2 HD2  sing N N 145 
HIS CE1 NE2  sing Y N 146 
HIS CE1 HE1  sing N N 147 
HIS NE2 HE2  sing N N 148 
HIS OXT HXT  sing N N 149 
HOH O   H1   sing N N 150 
HOH O   H2   sing N N 151 
ILE N   CA   sing N N 152 
ILE N   H    sing N N 153 
ILE N   H2   sing N N 154 
ILE CA  C    sing N N 155 
ILE CA  CB   sing N N 156 
ILE CA  HA   sing N N 157 
ILE C   O    doub N N 158 
ILE C   OXT  sing N N 159 
ILE CB  CG1  sing N N 160 
ILE CB  CG2  sing N N 161 
ILE CB  HB   sing N N 162 
ILE CG1 CD1  sing N N 163 
ILE CG1 HG12 sing N N 164 
ILE CG1 HG13 sing N N 165 
ILE CG2 HG21 sing N N 166 
ILE CG2 HG22 sing N N 167 
ILE CG2 HG23 sing N N 168 
ILE CD1 HD11 sing N N 169 
ILE CD1 HD12 sing N N 170 
ILE CD1 HD13 sing N N 171 
ILE OXT HXT  sing N N 172 
LEU N   CA   sing N N 173 
LEU N   H    sing N N 174 
LEU N   H2   sing N N 175 
LEU CA  C    sing N N 176 
LEU CA  CB   sing N N 177 
LEU CA  HA   sing N N 178 
LEU C   O    doub N N 179 
LEU C   OXT  sing N N 180 
LEU CB  CG   sing N N 181 
LEU CB  HB2  sing N N 182 
LEU CB  HB3  sing N N 183 
LEU CG  CD1  sing N N 184 
LEU CG  CD2  sing N N 185 
LEU CG  HG   sing N N 186 
LEU CD1 HD11 sing N N 187 
LEU CD1 HD12 sing N N 188 
LEU CD1 HD13 sing N N 189 
LEU CD2 HD21 sing N N 190 
LEU CD2 HD22 sing N N 191 
LEU CD2 HD23 sing N N 192 
LEU OXT HXT  sing N N 193 
LYS N   CA   sing N N 194 
LYS N   H    sing N N 195 
LYS N   H2   sing N N 196 
LYS CA  C    sing N N 197 
LYS CA  CB   sing N N 198 
LYS CA  HA   sing N N 199 
LYS C   O    doub N N 200 
LYS C   OXT  sing N N 201 
LYS CB  CG   sing N N 202 
LYS CB  HB2  sing N N 203 
LYS CB  HB3  sing N N 204 
LYS CG  CD   sing N N 205 
LYS CG  HG2  sing N N 206 
LYS CG  HG3  sing N N 207 
LYS CD  CE   sing N N 208 
LYS CD  HD2  sing N N 209 
LYS CD  HD3  sing N N 210 
LYS CE  NZ   sing N N 211 
LYS CE  HE2  sing N N 212 
LYS CE  HE3  sing N N 213 
LYS NZ  HZ1  sing N N 214 
LYS NZ  HZ2  sing N N 215 
LYS NZ  HZ3  sing N N 216 
LYS OXT HXT  sing N N 217 
MSE N   CA   sing N N 218 
MSE N   H    sing N N 219 
MSE N   H2   sing N N 220 
MSE CA  C    sing N N 221 
MSE CA  CB   sing N N 222 
MSE CA  HA   sing N N 223 
MSE C   O    doub N N 224 
MSE C   OXT  sing N N 225 
MSE OXT HXT  sing N N 226 
MSE CB  CG   sing N N 227 
MSE CB  HB2  sing N N 228 
MSE CB  HB3  sing N N 229 
MSE CG  SE   sing N N 230 
MSE CG  HG2  sing N N 231 
MSE CG  HG3  sing N N 232 
MSE SE  CE   sing N N 233 
MSE CE  HE1  sing N N 234 
MSE CE  HE2  sing N N 235 
MSE CE  HE3  sing N N 236 
PHE N   CA   sing N N 237 
PHE N   H    sing N N 238 
PHE N   H2   sing N N 239 
PHE CA  C    sing N N 240 
PHE CA  CB   sing N N 241 
PHE CA  HA   sing N N 242 
PHE C   O    doub N N 243 
PHE C   OXT  sing N N 244 
PHE CB  CG   sing N N 245 
PHE CB  HB2  sing N N 246 
PHE CB  HB3  sing N N 247 
PHE CG  CD1  doub Y N 248 
PHE CG  CD2  sing Y N 249 
PHE CD1 CE1  sing Y N 250 
PHE CD1 HD1  sing N N 251 
PHE CD2 CE2  doub Y N 252 
PHE CD2 HD2  sing N N 253 
PHE CE1 CZ   doub Y N 254 
PHE CE1 HE1  sing N N 255 
PHE CE2 CZ   sing Y N 256 
PHE CE2 HE2  sing N N 257 
PHE CZ  HZ   sing N N 258 
PHE OXT HXT  sing N N 259 
PRO N   CA   sing N N 260 
PRO N   CD   sing N N 261 
PRO N   H    sing N N 262 
PRO CA  C    sing N N 263 
PRO CA  CB   sing N N 264 
PRO CA  HA   sing N N 265 
PRO C   O    doub N N 266 
PRO C   OXT  sing N N 267 
PRO CB  CG   sing N N 268 
PRO CB  HB2  sing N N 269 
PRO CB  HB3  sing N N 270 
PRO CG  CD   sing N N 271 
PRO CG  HG2  sing N N 272 
PRO CG  HG3  sing N N 273 
PRO CD  HD2  sing N N 274 
PRO CD  HD3  sing N N 275 
PRO OXT HXT  sing N N 276 
SER N   CA   sing N N 277 
SER N   H    sing N N 278 
SER N   H2   sing N N 279 
SER CA  C    sing N N 280 
SER CA  CB   sing N N 281 
SER CA  HA   sing N N 282 
SER C   O    doub N N 283 
SER C   OXT  sing N N 284 
SER CB  OG   sing N N 285 
SER CB  HB2  sing N N 286 
SER CB  HB3  sing N N 287 
SER OG  HG   sing N N 288 
SER OXT HXT  sing N N 289 
THR N   CA   sing N N 290 
THR N   H    sing N N 291 
THR N   H2   sing N N 292 
THR CA  C    sing N N 293 
THR CA  CB   sing N N 294 
THR CA  HA   sing N N 295 
THR C   O    doub N N 296 
THR C   OXT  sing N N 297 
THR CB  OG1  sing N N 298 
THR CB  CG2  sing N N 299 
THR CB  HB   sing N N 300 
THR OG1 HG1  sing N N 301 
THR CG2 HG21 sing N N 302 
THR CG2 HG22 sing N N 303 
THR CG2 HG23 sing N N 304 
THR OXT HXT  sing N N 305 
TRP N   CA   sing N N 306 
TRP N   H    sing N N 307 
TRP N   H2   sing N N 308 
TRP CA  C    sing N N 309 
TRP CA  CB   sing N N 310 
TRP CA  HA   sing N N 311 
TRP C   O    doub N N 312 
TRP C   OXT  sing N N 313 
TRP CB  CG   sing N N 314 
TRP CB  HB2  sing N N 315 
TRP CB  HB3  sing N N 316 
TRP CG  CD1  doub Y N 317 
TRP CG  CD2  sing Y N 318 
TRP CD1 NE1  sing Y N 319 
TRP CD1 HD1  sing N N 320 
TRP CD2 CE2  doub Y N 321 
TRP CD2 CE3  sing Y N 322 
TRP NE1 CE2  sing Y N 323 
TRP NE1 HE1  sing N N 324 
TRP CE2 CZ2  sing Y N 325 
TRP CE3 CZ3  doub Y N 326 
TRP CE3 HE3  sing N N 327 
TRP CZ2 CH2  doub Y N 328 
TRP CZ2 HZ2  sing N N 329 
TRP CZ3 CH2  sing Y N 330 
TRP CZ3 HZ3  sing N N 331 
TRP CH2 HH2  sing N N 332 
TRP OXT HXT  sing N N 333 
TYR N   CA   sing N N 334 
TYR N   H    sing N N 335 
TYR N   H2   sing N N 336 
TYR CA  C    sing N N 337 
TYR CA  CB   sing N N 338 
TYR CA  HA   sing N N 339 
TYR C   O    doub N N 340 
TYR C   OXT  sing N N 341 
TYR CB  CG   sing N N 342 
TYR CB  HB2  sing N N 343 
TYR CB  HB3  sing N N 344 
TYR CG  CD1  doub Y N 345 
TYR CG  CD2  sing Y N 346 
TYR CD1 CE1  sing Y N 347 
TYR CD1 HD1  sing N N 348 
TYR CD2 CE2  doub Y N 349 
TYR CD2 HD2  sing N N 350 
TYR CE1 CZ   doub Y N 351 
TYR CE1 HE1  sing N N 352 
TYR CE2 CZ   sing Y N 353 
TYR CE2 HE2  sing N N 354 
TYR CZ  OH   sing N N 355 
TYR OH  HH   sing N N 356 
TYR OXT HXT  sing N N 357 
VAL N   CA   sing N N 358 
VAL N   H    sing N N 359 
VAL N   H2   sing N N 360 
VAL CA  C    sing N N 361 
VAL CA  CB   sing N N 362 
VAL CA  HA   sing N N 363 
VAL C   O    doub N N 364 
VAL C   OXT  sing N N 365 
VAL CB  CG1  sing N N 366 
VAL CB  CG2  sing N N 367 
VAL CB  HB   sing N N 368 
VAL CG1 HG11 sing N N 369 
VAL CG1 HG12 sing N N 370 
VAL CG1 HG13 sing N N 371 
VAL CG2 HG21 sing N N 372 
VAL CG2 HG22 sing N N 373 
VAL CG2 HG23 sing N N 374 
VAL OXT HXT  sing N N 375 
# 
_atom_sites.entry_id                    2NWV 
_atom_sites.fract_transf_matrix[1][1]   0.00445123 
_atom_sites.fract_transf_matrix[1][2]   0.00042082 
_atom_sites.fract_transf_matrix[1][3]   0.01791319 
_atom_sites.fract_transf_matrix[2][1]   0.01354796 
_atom_sites.fract_transf_matrix[2][2]   0.01108613 
_atom_sites.fract_transf_matrix[2][3]   0.00588995 
_atom_sites.fract_transf_matrix[3][1]   -0.00482744 
_atom_sites.fract_transf_matrix[3][2]   0.00532864 
_atom_sites.fract_transf_matrix[3][3]   0.00107438 
_atom_sites.fract_transf_vector[1]      0.385353 
_atom_sites.fract_transf_vector[2]      0.321521 
_atom_sites.fract_transf_vector[3]      -0.028120 
# 
loop_
_atom_type.symbol 
C  
N  
O  
S  
SE 
# 
loop_
_atom_site.group_PDB 
_atom_site.id 
_atom_site.type_symbol 
_atom_site.label_atom_id 
_atom_site.label_alt_id 
_atom_site.label_comp_id 
_atom_site.label_asym_id 
_atom_site.label_entity_id 
_atom_site.label_seq_id 
_atom_site.pdbx_PDB_ins_code 
_atom_site.Cartn_x 
_atom_site.Cartn_y 
_atom_site.Cartn_z 
_atom_site.occupancy 
_atom_site.B_iso_or_equiv 
_atom_site.pdbx_formal_charge 
_atom_site.auth_seq_id 
_atom_site.auth_comp_id 
_atom_site.auth_asym_id 
_atom_site.auth_atom_id 
_atom_site.pdbx_PDB_model_num 
ATOM   1    N  N   . ASP A 1 3   ? -13.131 7.101   -15.070 1.00 67.01 ? 2   ASP A N   1 
ATOM   2    C  CA  . ASP A 1 3   ? -12.397 5.820   -15.384 1.00 64.41 ? 2   ASP A CA  1 
ATOM   3    C  C   . ASP A 1 3   ? -12.601 4.791   -14.253 1.00 61.35 ? 2   ASP A C   1 
ATOM   4    O  O   . ASP A 1 3   ? -12.563 3.568   -14.529 1.00 60.21 ? 2   ASP A O   1 
ATOM   5    C  CB  . ASP A 1 3   ? -10.886 6.041   -15.682 1.00 66.20 ? 2   ASP A CB  1 
ATOM   6    N  N   . ASN A 1 4   ? -12.675 5.218   -12.973 1.00 56.02 ? 3   ASN A N   1 
ATOM   7    C  CA  . ASN A 1 4   ? -11.597 5.933   -12.222 1.00 48.59 ? 3   ASN A CA  1 
ATOM   8    C  C   . ASN A 1 4   ? -10.779 4.818   -11.546 1.00 41.80 ? 3   ASN A C   1 
ATOM   9    O  O   . ASN A 1 4   ? -9.579  4.949   -11.285 1.00 38.48 ? 3   ASN A O   1 
ATOM   10   C  CB  . ASN A 1 4   ? -12.131 6.774   -11.068 1.00 48.18 ? 3   ASN A CB  1 
ATOM   11   C  CG  . ASN A 1 4   ? -12.063 8.257   -11.310 1.00 49.72 ? 3   ASN A CG  1 
ATOM   12   O  OD1 . ASN A 1 4   ? -11.261 8.691   -12.123 1.00 54.82 ? 3   ASN A OD1 1 
ATOM   13   N  ND2 . ASN A 1 4   ? -12.898 9.036   -10.648 1.00 48.42 ? 3   ASN A ND2 1 
ATOM   14   N  N   . VAL A 1 5   ? -11.481 3.736   -11.225 1.00 35.85 ? 4   VAL A N   1 
ATOM   15   C  CA  . VAL A 1 5   ? -10.884 2.508   -10.711 1.00 33.06 ? 4   VAL A CA  1 
ATOM   16   C  C   . VAL A 1 5   ? -9.770  1.928   -11.603 1.00 31.17 ? 4   VAL A C   1 
ATOM   17   O  O   . VAL A 1 5   ? -8.753  1.462   -11.087 1.00 26.42 ? 4   VAL A O   1 
ATOM   18   C  CB  . VAL A 1 5   ? -11.966 1.467   -10.382 1.00 32.55 ? 4   VAL A CB  1 
ATOM   19   C  CG1 . VAL A 1 5   ? -11.395 0.044   -10.420 1.00 39.60 ? 4   VAL A CG1 1 
ATOM   20   C  CG2 . VAL A 1 5   ? -12.565 1.800   -9.008  1.00 30.28 ? 4   VAL A CG2 1 
ATOM   21   N  N   . ALA A 1 6   ? -9.954  1.970   -12.922 1.00 29.50 ? 5   ALA A N   1 
ATOM   22   C  CA  . ALA A 1 6   ? -8.928  1.494   -13.857 1.00 27.81 ? 5   ALA A CA  1 
ATOM   23   C  C   . ALA A 1 6   ? -7.625  2.287   -13.652 1.00 26.70 ? 5   ALA A C   1 
ATOM   24   O  O   . ALA A 1 6   ? -6.541  1.699   -13.612 1.00 25.90 ? 5   ALA A O   1 
ATOM   25   C  CB  . ALA A 1 6   ? -9.408  1.594   -15.290 1.00 29.40 ? 5   ALA A CB  1 
ATOM   26   N  N   . GLU A 1 7   ? -7.737  3.611   -13.493 1.00 26.70 ? 6   GLU A N   1 
ATOM   27   C  CA  . GLU A 1 7   ? -6.566  4.464   -13.242 1.00 25.53 ? 6   GLU A CA  1 
ATOM   28   C  C   . GLU A 1 7   ? -5.902  4.155   -11.896 1.00 24.01 ? 6   GLU A C   1 
ATOM   29   O  O   . GLU A 1 7   ? -4.670  4.195   -11.793 1.00 22.85 ? 6   GLU A O   1 
ATOM   30   C  CB  . GLU A 1 7   ? -6.951  5.944   -13.279 1.00 28.06 ? 6   GLU A CB  1 
ATOM   31   C  CG  . GLU A 1 7   ? -5.800  6.945   -12.970 1.00 37.19 ? 6   GLU A CG  1 
ATOM   32   C  CD  . GLU A 1 7   ? -4.630  6.895   -13.980 1.00 55.95 ? 6   GLU A CD  1 
ATOM   33   O  OE1 . GLU A 1 7   ? -4.891  6.744   -15.204 1.00 60.08 ? 6   GLU A OE1 1 
ATOM   34   O  OE2 . GLU A 1 7   ? -3.454  7.014   -13.541 1.00 61.95 ? 6   GLU A OE2 1 
ATOM   35   N  N   . TYR A 1 8   ? -6.730  3.911   -10.869 1.00 23.83 ? 7   TYR A N   1 
ATOM   36   C  CA  . TYR A 1 8   ? -6.237  3.546   -9.511  1.00 22.93 ? 7   TYR A CA  1 
ATOM   37   C  C   . TYR A 1 8   ? -5.423  2.264   -9.529  1.00 18.57 ? 7   TYR A C   1 
ATOM   38   O  O   . TYR A 1 8   ? -4.390  2.182   -8.879  1.00 20.42 ? 7   TYR A O   1 
ATOM   39   C  CB  . TYR A 1 8   ? -7.406  3.457   -8.497  1.00 23.55 ? 7   TYR A CB  1 
ATOM   40   C  CG  . TYR A 1 8   ? -8.062  4.789   -8.178  1.00 22.81 ? 7   TYR A CG  1 
ATOM   41   C  CD1 . TYR A 1 8   ? -7.431  6.003   -8.518  1.00 26.10 ? 7   TYR A CD1 1 
ATOM   42   C  CD2 . TYR A 1 8   ? -9.297  4.849   -7.529  1.00 24.63 ? 7   TYR A CD2 1 
ATOM   43   C  CE1 . TYR A 1 8   ? -8.012  7.218   -8.251  1.00 23.08 ? 7   TYR A CE1 1 
ATOM   44   C  CE2 . TYR A 1 8   ? -9.882  6.060   -7.226  1.00 21.19 ? 7   TYR A CE2 1 
ATOM   45   C  CZ  . TYR A 1 8   ? -9.239  7.260   -7.601  1.00 24.81 ? 7   TYR A CZ  1 
ATOM   46   O  OH  . TYR A 1 8   ? -9.737  8.528   -7.358  1.00 28.00 ? 7   TYR A OH  1 
ATOM   47   N  N   . ARG A 1 9   ? -5.884  1.245   -10.232 1.00 21.31 ? 8   ARG A N   1 
ATOM   48   C  CA  . ARG A 1 9   ? -5.114  0.000   -10.379 1.00 23.09 ? 8   ARG A CA  1 
ATOM   49   C  C   . ARG A 1 9   ? -3.735  0.234   -10.950 1.00 23.02 ? 8   ARG A C   1 
ATOM   50   O  O   . ARG A 1 9   ? -2.780  -0.354  -10.464 1.00 21.10 ? 8   ARG A O   1 
ATOM   51   C  CB  . ARG A 1 9   ? -5.796  -0.998  -11.331 1.00 24.36 ? 8   ARG A CB  1 
ATOM   52   C  CG  . ARG A 1 9   ? -7.149  -1.421  -10.911 1.00 23.43 ? 8   ARG A CG  1 
ATOM   53   C  CD  . ARG A 1 9   ? -7.564  -2.617  -11.710 1.00 33.49 ? 8   ARG A CD  1 
ATOM   54   N  NE  . ARG A 1 9   ? -8.863  -2.986  -11.206 1.00 28.80 ? 8   ARG A NE  1 
ATOM   55   C  CZ  . ARG A 1 9   ? -10.029 -2.723  -11.777 1.00 40.17 ? 8   ARG A CZ  1 
ATOM   56   N  NH1 . ARG A 1 9   ? -10.110 -2.134  -12.961 1.00 41.45 ? 8   ARG A NH1 1 
ATOM   57   N  NH2 . ARG A 1 9   ? -11.136 -3.095  -11.152 1.00 41.29 ? 8   ARG A NH2 1 
ATOM   58   N  N   . LYS A 1 10  ? -3.657  1.052   -12.008 1.00 22.79 ? 9   LYS A N   1 
ATOM   59   C  CA  . LYS A 1 10  ? -2.394  1.344   -12.672 1.00 23.17 ? 9   LYS A CA  1 
ATOM   60   C  C   . LYS A 1 10  ? -1.457  2.073   -11.699 1.00 18.90 ? 9   LYS A C   1 
ATOM   61   O  O   . LYS A 1 10  ? -0.278  1.729   -11.601 1.00 21.14 ? 9   LYS A O   1 
ATOM   62   C  CB  . LYS A 1 10  ? -2.584  2.191   -13.943 1.00 26.39 ? 9   LYS A CB  1 
ATOM   63   C  CG  . LYS A 1 10  ? -3.255  1.501   -15.112 1.00 35.18 ? 9   LYS A CG  1 
ATOM   64   C  CD  . LYS A 1 10  ? -3.275  2.439   -16.379 1.00 29.54 ? 9   LYS A CD  1 
ATOM   65   N  N   . LEU A 1 11  ? -1.992  3.035   -10.942 1.00 18.55 ? 10  LEU A N   1 
ATOM   66   C  CA  . LEU A 1 11  ? -1.179  3.845   -10.014 1.00 20.37 ? 10  LEU A CA  1 
ATOM   67   C  C   . LEU A 1 11  ? -0.650  2.997   -8.823  1.00 21.81 ? 10  LEU A C   1 
ATOM   68   O  O   . LEU A 1 11  ? 0.492   3.150   -8.376  1.00 22.72 ? 10  LEU A O   1 
ATOM   69   C  CB  . LEU A 1 11  ? -1.996  4.993   -9.440  1.00 21.42 ? 10  LEU A CB  1 
ATOM   70   C  CG  . LEU A 1 11  ? -1.760  6.457   -9.825  1.00 31.57 ? 10  LEU A CG  1 
ATOM   71   C  CD1 . LEU A 1 11  ? -1.099  6.664   -11.156 1.00 29.32 ? 10  LEU A CD1 1 
ATOM   72   C  CD2 . LEU A 1 11  ? -3.083  7.236   -9.720  1.00 27.04 ? 10  LEU A CD2 1 
ATOM   73   N  N   . ILE A 1 12  ? -1.521  2.188   -8.253  1.00 19.57 ? 11  ILE A N   1 
ATOM   74   C  CA  . ILE A 1 12  ? -1.142  1.323   -7.124  1.00 21.72 ? 11  ILE A CA  1 
ATOM   75   C  C   . ILE A 1 12  ? -0.023  0.359   -7.533  1.00 20.35 ? 11  ILE A C   1 
ATOM   76   O  O   . ILE A 1 12  ? 1.002   0.230   -6.854  1.00 19.78 ? 11  ILE A O   1 
ATOM   77   C  CB  . ILE A 1 12  ? -2.364  0.546   -6.602  1.00 20.72 ? 11  ILE A CB  1 
ATOM   78   C  CG1 . ILE A 1 12  ? -3.380  1.510   -5.958  1.00 21.41 ? 11  ILE A CG1 1 
ATOM   79   C  CG2 . ILE A 1 12  ? -1.933  -0.589  -5.626  1.00 21.38 ? 11  ILE A CG2 1 
ATOM   80   C  CD1 . ILE A 1 12  ? -4.767  0.873   -5.841  1.00 20.86 ? 11  ILE A CD1 1 
ATOM   81   N  N   . LYS A 1 13  ? -0.205  -0.324  -8.651  1.00 18.17 ? 12  LYS A N   1 
ATOM   82   C  CA  . LYS A 1 13  ? 0.828   -1.224  -9.101  1.00 21.71 ? 12  LYS A CA  1 
ATOM   83   C  C   . LYS A 1 13  ? 2.142   -0.482  -9.400  1.00 25.57 ? 12  LYS A C   1 
ATOM   84   O  O   . LYS A 1 13  ? 3.227   -0.943  -9.012  1.00 24.40 ? 12  LYS A O   1 
ATOM   85   C  CB  . LYS A 1 13  ? 0.325   -1.997  -10.301 1.00 22.36 ? 12  LYS A CB  1 
ATOM   86   C  CG  . LYS A 1 13  ? -0.676  -3.046  -9.933  1.00 26.89 ? 12  LYS A CG  1 
ATOM   87   C  CD  . LYS A 1 13  ? -1.563  -3.457  -11.066 1.00 36.27 ? 12  LYS A CD  1 
ATOM   88   C  CE  . LYS A 1 13  ? -0.818  -3.985  -12.226 1.00 47.03 ? 12  LYS A CE  1 
ATOM   89   N  NZ  . LYS A 1 13  ? -1.691  -3.879  -13.424 1.00 46.25 ? 12  LYS A NZ  1 
ATOM   90   N  N   . GLN A 1 14  ? 2.050   0.665   -10.074 1.00 24.52 ? 13  GLN A N   1 
ATOM   91   C  CA  . GLN A 1 14  ? 3.213   1.493   -10.363 1.00 25.00 ? 13  GLN A CA  1 
ATOM   92   C  C   . GLN A 1 14  ? 3.945   1.876   -9.092  1.00 19.85 ? 13  GLN A C   1 
ATOM   93   O  O   . GLN A 1 14  ? 5.140   1.614   -8.974  1.00 21.96 ? 13  GLN A O   1 
ATOM   94   C  CB  . GLN A 1 14  ? 2.778   2.746   -11.147 1.00 26.52 ? 13  GLN A CB  1 
ATOM   95   C  CG  . GLN A 1 14  ? 3.793   3.873   -11.343 1.00 29.86 ? 13  GLN A CG  1 
ATOM   96   C  CD  . GLN A 1 14  ? 3.118   5.174   -11.895 1.00 34.44 ? 13  GLN A CD  1 
ATOM   97   O  OE1 . GLN A 1 14  ? 3.389   6.287   -11.417 1.00 47.79 ? 13  GLN A OE1 1 
ATOM   98   N  NE2 . GLN A 1 14  ? 2.212   5.012   -12.877 1.00 46.77 ? 13  GLN A NE2 1 
ATOM   99   N  N   . VAL A 1 15  ? 3.217   2.434   -8.129  1.00 20.78 ? 14  VAL A N   1 
ATOM   100  C  CA  . VAL A 1 15  ? 3.819   2.840   -6.847  1.00 18.83 ? 14  VAL A CA  1 
ATOM   101  C  C   . VAL A 1 15  ? 4.435   1.653   -6.077  1.00 20.00 ? 14  VAL A C   1 
ATOM   102  O  O   . VAL A 1 15  ? 5.536   1.793   -5.584  1.00 18.98 ? 14  VAL A O   1 
ATOM   103  C  CB  . VAL A 1 15  ? 2.843   3.633   -5.954  1.00 20.37 ? 14  VAL A CB  1 
ATOM   104  C  CG1 . VAL A 1 15  ? 3.436   3.826   -4.559  1.00 23.38 ? 14  VAL A CG1 1 
ATOM   105  C  CG2 . VAL A 1 15  ? 2.526   5.013   -6.593  1.00 19.88 ? 14  VAL A CG2 1 
ATOM   106  N  N   . LEU A 1 16  ? 3.749   0.518   -5.978  1.00 17.25 ? 15  LEU A N   1 
ATOM   107  C  CA  . LEU A 1 16  ? 4.326   -0.612  -5.237  1.00 18.84 ? 15  LEU A CA  1 
ATOM   108  C  C   . LEU A 1 16  ? 5.564   -1.195  -5.906  1.00 15.18 ? 15  LEU A C   1 
ATOM   109  O  O   . LEU A 1 16  ? 6.536   -1.512  -5.235  1.00 17.81 ? 15  LEU A O   1 
ATOM   110  C  CB  . LEU A 1 16  ? 3.294   -1.692  -4.945  1.00 18.49 ? 15  LEU A CB  1 
ATOM   111  C  CG  . LEU A 1 16  ? 2.134   -1.292  -4.020  1.00 20.24 ? 15  LEU A CG  1 
ATOM   112  C  CD1 . LEU A 1 16  ? 1.113   -2.439  -3.866  1.00 23.04 ? 15  LEU A CD1 1 
ATOM   113  C  CD2 . LEU A 1 16  ? 2.626   -0.795  -2.709  1.00 18.76 ? 15  LEU A CD2 1 
ATOM   114  N  N   . THR A 1 17  ? 5.547   -1.256  -7.240  1.00 17.52 ? 16  THR A N   1 
ATOM   115  C  CA  . THR A 1 17  ? 6.685   -1.754  -8.008  1.00 18.40 ? 16  THR A CA  1 
ATOM   116  C  C   . THR A 1 17  ? 7.903   -0.874  -7.872  1.00 19.52 ? 16  THR A C   1 
ATOM   117  O  O   . THR A 1 17  ? 9.021   -1.369  -7.671  1.00 21.23 ? 16  THR A O   1 
ATOM   118  C  CB  . THR A 1 17  ? 6.318   -1.961  -9.484  1.00 18.63 ? 16  THR A CB  1 
ATOM   119  O  OG1 . THR A 1 17  ? 5.128   -2.783  -9.540  1.00 16.85 ? 16  THR A OG1 1 
ATOM   120  C  CG2 . THR A 1 17  ? 7.468   -2.658  -10.177 1.00 16.36 ? 16  THR A CG2 1 
ATOM   121  N  N   . GLU A 1 18  ? 7.713   0.429   -7.957  1.00 19.00 ? 17  GLU A N   1 
ATOM   122  C  CA  . GLU A 1 18  ? 8.816   1.369   -7.766  1.00 21.15 ? 17  GLU A CA  1 
ATOM   123  C  C   . GLU A 1 18  ? 9.318   1.322   -6.318  1.00 21.14 ? 17  GLU A C   1 
ATOM   124  O  O   . GLU A 1 18  ? 10.522  1.305   -6.089  1.00 19.63 ? 17  GLU A O   1 
ATOM   125  C  CB  . GLU A 1 18  ? 8.392   2.794   -8.150  1.00 23.22 ? 17  GLU A CB  1 
ATOM   126  C  CG  . GLU A 1 18  ? 8.135   2.918   -9.668  1.00 21.06 ? 17  GLU A CG  1 
ATOM   127  C  CD  . GLU A 1 18  ? 7.705   4.334   -10.100 1.00 30.51 ? 17  GLU A CD  1 
ATOM   128  O  OE1 . GLU A 1 18  ? 7.734   5.239   -9.236  1.00 39.60 ? 17  GLU A OE1 1 
ATOM   129  O  OE2 . GLU A 1 18  ? 7.339   4.524   -11.285 1.00 27.81 ? 17  GLU A OE2 1 
ATOM   130  N  N   . TYR A 1 19  ? 8.403   1.293   -5.335  1.00 21.48 ? 18  TYR A N   1 
ATOM   131  C  CA  . TYR A 1 19  ? 8.822   1.161   -3.929  1.00 21.93 ? 18  TYR A CA  1 
ATOM   132  C  C   . TYR A 1 19  ? 9.693   -0.064  -3.713  1.00 19.88 ? 18  TYR A C   1 
ATOM   133  O  O   . TYR A 1 19  ? 10.725  0.011   -3.063  1.00 18.67 ? 18  TYR A O   1 
ATOM   134  C  CB  . TYR A 1 19  ? 7.618   1.088   -2.991  1.00 26.89 ? 18  TYR A CB  1 
ATOM   135  C  CG  . TYR A 1 19  ? 7.157   2.455   -2.520  1.00 31.66 ? 18  TYR A CG  1 
ATOM   136  C  CD1 . TYR A 1 19  ? 7.301   3.570   -3.335  1.00 39.88 ? 18  TYR A CD1 1 
ATOM   137  C  CD2 . TYR A 1 19  ? 6.537   2.624   -1.300  1.00 42.57 ? 18  TYR A CD2 1 
ATOM   138  C  CE1 . TYR A 1 19  ? 6.872   4.818   -2.936  1.00 44.21 ? 18  TYR A CE1 1 
ATOM   139  C  CE2 . TYR A 1 19  ? 6.096   3.888   -0.890  1.00 43.55 ? 18  TYR A CE2 1 
ATOM   140  C  CZ  . TYR A 1 19  ? 6.276   4.977   -1.723  1.00 41.04 ? 18  TYR A CZ  1 
ATOM   141  O  OH  . TYR A 1 19  ? 5.869   6.255   -1.370  1.00 47.75 ? 18  TYR A OH  1 
ATOM   142  N  N   . ASP A 1 20  ? 9.287   -1.183  -4.295  1.00 19.53 ? 19  ASP A N   1 
ATOM   143  C  CA  . ASP A 1 20  ? 10.022  -2.410  -4.133  1.00 19.23 ? 19  ASP A CA  1 
ATOM   144  C  C   . ASP A 1 20  ? 11.449  -2.233  -4.711  1.00 19.64 ? 19  ASP A C   1 
ATOM   145  O  O   . ASP A 1 20  ? 12.452  -2.604  -4.069  1.00 19.25 ? 19  ASP A O   1 
ATOM   146  C  CB  . ASP A 1 20  ? 9.267   -3.552  -4.808  1.00 17.95 ? 19  ASP A CB  1 
ATOM   147  C  CG  . ASP A 1 20  ? 9.940   -4.908  -4.603  1.00 22.00 ? 19  ASP A CG  1 
ATOM   148  O  OD1 . ASP A 1 20  ? 10.203  -5.264  -3.438  1.00 22.24 ? 19  ASP A OD1 1 
ATOM   149  O  OD2 . ASP A 1 20  ? 10.177  -5.624  -5.615  1.00 26.24 ? 19  ASP A OD2 1 
ATOM   150  N  N   . ASN A 1 21  ? 11.570  -1.646  -5.912  1.00 18.41 ? 20  ASN A N   1 
ATOM   151  C  CA  . ASN A 1 21  ? 12.907  -1.443  -6.487  1.00 18.67 ? 20  ASN A CA  1 
ATOM   152  C  C   . ASN A 1 21  ? 13.776  -0.433  -5.666  1.00 18.49 ? 20  ASN A C   1 
ATOM   153  O  O   . ASN A 1 21  ? 14.942  -0.641  -5.367  1.00 19.68 ? 20  ASN A O   1 
ATOM   154  C  CB  . ASN A 1 21  ? 12.800  -0.948  -7.964  1.00 21.17 ? 20  ASN A CB  1 
ATOM   155  C  CG  . ASN A 1 21  ? 12.370  -2.036  -8.924  1.00 23.94 ? 20  ASN A CG  1 
ATOM   156  O  OD1 . ASN A 1 21  ? 12.359  -3.223  -8.580  1.00 24.88 ? 20  ASN A OD1 1 
ATOM   157  N  ND2 . ASN A 1 21  ? 12.016  -1.645  -10.129 1.00 24.41 ? 20  ASN A ND2 1 
ATOM   158  N  N   . LEU A 1 22  ? 13.166  0.697   -5.350  1.00 19.48 ? 21  LEU A N   1 
ATOM   159  C  CA  . LEU A 1 22  ? 13.842  1.759   -4.625  1.00 22.10 ? 21  LEU A CA  1 
ATOM   160  C  C   . LEU A 1 22  ? 14.299  1.247   -3.292  1.00 21.10 ? 21  LEU A C   1 
ATOM   161  O  O   . LEU A 1 22  ? 15.388  1.544   -2.865  1.00 20.59 ? 21  LEU A O   1 
ATOM   162  C  CB  . LEU A 1 22  ? 12.916  2.989   -4.482  1.00 21.03 ? 21  LEU A CB  1 
ATOM   163  C  CG  . LEU A 1 22  ? 12.636  3.749   -5.791  1.00 18.94 ? 21  LEU A CG  1 
ATOM   164  C  CD1 . LEU A 1 22  ? 11.399  4.680   -5.591  1.00 25.65 ? 21  LEU A CD1 1 
ATOM   165  C  CD2 . LEU A 1 22  ? 13.823  4.568   -6.334  1.00 24.39 ? 21  LEU A CD2 1 
ATOM   166  N  N   . SER A 1 23  ? 13.494  0.413   -2.640  1.00 22.00 ? 22  SER A N   1 
ATOM   167  C  CA  . SER A 1 23  ? 13.858  -0.087  -1.318  1.00 24.81 ? 22  SER A CA  1 
ATOM   168  C  C   . SER A 1 23  ? 15.178  -0.869  -1.263  1.00 25.15 ? 22  SER A C   1 
ATOM   169  O  O   . SER A 1 23  ? 15.789  -0.918  -0.219  1.00 23.76 ? 22  SER A O   1 
ATOM   170  C  CB  . SER A 1 23  ? 12.713  -0.927  -0.713  1.00 25.74 ? 22  SER A CB  1 
ATOM   171  O  OG  . SER A 1 23  ? 12.705  -2.205  -1.311  1.00 34.08 ? 22  SER A OG  1 
ATOM   172  N  N   . ARG A 1 24  ? 15.638  -1.456  -2.381  1.00 27.43 ? 23  ARG A N   1 
ATOM   173  C  CA  . ARG A 1 24  ? 16.956  -2.147  -2.450  1.00 26.18 ? 23  ARG A CA  1 
ATOM   174  C  C   . ARG A 1 24  ? 18.150  -1.248  -2.200  1.00 28.15 ? 23  ARG A C   1 
ATOM   175  O  O   . ARG A 1 24  ? 19.211  -1.720  -1.808  1.00 30.09 ? 23  ARG A O   1 
ATOM   176  C  CB  . ARG A 1 24  ? 17.168  -2.825  -3.805  1.00 30.96 ? 23  ARG A CB  1 
ATOM   177  C  CG  . ARG A 1 24  ? 16.002  -3.686  -4.301  1.00 36.55 ? 23  ARG A CG  1 
ATOM   178  C  CD  . ARG A 1 24  ? 15.528  -4.686  -3.308  1.00 46.13 ? 23  ARG A CD  1 
ATOM   179  N  NE  . ARG A 1 24  ? 16.623  -5.517  -2.798  1.00 46.02 ? 23  ARG A NE  1 
ATOM   180  C  CZ  . ARG A 1 24  ? 16.461  -6.412  -1.826  1.00 47.32 ? 23  ARG A CZ  1 
ATOM   181  N  NH1 . ARG A 1 24  ? 15.264  -6.607  -1.289  1.00 38.22 ? 23  ARG A NH1 1 
ATOM   182  N  NH2 . ARG A 1 24  ? 17.491  -7.109  -1.387  1.00 41.69 ? 23  ARG A NH2 1 
ATOM   183  N  N   . GLN A 1 25  ? 17.990  0.046   -2.430  1.00 26.67 ? 24  GLN A N   1 
ATOM   184  C  CA  . GLN A 1 25  ? 19.015  1.013   -2.079  1.00 28.10 ? 24  GLN A CA  1 
ATOM   185  C  C   . GLN A 1 25  ? 18.987  1.520   -0.632  1.00 32.08 ? 24  GLN A C   1 
ATOM   186  O  O   . GLN A 1 25  ? 19.808  2.371   -0.270  1.00 33.14 ? 24  GLN A O   1 
ATOM   187  C  CB  . GLN A 1 25  ? 18.871  2.234   -2.980  1.00 26.38 ? 24  GLN A CB  1 
ATOM   188  C  CG  . GLN A 1 25  ? 19.183  1.959   -4.395  1.00 15.82 ? 24  GLN A CG  1 
ATOM   189  C  CD  . GLN A 1 25  ? 19.196  3.202   -5.186  1.00 13.41 ? 24  GLN A CD  1 
ATOM   190  O  OE1 . GLN A 1 25  ? 20.246  3.770   -5.478  1.00 16.43 ? 24  GLN A OE1 1 
ATOM   191  N  NE2 . GLN A 1 25  ? 18.049  3.648   -5.518  1.00 15.87 ? 24  GLN A NE2 1 
ATOM   192  N  N   . SER A 1 26  ? 18.051  1.060   0.183   1.00 34.67 ? 25  SER A N   1 
ATOM   193  C  CA  . SER A 1 26  ? 17.985  1.516   1.572   1.00 38.17 ? 25  SER A CA  1 
ATOM   194  C  C   . SER A 1 26  ? 19.285  1.132   2.306   1.00 41.81 ? 25  SER A C   1 
ATOM   195  O  O   . SER A 1 26  ? 19.954  0.149   1.965   1.00 38.16 ? 25  SER A O   1 
ATOM   196  C  CB  . SER A 1 26  ? 16.763  0.929   2.294   1.00 40.64 ? 25  SER A CB  1 
ATOM   197  O  OG  . SER A 1 26  ? 16.901  0.928   3.716   1.00 47.03 ? 25  SER A OG  1 
ATOM   198  N  N   . PRO A 1 27  ? 19.665  1.947   3.300   1.00 46.70 ? 26  PRO A N   1 
ATOM   199  C  CA  . PRO A 1 27  ? 20.766  1.543   4.156   1.00 49.18 ? 26  PRO A CA  1 
ATOM   200  C  C   . PRO A 1 27  ? 20.283  0.417   5.098   1.00 50.64 ? 26  PRO A C   1 
ATOM   201  O  O   . PRO A 1 27  ? 21.045  -0.533  5.380   1.00 52.09 ? 26  PRO A O   1 
ATOM   202  C  CB  . PRO A 1 27  ? 21.119  2.842   4.908   1.00 50.00 ? 26  PRO A CB  1 
ATOM   203  C  CG  . PRO A 1 27  ? 19.846  3.639   4.931   1.00 46.09 ? 26  PRO A CG  1 
ATOM   204  C  CD  . PRO A 1 27  ? 19.100  3.261   3.684   1.00 47.33 ? 26  PRO A CD  1 
ATOM   205  N  N   . GLU A 1 28  ? 19.031  0.529   5.544   1.00 48.40 ? 27  GLU A N   1 
ATOM   206  C  CA  . GLU A 1 28  ? 18.403  -0.474  6.379   1.00 50.86 ? 27  GLU A CA  1 
ATOM   207  C  C   . GLU A 1 28  ? 18.463  -1.852  5.719   1.00 51.44 ? 27  GLU A C   1 
ATOM   208  O  O   . GLU A 1 28  ? 18.442  -1.960  4.488   1.00 51.84 ? 27  GLU A O   1 
ATOM   209  C  CB  . GLU A 1 28  ? 16.948  -0.093  6.641   1.00 51.73 ? 27  GLU A CB  1 
ATOM   210  N  N   . THR A 1 29  ? 18.538  -2.896  6.550   1.00 51.90 ? 28  THR A N   1 
ATOM   211  C  CA  . THR A 1 29  ? 18.622  -4.302  6.083   1.00 52.58 ? 28  THR A CA  1 
ATOM   212  C  C   . THR A 1 29  ? 17.577  -4.626  5.024   1.00 47.88 ? 28  THR A C   1 
ATOM   213  O  O   . THR A 1 29  ? 16.375  -4.341  5.190   1.00 50.45 ? 28  THR A O   1 
ATOM   214  C  CB  . THR A 1 29  ? 18.476  -5.333  7.259   1.00 53.66 ? 28  THR A CB  1 
ATOM   215  O  OG1 . THR A 1 29  ? 19.240  -4.870  8.377   1.00 59.06 ? 28  THR A OG1 1 
ATOM   216  C  CG2 . THR A 1 29  ? 18.970  -6.750  6.856   1.00 50.00 ? 28  THR A CG2 1 
ATOM   217  N  N   . ASN A 1 30  ? 18.055  -5.212  3.933   1.00 43.37 ? 29  ASN A N   1 
ATOM   218  C  CA  . ASN A 1 30  ? 17.177  -5.598  2.849   1.00 40.90 ? 29  ASN A CA  1 
ATOM   219  C  C   . ASN A 1 30  ? 16.845  -7.081  2.908   1.00 35.96 ? 29  ASN A C   1 
ATOM   220  O  O   . ASN A 1 30  ? 17.712  -7.957  2.867   1.00 36.72 ? 29  ASN A O   1 
ATOM   221  C  CB  . ASN A 1 30  ? 17.780  -5.235  1.495   1.00 40.20 ? 29  ASN A CB  1 
ATOM   222  C  CG  . ASN A 1 30  ? 17.557  -3.797  1.141   1.00 42.06 ? 29  ASN A CG  1 
ATOM   223  O  OD1 . ASN A 1 30  ? 18.477  -3.019  1.158   1.00 37.21 ? 29  ASN A OD1 1 
ATOM   224  N  ND2 . ASN A 1 30  ? 16.319  -3.438  0.827   1.00 54.35 ? 29  ASN A ND2 1 
ATOM   225  N  N   . TYR A 1 31  ? 15.568  -7.341  3.014   1.00 32.68 ? 30  TYR A N   1 
ATOM   226  C  CA  . TYR A 1 31  ? 15.055  -8.695  2.888   1.00 31.47 ? 30  TYR A CA  1 
ATOM   227  C  C   . TYR A 1 31  ? 14.524  -8.922  1.494   1.00 27.91 ? 30  TYR A C   1 
ATOM   228  O  O   . TYR A 1 31  ? 14.205  -7.952  0.804   1.00 28.24 ? 30  TYR A O   1 
ATOM   229  C  CB  . TYR A 1 31  ? 13.971  -8.859  3.918   1.00 31.40 ? 30  TYR A CB  1 
ATOM   230  C  CG  . TYR A 1 31  ? 14.528  -8.661  5.317   1.00 35.72 ? 30  TYR A CG  1 
ATOM   231  C  CD1 . TYR A 1 31  ? 15.507  -9.510  5.814   1.00 30.67 ? 30  TYR A CD1 1 
ATOM   232  C  CD2 . TYR A 1 31  ? 14.062  -7.638  6.140   1.00 41.43 ? 30  TYR A CD2 1 
ATOM   233  C  CE1 . TYR A 1 31  ? 16.007  -9.347  7.075   1.00 35.70 ? 30  TYR A CE1 1 
ATOM   234  C  CE2 . TYR A 1 31  ? 14.561  -7.475  7.423   1.00 41.38 ? 30  TYR A CE2 1 
ATOM   235  C  CZ  . TYR A 1 31  ? 15.527  -8.335  7.877   1.00 36.88 ? 30  TYR A CZ  1 
ATOM   236  O  OH  . TYR A 1 31  ? 16.046  -8.180  9.147   1.00 46.70 ? 30  TYR A OH  1 
ATOM   237  N  N   . GLU A 1 32  ? 14.449  -10.184 1.082   1.00 25.08 ? 31  GLU A N   1 
ATOM   238  C  CA  . GLU A 1 32  ? 13.762  -10.589 -0.126  1.00 22.22 ? 31  GLU A CA  1 
ATOM   239  C  C   . GLU A 1 32  ? 12.303  -10.161 -0.005  1.00 21.34 ? 31  GLU A C   1 
ATOM   240  O  O   . GLU A 1 32  ? 11.728  -10.156 1.086   1.00 17.70 ? 31  GLU A O   1 
ATOM   241  C  CB  . GLU A 1 32  ? 13.810  -12.094 -0.336  1.00 26.87 ? 31  GLU A CB  1 
ATOM   242  C  CG  . GLU A 1 32  ? 15.154  -12.626 -0.793  1.00 42.22 ? 31  GLU A CG  1 
ATOM   243  C  CD  . GLU A 1 32  ? 15.231  -12.817 -2.282  1.00 58.51 ? 31  GLU A CD  1 
ATOM   244  O  OE1 . GLU A 1 32  ? 14.281  -13.409 -2.852  1.00 75.69 ? 31  GLU A OE1 1 
ATOM   245  O  OE2 . GLU A 1 32  ? 16.252  -12.398 -2.875  1.00 73.10 ? 31  GLU A OE2 1 
ATOM   246  N  N   . THR A 1 33  ? 11.765  -9.712  -1.136  1.00 21.70 ? 32  THR A N   1 
ATOM   247  C  CA  . THR A 1 33  ? 10.433  -9.155  -1.173  1.00 22.33 ? 32  THR A CA  1 
ATOM   248  C  C   . THR A 1 33  ? 9.607   -9.851  -2.219  1.00 22.62 ? 32  THR A C   1 
ATOM   249  O  O   . THR A 1 33  ? 10.133  -10.595 -3.063  1.00 24.66 ? 32  THR A O   1 
ATOM   250  C  CB  . THR A 1 33  ? 10.472  -7.644  -1.460  1.00 23.11 ? 32  THR A CB  1 
ATOM   251  O  OG1 . THR A 1 33  ? 11.111  -7.418  -2.713  1.00 25.63 ? 32  THR A OG1 1 
ATOM   252  C  CG2 . THR A 1 33  ? 11.167  -6.868  -0.297  1.00 24.62 ? 32  THR A CG2 1 
ATOM   253  N  N   A CYS A 1 34  ? 8.294   -9.692  -2.126  0.50 21.69 ? 33  CYS A N   1 
ATOM   254  N  N   B CYS A 1 34  ? 8.302   -9.651  -2.171  0.50 22.38 ? 33  CYS A N   1 
ATOM   255  C  CA  A CYS A 1 34  ? 7.357   -10.252 -3.107  0.50 19.53 ? 33  CYS A CA  1 
ATOM   256  C  CA  B CYS A 1 34  ? 7.434   -10.169 -3.223  0.50 20.88 ? 33  CYS A CA  1 
ATOM   257  C  C   A CYS A 1 34  ? 6.313   -9.159  -3.392  0.50 18.93 ? 33  CYS A C   1 
ATOM   258  C  C   B CYS A 1 34  ? 6.235   -9.251  -3.392  0.50 20.18 ? 33  CYS A C   1 
ATOM   259  O  O   A CYS A 1 34  ? 5.954   -8.387  -2.484  0.50 18.96 ? 33  CYS A O   1 
ATOM   260  O  O   B CYS A 1 34  ? 5.655   -8.735  -2.417  0.50 21.81 ? 33  CYS A O   1 
ATOM   261  C  CB  A CYS A 1 34  ? 6.690   -11.535 -2.565  0.50 19.20 ? 33  CYS A CB  1 
ATOM   262  C  CB  B CYS A 1 34  ? 7.000   -11.611 -2.936  0.50 19.92 ? 33  CYS A CB  1 
ATOM   263  S  SG  A CYS A 1 34  ? 7.718   -13.110 -2.472  0.50 18.46 ? 33  CYS A SG  1 
ATOM   264  S  SG  B CYS A 1 34  ? 8.169   -12.917 -3.499  0.50 24.82 ? 33  CYS A SG  1 
ATOM   265  N  N   . LEU A 1 35  ? 5.885   -9.059  -4.651  1.00 20.30 ? 34  LEU A N   1 
ATOM   266  C  CA  . LEU A 1 35  ? 4.741   -8.263  -5.039  1.00 20.73 ? 34  LEU A CA  1 
ATOM   267  C  C   . LEU A 1 35  ? 3.601   -9.212  -5.408  1.00 21.78 ? 34  LEU A C   1 
ATOM   268  O  O   . LEU A 1 35  ? 3.798   -10.234 -6.127  1.00 20.20 ? 34  LEU A O   1 
ATOM   269  C  CB  . LEU A 1 35  ? 5.118   -7.394  -6.219  1.00 22.29 ? 34  LEU A CB  1 
ATOM   270  C  CG  . LEU A 1 35  ? 6.104   -6.242  -5.903  1.00 19.26 ? 34  LEU A CG  1 
ATOM   271  C  CD1 . LEU A 1 35  ? 6.566   -5.674  -7.223  1.00 23.71 ? 34  LEU A CD1 1 
ATOM   272  C  CD2 . LEU A 1 35  ? 5.526   -5.120  -4.953  1.00 16.24 ? 34  LEU A CD2 1 
ATOM   273  N  N   . VAL A 1 36  ? 2.391   -8.878  -4.991  1.00 20.84 ? 35  VAL A N   1 
ATOM   274  C  CA  . VAL A 1 36  ? 1.243   -9.732  -5.309  1.00 17.87 ? 35  VAL A CA  1 
ATOM   275  C  C   . VAL A 1 36  ? 0.058   -8.871  -5.729  1.00 20.27 ? 35  VAL A C   1 
ATOM   276  O  O   . VAL A 1 36  ? -0.600  -8.257  -4.884  1.00 20.79 ? 35  VAL A O   1 
ATOM   277  C  CB  . VAL A 1 36  ? 0.803   -10.626 -4.116  1.00 16.70 ? 35  VAL A CB  1 
ATOM   278  C  CG1 . VAL A 1 36  ? -0.110  -11.782 -4.617  1.00 19.18 ? 35  VAL A CG1 1 
ATOM   279  C  CG2 . VAL A 1 36  ? 2.027   -11.202 -3.331  1.00 14.52 ? 35  VAL A CG2 1 
ATOM   280  N  N   . PHE A 1 37  ? -0.175  -8.797  -7.027  1.00 16.14 ? 36  PHE A N   1 
ATOM   281  C  CA  . PHE A 1 37  ? -1.206  -7.951  -7.600  1.00 16.35 ? 36  PHE A CA  1 
ATOM   282  C  C   . PHE A 1 37  ? -2.330  -8.789  -8.213  1.00 20.89 ? 36  PHE A C   1 
ATOM   283  O  O   . PHE A 1 37  ? -2.083  -9.566  -9.153  1.00 23.68 ? 36  PHE A O   1 
ATOM   284  C  CB  . PHE A 1 37  ? -0.624  -7.082  -8.703  1.00 20.64 ? 36  PHE A CB  1 
ATOM   285  C  CG  . PHE A 1 37  ? 0.538   -6.213  -8.283  1.00 18.27 ? 36  PHE A CG  1 
ATOM   286  C  CD1 . PHE A 1 37  ? 0.675   -5.719  -6.981  1.00 19.97 ? 36  PHE A CD1 1 
ATOM   287  C  CD2 . PHE A 1 37  ? 1.453   -5.816  -9.250  1.00 21.27 ? 36  PHE A CD2 1 
ATOM   288  C  CE1 . PHE A 1 37  ? 1.747   -4.895  -6.658  1.00 20.69 ? 36  PHE A CE1 1 
ATOM   289  C  CE2 . PHE A 1 37  ? 2.479   -4.989  -8.934  1.00 24.03 ? 36  PHE A CE2 1 
ATOM   290  C  CZ  . PHE A 1 37  ? 2.627   -4.519  -7.635  1.00 19.87 ? 36  PHE A CZ  1 
ATOM   291  N  N   . ASP A 1 38  ? -3.562  -8.594  -7.729  1.00 17.82 ? 37  ASP A N   1 
ATOM   292  C  CA  . ASP A 1 38  ? -4.728  -9.330  -8.240  1.00 20.64 ? 37  ASP A CA  1 
ATOM   293  C  C   . ASP A 1 38  ? -5.817  -8.340  -8.630  1.00 18.95 ? 37  ASP A C   1 
ATOM   294  O  O   . ASP A 1 38  ? -6.481  -7.771  -7.763  1.00 18.94 ? 37  ASP A O   1 
ATOM   295  C  CB  . ASP A 1 38  ? -5.201  -10.300 -7.122  1.00 15.82 ? 37  ASP A CB  1 
ATOM   296  C  CG  . ASP A 1 38  ? -6.392  -11.148 -7.513  1.00 20.72 ? 37  ASP A CG  1 
ATOM   297  O  OD1 . ASP A 1 38  ? -7.124  -10.839 -8.518  1.00 22.41 ? 37  ASP A OD1 1 
ATOM   298  O  OD2 . ASP A 1 38  ? -6.613  -12.135 -6.756  1.00 21.53 ? 37  ASP A OD2 1 
ATOM   299  N  N   . GLU A 1 39  ? -6.000  -8.141  -9.940  1.00 21.93 ? 38  GLU A N   1 
ATOM   300  C  CA  . GLU A 1 39  ? -6.961  -7.183  -10.468 1.00 24.73 ? 38  GLU A CA  1 
ATOM   301  C  C   . GLU A 1 39  ? -8.368  -7.721  -10.505 1.00 25.19 ? 38  GLU A C   1 
ATOM   302  O  O   . GLU A 1 39  ? -9.306  -6.952  -10.717 1.00 29.48 ? 38  GLU A O   1 
ATOM   303  C  CB  . GLU A 1 39  ? -6.502  -6.674  -11.852 1.00 24.90 ? 38  GLU A CB  1 
ATOM   304  C  CG  . GLU A 1 39  ? -5.063  -6.155  -11.785 1.00 30.36 ? 38  GLU A CG  1 
ATOM   305  C  CD  . GLU A 1 39  ? -4.538  -5.456  -13.033 1.00 37.86 ? 38  GLU A CD  1 
ATOM   306  O  OE1 . GLU A 1 39  ? -5.255  -4.620  -13.660 1.00 48.53 ? 38  GLU A OE1 1 
ATOM   307  O  OE2 . GLU A 1 39  ? -3.351  -5.742  -13.334 1.00 54.20 ? 38  GLU A OE2 1 
ATOM   308  N  N   . ASN A 1 40  ? -8.557  -9.025  -10.279 1.00 23.15 ? 39  ASN A N   1 
ATOM   309  C  CA  . ASN A 1 40  ? -9.930  -9.590  -10.191 1.00 23.90 ? 39  ASN A CA  1 
ATOM   310  C  C   . ASN A 1 40  ? -10.528 -9.430  -8.790  1.00 22.73 ? 39  ASN A C   1 
ATOM   311  O  O   . ASN A 1 40  ? -11.644 -8.968  -8.646  1.00 23.13 ? 39  ASN A O   1 
ATOM   312  C  CB  . ASN A 1 40  ? -9.936  -11.043 -10.613 1.00 24.38 ? 39  ASN A CB  1 
ATOM   313  C  CG  . ASN A 1 40  ? -9.382  -11.239 -12.022 1.00 38.23 ? 39  ASN A CG  1 
ATOM   314  O  OD1 . ASN A 1 40  ? -8.306  -11.824 -12.212 1.00 44.73 ? 39  ASN A OD1 1 
ATOM   315  N  ND2 . ASN A 1 40  ? -10.105 -10.729 -13.011 1.00 42.49 ? 39  ASN A ND2 1 
ATOM   316  N  N   . HIS A 1 41  ? -9.767  -9.771  -7.757  1.00 21.44 ? 40  HIS A N   1 
ATOM   317  C  CA  . HIS A 1 41  ? -10.163 -9.505  -6.378  1.00 19.65 ? 40  HIS A CA  1 
ATOM   318  C  C   . HIS A 1 41  ? -9.789  -8.068  -5.954  1.00 19.20 ? 40  HIS A C   1 
ATOM   319  O  O   . HIS A 1 41  ? -10.182 -7.624  -4.899  1.00 21.05 ? 40  HIS A O   1 
ATOM   320  C  CB  . HIS A 1 41  ? -9.528  -10.526 -5.404  1.00 18.44 ? 40  HIS A CB  1 
ATOM   321  C  CG  . HIS A 1 41  ? -9.924  -11.945 -5.667  1.00 19.71 ? 40  HIS A CG  1 
ATOM   322  N  ND1 . HIS A 1 41  ? -9.092  -12.840 -6.311  1.00 21.04 ? 40  HIS A ND1 1 
ATOM   323  C  CD2 . HIS A 1 41  ? -11.081 -12.611 -5.425  1.00 27.40 ? 40  HIS A CD2 1 
ATOM   324  C  CE1 . HIS A 1 41  ? -9.711  -14.010 -6.421  1.00 23.50 ? 40  HIS A CE1 1 
ATOM   325  N  NE2 . HIS A 1 41  ? -10.923 -13.892 -5.905  1.00 24.99 ? 40  HIS A NE2 1 
ATOM   326  N  N   . ASP A 1 42  ? -9.025  -7.350  -6.778  1.00 22.31 ? 41  ASP A N   1 
ATOM   327  C  CA  . ASP A 1 42  ? -8.573  -5.977  -6.475  1.00 21.98 ? 41  ASP A CA  1 
ATOM   328  C  C   . ASP A 1 42  ? -7.840  -5.845  -5.154  1.00 18.91 ? 41  ASP A C   1 
ATOM   329  O  O   . ASP A 1 42  ? -8.103  -4.955  -4.359  1.00 20.63 ? 41  ASP A O   1 
ATOM   330  C  CB  . ASP A 1 42  ? -9.767  -4.993  -6.575  1.00 22.85 ? 41  ASP A CB  1 
ATOM   331  C  CG  . ASP A 1 42  ? -9.836  -4.293  -7.899  1.00 26.03 ? 41  ASP A CG  1 
ATOM   332  O  OD1 . ASP A 1 42  ? -8.798  -4.129  -8.564  1.00 27.72 ? 41  ASP A OD1 1 
ATOM   333  O  OD2 . ASP A 1 42  ? -10.935 -3.863  -8.262  1.00 24.22 ? 41  ASP A OD2 1 
ATOM   334  N  N   . ASN A 1 43  ? -6.869  -6.726  -4.935  1.00 18.87 ? 42  ASN A N   1 
ATOM   335  C  CA  . ASN A 1 43  ? -5.961  -6.663  -3.806  1.00 18.26 ? 42  ASN A CA  1 
ATOM   336  C  C   . ASN A 1 43  ? -4.519  -6.587  -4.332  1.00 19.97 ? 42  ASN A C   1 
ATOM   337  O  O   . ASN A 1 43  ? -4.167  -7.258  -5.327  1.00 17.19 ? 42  ASN A O   1 
ATOM   338  C  CB  . ASN A 1 43  ? -6.098  -7.937  -2.922  1.00 18.93 ? 42  ASN A CB  1 
ATOM   339  C  CG  . ASN A 1 43  ? -7.310  -7.922  -1.978  1.00 25.32 ? 42  ASN A CG  1 
ATOM   340  O  OD1 . ASN A 1 43  ? -7.299  -7.313  -0.925  1.00 24.33 ? 42  ASN A OD1 1 
ATOM   341  N  ND2 . ASN A 1 43  ? -8.316  -8.680  -2.328  1.00 27.17 ? 42  ASN A ND2 1 
ATOM   342  N  N   . TYR A 1 44  ? -3.713  -5.760  -3.666  1.00 15.92 ? 43  TYR A N   1 
ATOM   343  C  CA  . TYR A 1 44  ? -2.361  -5.476  -4.042  1.00 17.98 ? 43  TYR A CA  1 
ATOM   344  C  C   . TYR A 1 44  ? -1.476  -5.479  -2.810  1.00 20.44 ? 43  TYR A C   1 
ATOM   345  O  O   . TYR A 1 44  ? -1.717  -4.711  -1.855  1.00 21.08 ? 43  TYR A O   1 
ATOM   346  C  CB  . TYR A 1 44  ? -2.311  -4.110  -4.760  1.00 18.12 ? 43  TYR A CB  1 
ATOM   347  C  CG  . TYR A 1 44  ? -3.314  -4.073  -5.899  1.00 17.13 ? 43  TYR A CG  1 
ATOM   348  C  CD1 . TYR A 1 44  ? -2.983  -4.539  -7.157  1.00 19.30 ? 43  TYR A CD1 1 
ATOM   349  C  CD2 . TYR A 1 44  ? -4.612  -3.660  -5.686  1.00 21.56 ? 43  TYR A CD2 1 
ATOM   350  C  CE1 . TYR A 1 44  ? -3.919  -4.550  -8.198  1.00 25.87 ? 43  TYR A CE1 1 
ATOM   351  C  CE2 . TYR A 1 44  ? -5.550  -3.668  -6.708  1.00 22.77 ? 43  TYR A CE2 1 
ATOM   352  C  CZ  . TYR A 1 44  ? -5.184  -4.096  -7.970  1.00 20.27 ? 43  TYR A CZ  1 
ATOM   353  O  OH  . TYR A 1 44  ? -6.100  -4.117  -8.999  1.00 21.18 ? 43  TYR A OH  1 
ATOM   354  N  N   . LEU A 1 45  ? -0.464  -6.346  -2.792  1.00 17.56 ? 44  LEU A N   1 
ATOM   355  C  CA  . LEU A 1 45  ? 0.449   -6.430  -1.638  1.00 16.78 ? 44  LEU A CA  1 
ATOM   356  C  C   . LEU A 1 45  ? 1.927   -6.323  -2.018  1.00 17.84 ? 44  LEU A C   1 
ATOM   357  O  O   . LEU A 1 45  ? 2.332   -6.723  -3.092  1.00 17.66 ? 44  LEU A O   1 
ATOM   358  C  CB  . LEU A 1 45  ? 0.248   -7.725  -0.847  1.00 22.60 ? 44  LEU A CB  1 
ATOM   359  C  CG  . LEU A 1 45  ? -1.112  -7.761  -0.087  1.00 22.65 ? 44  LEU A CG  1 
ATOM   360  C  CD1 . LEU A 1 45  ? -2.232  -8.379  -0.924  1.00 26.28 ? 44  LEU A CD1 1 
ATOM   361  C  CD2 . LEU A 1 45  ? -1.039  -8.429  1.228   1.00 27.16 ? 44  LEU A CD2 1 
ATOM   362  N  N   . TRP A 1 46  ? 2.677   -5.790  -1.072  1.00 17.99 ? 45  TRP A N   1 
ATOM   363  C  CA  . TRP A 1 46  ? 4.143   -5.751  -1.066  1.00 16.30 ? 45  TRP A CA  1 
ATOM   364  C  C   . TRP A 1 46  ? 4.582   -6.376  0.261   1.00 20.21 ? 45  TRP A C   1 
ATOM   365  O  O   . TRP A 1 46  ? 4.264   -5.883  1.368   1.00 17.15 ? 45  TRP A O   1 
ATOM   366  C  CB  . TRP A 1 46  ? 4.628   -4.310  -1.230  1.00 17.96 ? 45  TRP A CB  1 
ATOM   367  C  CG  . TRP A 1 46  ? 6.096   -4.138  -1.222  1.00 14.64 ? 45  TRP A CG  1 
ATOM   368  C  CD1 . TRP A 1 46  ? 7.036   -5.015  -1.693  1.00 20.72 ? 45  TRP A CD1 1 
ATOM   369  C  CD2 . TRP A 1 46  ? 6.817   -2.987  -0.760  1.00 19.71 ? 45  TRP A CD2 1 
ATOM   370  N  NE1 . TRP A 1 46  ? 8.324   -4.470  -1.528  1.00 21.15 ? 45  TRP A NE1 1 
ATOM   371  C  CE2 . TRP A 1 46  ? 8.203   -3.249  -0.934  1.00 17.95 ? 45  TRP A CE2 1 
ATOM   372  C  CE3 . TRP A 1 46  ? 6.432   -1.783  -0.183  1.00 23.98 ? 45  TRP A CE3 1 
ATOM   373  C  CZ2 . TRP A 1 46  ? 9.196   -2.317  -0.576  1.00 19.66 ? 45  TRP A CZ2 1 
ATOM   374  C  CZ3 . TRP A 1 46  ? 7.415   -0.892  0.190   1.00 23.84 ? 45  TRP A CZ3 1 
ATOM   375  C  CH2 . TRP A 1 46  ? 8.777   -1.171  -0.005  1.00 22.10 ? 45  TRP A CH2 1 
ATOM   376  N  N   . LEU A 1 47  ? 5.290   -7.496  0.128   1.00 18.72 ? 46  LEU A N   1 
ATOM   377  C  CA  . LEU A 1 47  ? 5.651   -8.377  1.262   1.00 18.48 ? 46  LEU A CA  1 
ATOM   378  C  C   . LEU A 1 47  ? 7.165   -8.581  1.399   1.00 16.54 ? 46  LEU A C   1 
ATOM   379  O  O   . LEU A 1 47  ? 7.911   -8.588  0.395   1.00 17.59 ? 46  LEU A O   1 
ATOM   380  C  CB  . LEU A 1 47  ? 5.051   -9.767  1.017   1.00 21.38 ? 46  LEU A CB  1 
ATOM   381  C  CG  . LEU A 1 47  ? 3.597   -9.923  0.632   1.00 21.59 ? 46  LEU A CG  1 
ATOM   382  C  CD1 . LEU A 1 47  ? 3.291   -11.368 0.304   1.00 18.22 ? 46  LEU A CD1 1 
ATOM   383  C  CD2 . LEU A 1 47  ? 2.774   -9.379  1.795   1.00 22.55 ? 46  LEU A CD2 1 
ATOM   384  N  N   . ALA A 1 48  ? 7.598   -8.823  2.640   1.00 21.05 ? 47  ALA A N   1 
ATOM   385  C  CA  . ALA A 1 48  ? 8.945   -9.295  2.966   1.00 20.41 ? 47  ALA A CA  1 
ATOM   386  C  C   . ALA A 1 48  ? 8.830   -10.782 3.303   1.00 20.33 ? 47  ALA A C   1 
ATOM   387  O  O   . ALA A 1 48  ? 7.968   -11.174 4.074   1.00 18.80 ? 47  ALA A O   1 
ATOM   388  C  CB  . ALA A 1 48  ? 9.505   -8.503  4.157   1.00 20.28 ? 47  ALA A CB  1 
ATOM   389  N  N   . VAL A 1 49  ? 9.675   -11.605 2.675   1.00 18.58 ? 48  VAL A N   1 
ATOM   390  C  CA  . VAL A 1 49  ? 9.642   -13.043 2.791   1.00 14.82 ? 48  VAL A CA  1 
ATOM   391  C  C   . VAL A 1 49  ? 11.075  -13.529 2.731   1.00 16.75 ? 48  VAL A C   1 
ATOM   392  O  O   . VAL A 1 49  ? 11.660  -13.578 1.647   1.00 20.54 ? 48  VAL A O   1 
ATOM   393  C  CB  . VAL A 1 49  ? 8.900   -13.742 1.607   1.00 16.55 ? 48  VAL A CB  1 
ATOM   394  C  CG1 . VAL A 1 49  ? 8.798   -15.269 1.924   1.00 18.56 ? 48  VAL A CG1 1 
ATOM   395  C  CG2 . VAL A 1 49  ? 7.498   -13.064 1.323   1.00 18.53 ? 48  VAL A CG2 1 
ATOM   396  N  N   . ASP A 1 50  ? 11.647  -13.862 3.871   1.00 19.69 ? 49  ASP A N   1 
ATOM   397  C  CA  . ASP A 1 50  ? 13.083  -14.161 3.940   1.00 21.58 ? 49  ASP A CA  1 
ATOM   398  C  C   . ASP A 1 50  ? 13.428  -14.935 5.239   1.00 20.59 ? 49  ASP A C   1 
ATOM   399  O  O   . ASP A 1 50  ? 12.554  -15.295 6.047   1.00 17.93 ? 49  ASP A O   1 
ATOM   400  C  CB  . ASP A 1 50  ? 13.875  -12.834 3.844   1.00 22.92 ? 49  ASP A CB  1 
ATOM   401  C  CG  . ASP A 1 50  ? 15.256  -12.966 3.121   1.00 25.96 ? 49  ASP A CG  1 
ATOM   402  O  OD1 . ASP A 1 50  ? 15.768  -14.092 2.911   1.00 29.24 ? 49  ASP A OD1 1 
ATOM   403  O  OD2 . ASP A 1 50  ? 15.827  -11.910 2.765   1.00 28.71 ? 49  ASP A OD2 1 
ATOM   404  N  N   . TRP A 1 51  ? 14.711  -15.204 5.392   1.00 21.24 ? 50  TRP A N   1 
ATOM   405  C  CA  . TRP A 1 51  ? 15.284  -15.812 6.580   1.00 23.84 ? 50  TRP A CA  1 
ATOM   406  C  C   . TRP A 1 51  ? 16.439  -14.960 7.106   1.00 23.38 ? 50  TRP A C   1 
ATOM   407  O  O   . TRP A 1 51  ? 17.188  -14.395 6.337   1.00 26.20 ? 50  TRP A O   1 
ATOM   408  C  CB  . TRP A 1 51  ? 15.767  -17.223 6.242   1.00 19.59 ? 50  TRP A CB  1 
ATOM   409  C  CG  . TRP A 1 51  ? 14.636  -18.105 5.959   1.00 18.45 ? 50  TRP A CG  1 
ATOM   410  C  CD1 . TRP A 1 51  ? 14.103  -18.393 4.734   1.00 21.47 ? 50  TRP A CD1 1 
ATOM   411  C  CD2 . TRP A 1 51  ? 13.817  -18.777 6.927   1.00 18.77 ? 50  TRP A CD2 1 
ATOM   412  N  NE1 . TRP A 1 51  ? 13.024  -19.223 4.881   1.00 19.79 ? 50  TRP A NE1 1 
ATOM   413  C  CE2 . TRP A 1 51  ? 12.817  -19.468 6.212   1.00 21.31 ? 50  TRP A CE2 1 
ATOM   414  C  CE3 . TRP A 1 51  ? 13.875  -18.914 8.340   1.00 15.82 ? 50  TRP A CE3 1 
ATOM   415  C  CZ2 . TRP A 1 51  ? 11.851  -20.246 6.847   1.00 20.34 ? 50  TRP A CZ2 1 
ATOM   416  C  CZ3 . TRP A 1 51  ? 12.926  -19.679 8.967   1.00 18.31 ? 50  TRP A CZ3 1 
ATOM   417  C  CH2 . TRP A 1 51  ? 11.924  -20.351 8.216   1.00 19.85 ? 50  TRP A CH2 1 
ATOM   418  N  N   . GLN A 1 52  ? 16.534  -14.848 8.429   1.00 24.32 ? 51  GLN A N   1 
ATOM   419  C  CA  . GLN A 1 52  ? 17.695  -14.237 9.089   1.00 23.49 ? 51  GLN A CA  1 
ATOM   420  C  C   . GLN A 1 52  ? 18.250  -15.322 9.994   1.00 23.35 ? 51  GLN A C   1 
ATOM   421  O  O   . GLN A 1 52  ? 17.720  -15.532 11.074  1.00 20.58 ? 51  GLN A O   1 
ATOM   422  C  CB  . GLN A 1 52  ? 17.270  -12.960 9.851   1.00 24.91 ? 51  GLN A CB  1 
ATOM   423  C  CG  . GLN A 1 52  ? 18.419  -12.111 10.403  1.00 31.35 ? 51  GLN A CG  1 
ATOM   424  C  CD  . GLN A 1 52  ? 19.383  -11.631 9.307   1.00 39.51 ? 51  GLN A CD  1 
ATOM   425  O  OE1 . GLN A 1 52  ? 19.006  -10.853 8.421   1.00 46.37 ? 51  GLN A OE1 1 
ATOM   426  N  NE2 . GLN A 1 52  ? 20.631  -12.093 9.375   1.00 39.03 ? 51  GLN A NE2 1 
ATOM   427  N  N   . GLY A 1 53  ? 19.249  -16.072 9.499   1.00 21.75 ? 52  GLY A N   1 
ATOM   428  C  CA  . GLY A 1 53  ? 19.604  -17.379 10.084  1.00 23.43 ? 52  GLY A CA  1 
ATOM   429  C  C   . GLY A 1 53  ? 18.384  -18.309 10.164  1.00 24.75 ? 52  GLY A C   1 
ATOM   430  O  O   . GLY A 1 53  ? 17.749  -18.611 9.150   1.00 27.55 ? 52  GLY A O   1 
ATOM   431  N  N   . SER A 1 54  ? 17.989  -18.683 11.369  1.00 23.65 ? 53  SER A N   1 
ATOM   432  C  CA  . SER A 1 54  ? 16.819  -19.527 11.546  1.00 26.59 ? 53  SER A CA  1 
ATOM   433  C  C   . SER A 1 54  ? 15.554  -18.753 11.924  1.00 24.04 ? 53  SER A C   1 
ATOM   434  O  O   . SER A 1 54  ? 14.517  -19.340 12.149  1.00 22.67 ? 53  SER A O   1 
ATOM   435  C  CB  . SER A 1 54  ? 17.124  -20.619 12.563  1.00 30.78 ? 53  SER A CB  1 
ATOM   436  O  OG  . SER A 1 54  ? 18.173  -21.431 12.046  1.00 39.91 ? 53  SER A OG  1 
ATOM   437  N  N   . LYS A 1 55  ? 15.647  -17.432 11.958  1.00 19.26 ? 54  LYS A N   1 
ATOM   438  C  CA  . LYS A 1 55  ? 14.495  -16.569 12.173  1.00 20.39 ? 54  LYS A CA  1 
ATOM   439  C  C   . LYS A 1 55  ? 13.747  -16.289 10.871  1.00 19.05 ? 54  LYS A C   1 
ATOM   440  O  O   . LYS A 1 55  ? 14.333  -15.826 9.903   1.00 16.16 ? 54  LYS A O   1 
ATOM   441  C  CB  . LYS A 1 55  ? 14.934  -15.245 12.790  1.00 21.97 ? 54  LYS A CB  1 
ATOM   442  C  CG  . LYS A 1 55  ? 13.742  -14.296 12.998  1.00 32.75 ? 54  LYS A CG  1 
ATOM   443  C  CD  . LYS A 1 55  ? 14.105  -12.973 13.712  1.00 33.75 ? 54  LYS A CD  1 
ATOM   444  C  CE  . LYS A 1 55  ? 12.838  -12.148 14.061  1.00 41.97 ? 54  LYS A CE  1 
ATOM   445  N  NZ  . LYS A 1 55  ? 13.011  -11.340 15.340  1.00 49.47 ? 54  LYS A NZ  1 
ATOM   446  N  N   . ARG A 1 56  ? 12.449  -16.568 10.862  1.00 18.56 ? 55  ARG A N   1 
ATOM   447  C  CA  . ARG A 1 56  ? 11.578  -16.298 9.707   1.00 17.70 ? 55  ARG A CA  1 
ATOM   448  C  C   . ARG A 1 56  ? 11.255  -14.805 9.686   1.00 19.38 ? 55  ARG A C   1 
ATOM   449  O  O   . ARG A 1 56  ? 10.828  -14.257 10.705  1.00 18.54 ? 55  ARG A O   1 
ATOM   450  C  CB  . ARG A 1 56  ? 10.304  -17.135 9.803   1.00 17.07 ? 55  ARG A CB  1 
ATOM   451  C  CG  . ARG A 1 56  ? 9.307   -16.934 8.672   1.00 17.72 ? 55  ARG A CG  1 
ATOM   452  C  CD  . ARG A 1 56  ? 9.973   -17.055 7.350   1.00 17.94 ? 55  ARG A CD  1 
ATOM   453  N  NE  . ARG A 1 56  ? 9.006   -17.443 6.334   1.00 16.12 ? 55  ARG A NE  1 
ATOM   454  C  CZ  . ARG A 1 56  ? 9.291   -17.571 5.063   1.00 22.12 ? 55  ARG A CZ  1 
ATOM   455  N  NH1 . ARG A 1 56  ? 10.485  -17.230 4.586   1.00 16.83 ? 55  ARG A NH1 1 
ATOM   456  N  NH2 . ARG A 1 56  ? 8.349   -18.024 4.260   1.00 20.78 ? 55  ARG A NH2 1 
ATOM   457  N  N   . ILE A 1 57  ? 11.533  -14.160 8.553   1.00 17.89 ? 56  ILE A N   1 
ATOM   458  C  CA  . ILE A 1 57  ? 11.095  -12.813 8.243   1.00 19.66 ? 56  ILE A CA  1 
ATOM   459  C  C   . ILE A 1 57  ? 9.895   -12.905 7.300   1.00 17.85 ? 56  ILE A C   1 
ATOM   460  O  O   . ILE A 1 57  ? 9.998   -13.305 6.108   1.00 19.94 ? 56  ILE A O   1 
ATOM   461  C  CB  . ILE A 1 57  ? 12.214  -11.947 7.542   1.00 19.59 ? 56  ILE A CB  1 
ATOM   462  C  CG1 . ILE A 1 57  ? 13.539  -11.982 8.347   1.00 21.50 ? 56  ILE A CG1 1 
ATOM   463  C  CG2 . ILE A 1 57  ? 11.682  -10.511 7.229   1.00 18.15 ? 56  ILE A CG2 1 
ATOM   464  C  CD1 . ILE A 1 57  ? 13.462  -11.485 9.791   1.00 22.29 ? 56  ILE A CD1 1 
ATOM   465  N  N   . LYS A 1 58  ? 8.737   -12.501 7.804   1.00 18.01 ? 57  LYS A N   1 
ATOM   466  C  CA  . LYS A 1 58  ? 7.551   -12.674 7.042   1.00 16.85 ? 57  LYS A CA  1 
ATOM   467  C  C   . LYS A 1 58  ? 6.575   -11.591 7.471   1.00 23.40 ? 57  LYS A C   1 
ATOM   468  O  O   . LYS A 1 58  ? 5.880   -11.742 8.489   1.00 24.30 ? 57  LYS A O   1 
ATOM   469  C  CB  . LYS A 1 58  ? 6.978   -14.074 7.305   1.00 19.76 ? 57  LYS A CB  1 
ATOM   470  C  CG  . LYS A 1 58  ? 5.896   -14.456 6.337   1.00 17.07 ? 57  LYS A CG  1 
ATOM   471  C  CD  . LYS A 1 58  ? 6.483   -14.771 4.961   1.00 20.98 ? 57  LYS A CD  1 
ATOM   472  C  CE  . LYS A 1 58  ? 5.441   -15.320 3.991   1.00 18.29 ? 57  LYS A CE  1 
ATOM   473  N  NZ  . LYS A 1 58  ? 4.296   -14.475 3.692   1.00 15.63 ? 57  LYS A NZ  1 
ATOM   474  N  N   . TYR A 1 59  ? 6.561   -10.483 6.732   1.00 21.20 ? 58  TYR A N   1 
ATOM   475  C  CA  . TYR A 1 59  ? 5.605   -9.459  7.056   1.00 26.66 ? 58  TYR A CA  1 
ATOM   476  C  C   . TYR A 1 59  ? 5.178   -8.676  5.844   1.00 22.24 ? 58  TYR A C   1 
ATOM   477  O  O   . TYR A 1 59  ? 5.714   -8.861  4.793   1.00 19.33 ? 58  TYR A O   1 
ATOM   478  C  CB  . TYR A 1 59  ? 6.128   -8.577  8.168   1.00 31.69 ? 58  TYR A CB  1 
ATOM   479  C  CG  . TYR A 1 59  ? 7.450   -7.950  7.922   1.00 37.71 ? 58  TYR A CG  1 
ATOM   480  C  CD1 . TYR A 1 59  ? 7.535   -6.762  7.240   1.00 47.34 ? 58  TYR A CD1 1 
ATOM   481  C  CD2 . TYR A 1 59  ? 8.602   -8.490  8.449   1.00 40.28 ? 58  TYR A CD2 1 
ATOM   482  C  CE1 . TYR A 1 59  ? 8.729   -6.144  7.053   1.00 51.48 ? 58  TYR A CE1 1 
ATOM   483  C  CE2 . TYR A 1 59  ? 9.824   -7.878  8.250   1.00 47.17 ? 58  TYR A CE2 1 
ATOM   484  C  CZ  . TYR A 1 59  ? 9.883   -6.696  7.551   1.00 50.09 ? 58  TYR A CZ  1 
ATOM   485  O  OH  . TYR A 1 59  ? 11.099  -6.042  7.328   1.00 58.05 ? 58  TYR A OH  1 
ATOM   486  N  N   . THR A 1 60  ? 4.167   -7.842  6.032   1.00 20.44 ? 59  THR A N   1 
ATOM   487  C  CA  . THR A 1 60  ? 3.507   -7.119  4.939   1.00 20.95 ? 59  THR A CA  1 
ATOM   488  C  C   . THR A 1 60  ? 3.922   -5.647  5.083   1.00 20.56 ? 59  THR A C   1 
ATOM   489  O  O   . THR A 1 60  ? 3.694   -5.052  6.140   1.00 21.40 ? 59  THR A O   1 
ATOM   490  C  CB  . THR A 1 60  ? 1.963   -7.255  5.074   1.00 21.61 ? 59  THR A CB  1 
ATOM   491  O  OG1 . THR A 1 60  ? 1.597   -8.605  4.838   1.00 22.19 ? 59  THR A OG1 1 
ATOM   492  C  CG2 . THR A 1 60  ? 1.225   -6.354  4.070   1.00 19.06 ? 59  THR A CG2 1 
ATOM   493  N  N   . TYR A 1 61  ? 4.570   -5.093  4.061   1.00 16.85 ? 60  TYR A N   1 
ATOM   494  C  CA  . TYR A 1 61  ? 4.861   -3.650  4.022   1.00 18.60 ? 60  TYR A CA  1 
ATOM   495  C  C   . TYR A 1 61  ? 3.630   -2.796  3.725   1.00 19.13 ? 60  TYR A C   1 
ATOM   496  O  O   . TYR A 1 61  ? 3.419   -1.750  4.338   1.00 19.32 ? 60  TYR A O   1 
ATOM   497  C  CB  . TYR A 1 61  ? 5.880   -3.404  2.926   1.00 20.25 ? 60  TYR A CB  1 
ATOM   498  C  CG  . TYR A 1 61  ? 7.256   -3.933  3.217   1.00 20.62 ? 60  TYR A CG  1 
ATOM   499  C  CD1 . TYR A 1 61  ? 7.869   -3.638  4.428   1.00 30.76 ? 60  TYR A CD1 1 
ATOM   500  C  CD2 . TYR A 1 61  ? 7.989   -4.661  2.257   1.00 26.35 ? 60  TYR A CD2 1 
ATOM   501  C  CE1 . TYR A 1 61  ? 9.170   -4.080  4.700   1.00 36.54 ? 60  TYR A CE1 1 
ATOM   502  C  CE2 . TYR A 1 61  ? 9.311   -5.101  2.540   1.00 29.38 ? 60  TYR A CE2 1 
ATOM   503  C  CZ  . TYR A 1 61  ? 9.878   -4.802  3.761   1.00 26.70 ? 60  TYR A CZ  1 
ATOM   504  O  OH  . TYR A 1 61  ? 11.149  -5.220  4.110   1.00 28.84 ? 60  TYR A OH  1 
ATOM   505  N  N   . VAL A 1 62  ? 2.871   -3.239  2.727   1.00 18.73 ? 61  VAL A N   1 
ATOM   506  C  CA  . VAL A 1 62  ? 1.652   -2.563  2.207   1.00 20.09 ? 61  VAL A CA  1 
ATOM   507  C  C   . VAL A 1 62  ? 0.630   -3.569  1.706   1.00 18.08 ? 61  VAL A C   1 
ATOM   508  O  O   . VAL A 1 62  ? 0.946   -4.538  0.978   1.00 16.80 ? 61  VAL A O   1 
ATOM   509  C  CB  . VAL A 1 62  ? 1.906   -1.544  1.047   1.00 17.37 ? 61  VAL A CB  1 
ATOM   510  C  CG1 . VAL A 1 62  ? 0.582   -0.886  0.621   1.00 16.64 ? 61  VAL A CG1 1 
ATOM   511  C  CG2 . VAL A 1 62  ? 2.960   -0.438  1.439   1.00 17.05 ? 61  VAL A CG2 1 
ATOM   512  N  N   . HIS A 1 63  ? -0.605  -3.383  2.141   1.00 17.65 ? 62  HIS A N   1 
ATOM   513  C  CA  . HIS A 1 63  ? -1.744  -4.053  1.531   1.00 17.97 ? 62  HIS A CA  1 
ATOM   514  C  C   . HIS A 1 63  ? -2.727  -2.967  1.145   1.00 17.36 ? 62  HIS A C   1 
ATOM   515  O  O   . HIS A 1 63  ? -3.186  -2.240  2.005   1.00 18.34 ? 62  HIS A O   1 
ATOM   516  C  CB  . HIS A 1 63  ? -2.372  -5.058  2.504   1.00 14.48 ? 62  HIS A CB  1 
ATOM   517  C  CG  . HIS A 1 63  ? -3.566  -5.787  1.970   1.00 16.89 ? 62  HIS A CG  1 
ATOM   518  N  ND1 . HIS A 1 63  ? -4.363  -6.576  2.770   1.00 17.55 ? 62  HIS A ND1 1 
ATOM   519  C  CD2 . HIS A 1 63  ? -4.107  -5.849  0.729   1.00 19.55 ? 62  HIS A CD2 1 
ATOM   520  C  CE1 . HIS A 1 63  ? -5.352  -7.087  2.045   1.00 19.45 ? 62  HIS A CE1 1 
ATOM   521  N  NE2 . HIS A 1 63  ? -5.212  -6.679  0.795   1.00 19.10 ? 62  HIS A NE2 1 
ATOM   522  N  N   . ILE A 1 64  ? -3.057  -2.893  -0.131  1.00 17.15 ? 63  ILE A N   1 
ATOM   523  C  CA  . ILE A 1 64  ? -4.145  -2.044  -0.612  1.00 18.48 ? 63  ILE A CA  1 
ATOM   524  C  C   . ILE A 1 64  ? -5.239  -2.884  -1.291  1.00 19.47 ? 63  ILE A C   1 
ATOM   525  O  O   . ILE A 1 64  ? -4.974  -3.846  -2.019  1.00 18.37 ? 63  ILE A O   1 
ATOM   526  C  CB  . ILE A 1 64  ? -3.577  -1.012  -1.635  1.00 18.06 ? 63  ILE A CB  1 
ATOM   527  C  CG1 . ILE A 1 64  ? -2.663  -0.022  -0.900  1.00 23.89 ? 63  ILE A CG1 1 
ATOM   528  C  CG2 . ILE A 1 64  ? -4.718  -0.347  -2.535  1.00 19.03 ? 63  ILE A CG2 1 
ATOM   529  C  CD1 . ILE A 1 64  ? -1.796  0.771   -1.814  1.00 23.13 ? 63  ILE A CD1 1 
ATOM   530  N  N   . ARG A 1 65  ? -6.480  -2.485  -1.089  1.00 17.82 ? 64  ARG A N   1 
ATOM   531  C  CA  . ARG A 1 65  ? -7.610  -3.077  -1.755  1.00 19.64 ? 64  ARG A CA  1 
ATOM   532  C  C   . ARG A 1 65  ? -8.403  -1.958  -2.430  1.00 20.30 ? 64  ARG A C   1 
ATOM   533  O  O   . ARG A 1 65  ? -8.569  -0.839  -1.874  1.00 22.61 ? 64  ARG A O   1 
ATOM   534  C  CB  . ARG A 1 65  ? -8.443  -3.845  -0.730  1.00 20.77 ? 64  ARG A CB  1 
ATOM   535  C  CG  . ARG A 1 65  ? -9.725  -4.353  -1.278  1.00 28.70 ? 64  ARG A CG  1 
ATOM   536  C  CD  . ARG A 1 65  ? -10.499 -5.091  -0.252  1.00 31.68 ? 64  ARG A CD  1 
ATOM   537  N  NE  . ARG A 1 65  ? -11.593 -5.818  -0.916  1.00 35.53 ? 64  ARG A NE  1 
ATOM   538  C  CZ  . ARG A 1 65  ? -12.584 -6.409  -0.260  1.00 38.41 ? 64  ARG A CZ  1 
ATOM   539  N  NH1 . ARG A 1 65  ? -12.607 -6.385  1.080   1.00 31.35 ? 64  ARG A NH1 1 
ATOM   540  N  NH2 . ARG A 1 65  ? -13.554 -7.028  -0.939  1.00 42.46 ? 64  ARG A NH2 1 
ATOM   541  N  N   . ILE A 1 66  ? -8.867  -2.208  -3.635  1.00 19.56 ? 65  ILE A N   1 
ATOM   542  C  CA  . ILE A 1 66  ? -9.842  -1.283  -4.224  1.00 19.53 ? 65  ILE A CA  1 
ATOM   543  C  C   . ILE A 1 66  ? -11.240 -1.876  -3.920  1.00 19.76 ? 65  ILE A C   1 
ATOM   544  O  O   . ILE A 1 66  ? -11.555 -3.014  -4.335  1.00 18.71 ? 65  ILE A O   1 
ATOM   545  C  CB  . ILE A 1 66  ? -9.645  -1.091  -5.740  1.00 20.49 ? 65  ILE A CB  1 
ATOM   546  C  CG1 . ILE A 1 66  ? -8.257  -0.495  -6.046  1.00 21.09 ? 65  ILE A CG1 1 
ATOM   547  C  CG2 . ILE A 1 66  ? -10.758 -0.213  -6.369  1.00 20.88 ? 65  ILE A CG2 1 
ATOM   548  C  CD1 . ILE A 1 66  ? -7.897  -0.615  -7.542  1.00 21.83 ? 65  ILE A CD1 1 
ATOM   549  N  N   . LYS A 1 67  ? -12.032 -1.088  -3.189  1.00 20.00 ? 66  LYS A N   1 
ATOM   550  C  CA  . LYS A 1 67  ? -13.320 -1.478  -2.628  1.00 22.89 ? 66  LYS A CA  1 
ATOM   551  C  C   . LYS A 1 67  ? -14.199 -0.213  -2.609  1.00 20.72 ? 66  LYS A C   1 
ATOM   552  O  O   . LYS A 1 67  ? -13.720 0.887   -2.259  1.00 19.11 ? 66  LYS A O   1 
ATOM   553  C  CB  . LYS A 1 67  ? -13.057 -1.934  -1.208  1.00 20.32 ? 66  LYS A CB  1 
ATOM   554  C  CG  . LYS A 1 67  ? -14.209 -2.562  -0.435  1.00 32.70 ? 66  LYS A CG  1 
ATOM   555  C  CD  . LYS A 1 67  ? -13.736 -2.749  0.980   1.00 28.97 ? 66  LYS A CD  1 
ATOM   556  C  CE  . LYS A 1 67  ? -14.772 -3.323  1.921   1.00 39.12 ? 66  LYS A CE  1 
ATOM   557  N  NZ  . LYS A 1 67  ? -14.263 -3.135  3.309   1.00 39.88 ? 66  LYS A NZ  1 
ATOM   558  N  N   . ASN A 1 68  ? -15.476 -0.354  -2.972  1.00 17.96 ? 67  ASN A N   1 
ATOM   559  C  CA  . ASN A 1 68  ? -16.413 0.767   -2.902  1.00 18.29 ? 67  ASN A CA  1 
ATOM   560  C  C   . ASN A 1 68  ? -15.924 1.956   -3.759  1.00 16.79 ? 67  ASN A C   1 
ATOM   561  O  O   . ASN A 1 68  ? -16.168 3.091   -3.450  1.00 19.58 ? 67  ASN A O   1 
ATOM   562  C  CB  . ASN A 1 68  ? -16.655 1.127   -1.409  1.00 18.70 ? 67  ASN A CB  1 
ATOM   563  C  CG  . ASN A 1 68  ? -17.237 -0.062  -0.599  1.00 24.12 ? 67  ASN A CG  1 
ATOM   564  O  OD1 . ASN A 1 68  ? -17.997 -0.885  -1.128  1.00 25.62 ? 67  ASN A OD1 1 
ATOM   565  N  ND2 . ASN A 1 68  ? -16.881 -0.144  0.670   1.00 19.38 ? 67  ASN A ND2 1 
ATOM   566  N  N   . GLU A 1 69  ? -15.222 1.628   -4.843  1.00 20.01 ? 68  GLU A N   1 
ATOM   567  C  CA  . GLU A 1 69  ? -14.724 2.579   -5.822  1.00 22.68 ? 68  GLU A CA  1 
ATOM   568  C  C   . GLU A 1 69  ? -13.622 3.501   -5.240  1.00 23.36 ? 68  GLU A C   1 
ATOM   569  O  O   . GLU A 1 69  ? -13.319 4.545   -5.804  1.00 25.02 ? 68  GLU A O   1 
ATOM   570  C  CB  . GLU A 1 69  ? -15.886 3.358   -6.459  1.00 24.15 ? 68  GLU A CB  1 
ATOM   571  C  CG  . GLU A 1 69  ? -16.837 2.517   -7.361  1.00 27.93 ? 68  GLU A CG  1 
ATOM   572  C  CD  . GLU A 1 69  ? -18.020 3.350   -7.925  1.00 28.26 ? 68  GLU A CD  1 
ATOM   573  N  N   . LYS A 1 70  ? -12.981 3.055   -4.150  1.00 20.45 ? 69  LYS A N   1 
ATOM   574  C  CA  . LYS A 1 70  ? -11.975 3.808   -3.437  1.00 20.96 ? 69  LYS A CA  1 
ATOM   575  C  C   . LYS A 1 70  ? -10.751 2.962   -3.103  1.00 17.25 ? 69  LYS A C   1 
ATOM   576  O  O   . LYS A 1 70  ? -10.763 1.758   -3.239  1.00 18.12 ? 69  LYS A O   1 
ATOM   577  C  CB  . LYS A 1 70  ? -12.554 4.374   -2.144  1.00 19.49 ? 69  LYS A CB  1 
ATOM   578  C  CG  . LYS A 1 70  ? -13.587 5.430   -2.413  1.00 23.55 ? 69  LYS A CG  1 
ATOM   579  C  CD  . LYS A 1 70  ? -13.930 6.203   -1.157  1.00 19.84 ? 69  LYS A CD  1 
ATOM   580  C  CE  . LYS A 1 70  ? -15.044 7.205   -1.510  1.00 19.51 ? 69  LYS A CE  1 
ATOM   581  N  NZ  . LYS A 1 70  ? -15.507 7.815   -0.316  1.00 22.89 ? 69  LYS A NZ  1 
ATOM   582  N  N   . ILE A 1 71  ? -9.692  3.643   -2.699  1.00 16.96 ? 70  ILE A N   1 
ATOM   583  C  CA  . ILE A 1 71  ? -8.421  3.009   -2.374  1.00 17.37 ? 70  ILE A CA  1 
ATOM   584  C  C   . ILE A 1 71  ? -8.411  2.794   -0.871  1.00 18.24 ? 70  ILE A C   1 
ATOM   585  O  O   . ILE A 1 71  ? -8.312  3.745   -0.104  1.00 21.11 ? 70  ILE A O   1 
ATOM   586  C  CB  . ILE A 1 71  ? -7.191  3.840   -2.861  1.00 19.38 ? 70  ILE A CB  1 
ATOM   587  C  CG1 . ILE A 1 71  ? -7.254  4.015   -4.388  1.00 18.37 ? 70  ILE A CG1 1 
ATOM   588  C  CG2 . ILE A 1 71  ? -5.887  3.182   -2.358  1.00 18.35 ? 70  ILE A CG2 1 
ATOM   589  C  CD1 . ILE A 1 71  ? -6.099  4.907   -4.987  1.00 18.93 ? 70  ILE A CD1 1 
ATOM   590  N  N   . TYR A 1 72  ? -8.597  1.536   -0.460  1.00 16.98 ? 71  TYR A N   1 
ATOM   591  C  CA  . TYR A 1 72  ? -8.531  1.155   0.944   1.00 18.06 ? 71  TYR A CA  1 
ATOM   592  C  C   . TYR A 1 72  ? -7.121  0.715   1.290   1.00 16.12 ? 71  TYR A C   1 
ATOM   593  O  O   . TYR A 1 72  ? -6.678  -0.353  0.832   1.00 19.59 ? 71  TYR A O   1 
ATOM   594  C  CB  . TYR A 1 72  ? -9.506  0.018   1.255   1.00 18.96 ? 71  TYR A CB  1 
ATOM   595  C  CG  . TYR A 1 72  ? -10.957 0.444   1.480   1.00 19.28 ? 71  TYR A CG  1 
ATOM   596  C  CD1 . TYR A 1 72  ? -11.660 1.163   0.541   1.00 17.95 ? 71  TYR A CD1 1 
ATOM   597  C  CD2 . TYR A 1 72  ? -11.636 0.075   2.654   1.00 21.20 ? 71  TYR A CD2 1 
ATOM   598  C  CE1 . TYR A 1 72  ? -13.002 1.530   0.777   1.00 16.69 ? 71  TYR A CE1 1 
ATOM   599  C  CE2 . TYR A 1 72  ? -12.990 0.451   2.901   1.00 20.09 ? 71  TYR A CE2 1 
ATOM   600  C  CZ  . TYR A 1 72  ? -13.673 1.164   1.940   1.00 19.60 ? 71  TYR A CZ  1 
ATOM   601  O  OH  . TYR A 1 72  ? -15.005 1.534   2.142   1.00 20.07 ? 71  TYR A OH  1 
ATOM   602  N  N   . ILE A 1 73  ? -6.431  1.495   2.115   1.00 16.43 ? 72  ILE A N   1 
ATOM   603  C  CA  . ILE A 1 73  ? -5.088  1.136   2.548   1.00 15.57 ? 72  ILE A CA  1 
ATOM   604  C  C   . ILE A 1 73  ? -5.280  0.296   3.790   1.00 16.71 ? 72  ILE A C   1 
ATOM   605  O  O   . ILE A 1 73  ? -5.622  0.813   4.855   1.00 18.09 ? 72  ILE A O   1 
ATOM   606  C  CB  . ILE A 1 73  ? -4.168  2.368   2.773   1.00 17.35 ? 72  ILE A CB  1 
ATOM   607  C  CG1 . ILE A 1 73  ? -4.120  3.307   1.552   1.00 21.87 ? 72  ILE A CG1 1 
ATOM   608  C  CG2 . ILE A 1 73  ? -2.767  1.872   3.177   1.00 19.38 ? 72  ILE A CG2 1 
ATOM   609  C  CD1 . ILE A 1 73  ? -3.405  4.655   1.795   1.00 21.07 ? 72  ILE A CD1 1 
ATOM   610  N  N   . GLU A 1 74  ? -5.133  -1.025  3.631   1.00 16.81 ? 73  GLU A N   1 
ATOM   611  C  CA  . GLU A 1 74  ? -5.416  -2.013  4.685   1.00 16.68 ? 73  GLU A CA  1 
ATOM   612  C  C   . GLU A 1 74  ? -4.262  -2.185  5.663   1.00 16.68 ? 73  GLU A C   1 
ATOM   613  O  O   . GLU A 1 74  ? -4.467  -2.546  6.831   1.00 17.58 ? 73  GLU A O   1 
ATOM   614  C  CB  . GLU A 1 74  ? -5.845  -3.352  4.093   1.00 19.23 ? 73  GLU A CB  1 
ATOM   615  C  CG  . GLU A 1 74  ? -7.160  -3.296  3.241   1.00 19.41 ? 73  GLU A CG  1 
ATOM   616  C  CD  . GLU A 1 74  ? -8.466  -3.272  4.096   1.00 24.49 ? 73  GLU A CD  1 
ATOM   617  O  OE1 . GLU A 1 74  ? -8.399  -3.252  5.350   1.00 25.40 ? 73  GLU A OE1 1 
ATOM   618  O  OE2 . GLU A 1 74  ? -9.562  -3.266  3.492   1.00 25.86 ? 73  GLU A OE2 1 
ATOM   619  N  N   . GLU A 1 75  ? -3.059  -1.898  5.203   1.00 16.63 ? 74  GLU A N   1 
ATOM   620  C  CA  . GLU A 1 75  ? -1.814  -2.102  5.984   1.00 17.03 ? 74  GLU A CA  1 
ATOM   621  C  C   . GLU A 1 75  ? -0.711  -1.305  5.322   1.00 19.02 ? 74  GLU A C   1 
ATOM   622  O  O   . GLU A 1 75  ? -0.622  -1.241  4.088   1.00 19.82 ? 74  GLU A O   1 
ATOM   623  C  CB  . GLU A 1 75  ? -1.465  -3.593  6.028   1.00 22.11 ? 74  GLU A CB  1 
ATOM   624  C  CG  . GLU A 1 75  ? -0.505  -3.997  7.101   1.00 26.15 ? 74  GLU A CG  1 
ATOM   625  C  CD  . GLU A 1 75  ? -0.478  -5.536  7.344   1.00 27.44 ? 74  GLU A CD  1 
ATOM   626  O  OE1 . GLU A 1 75  ? -1.003  -6.306  6.518   1.00 23.61 ? 74  GLU A OE1 1 
ATOM   627  O  OE2 . GLU A 1 75  ? 0.108   -5.953  8.349   1.00 36.68 ? 74  GLU A OE2 1 
ATOM   628  N  N   . ASP A 1 76  ? 0.076   -0.597  6.137   1.00 20.00 ? 75  ASP A N   1 
ATOM   629  C  CA  . ASP A 1 76  ? 1.093   0.320   5.602   1.00 23.44 ? 75  ASP A CA  1 
ATOM   630  C  C   . ASP A 1 76  ? 2.141   0.590   6.665   1.00 26.27 ? 75  ASP A C   1 
ATOM   631  O  O   . ASP A 1 76  ? 1.881   1.297   7.658   1.00 25.19 ? 75  ASP A O   1 
ATOM   632  C  CB  . ASP A 1 76  ? 0.446   1.616   5.115   1.00 21.56 ? 75  ASP A CB  1 
ATOM   633  C  CG  . ASP A 1 76  ? 1.435   2.559   4.493   1.00 24.59 ? 75  ASP A CG  1 
ATOM   634  O  OD1 . ASP A 1 76  ? 2.644   2.238   4.441   1.00 26.58 ? 75  ASP A OD1 1 
ATOM   635  O  OD2 . ASP A 1 76  ? 0.981   3.638   4.040   1.00 30.67 ? 75  ASP A OD2 1 
ATOM   636  N  N   . TYR A 1 77  ? 3.300   -0.025  6.496   1.00 26.42 ? 76  TYR A N   1 
ATOM   637  C  CA  . TYR A 1 77  ? 4.442   0.245   7.378   1.00 28.44 ? 76  TYR A CA  1 
ATOM   638  C  C   . TYR A 1 77  ? 5.511   1.115   6.753   1.00 29.14 ? 76  TYR A C   1 
ATOM   639  O  O   . TYR A 1 77  ? 6.579   1.171   7.268   1.00 31.03 ? 76  TYR A O   1 
ATOM   640  C  CB  . TYR A 1 77  ? 5.047   -1.057  7.869   1.00 29.09 ? 76  TYR A CB  1 
ATOM   641  C  CG  . TYR A 1 77  ? 4.062   -1.821  8.710   1.00 36.32 ? 76  TYR A CG  1 
ATOM   642  C  CD1 . TYR A 1 77  ? 3.848   -1.491  10.050  1.00 39.50 ? 76  TYR A CD1 1 
ATOM   643  C  CD2 . TYR A 1 77  ? 3.320   -2.830  8.171   1.00 34.53 ? 76  TYR A CD2 1 
ATOM   644  C  CE1 . TYR A 1 77  ? 2.937   -2.173  10.816  1.00 40.09 ? 76  TYR A CE1 1 
ATOM   645  C  CE2 . TYR A 1 77  ? 2.406   -3.522  8.929   1.00 32.37 ? 76  TYR A CE2 1 
ATOM   646  C  CZ  . TYR A 1 77  ? 2.218   -3.189  10.238  1.00 40.72 ? 76  TYR A CZ  1 
ATOM   647  O  OH  . TYR A 1 77  ? 1.311   -3.897  10.950  1.00 47.40 ? 76  TYR A OH  1 
ATOM   648  N  N   . THR A 1 78  ? 5.206   1.836   5.680   1.00 28.53 ? 77  THR A N   1 
ATOM   649  C  CA  . THR A 1 78  ? 6.153   2.743   5.088   1.00 28.34 ? 77  THR A CA  1 
ATOM   650  C  C   . THR A 1 78  ? 6.310   4.009   5.988   1.00 31.17 ? 77  THR A C   1 
ATOM   651  O  O   . THR A 1 78  ? 5.381   4.397   6.705   1.00 29.85 ? 77  THR A O   1 
ATOM   652  C  CB  . THR A 1 78  ? 5.774   3.119   3.639   1.00 26.54 ? 77  THR A CB  1 
ATOM   653  O  OG1 . THR A 1 78  ? 4.636   3.991   3.656   1.00 25.54 ? 77  THR A OG1 1 
ATOM   654  C  CG2 . THR A 1 78  ? 5.481   1.888   2.797   1.00 24.99 ? 77  THR A CG2 1 
ATOM   655  N  N   . GLU A 1 79  ? 7.489   4.639   5.932   1.00 32.69 ? 78  GLU A N   1 
ATOM   656  C  CA  . GLU A 1 79  ? 7.797   5.788   6.794   1.00 33.36 ? 78  GLU A CA  1 
ATOM   657  C  C   . GLU A 1 79  ? 6.889   6.988   6.524   1.00 33.51 ? 78  GLU A C   1 
ATOM   658  O  O   . GLU A 1 79  ? 6.334   7.572   7.455   1.00 35.24 ? 78  GLU A O   1 
ATOM   659  C  CB  . GLU A 1 79  ? 9.276   6.186   6.638   1.00 35.12 ? 78  GLU A CB  1 
ATOM   660  C  CG  . GLU A 1 79  ? 9.840   7.133   7.703   1.00 36.38 ? 78  GLU A CG  1 
ATOM   661  N  N   . GLU A 1 80  ? 6.741   7.370   5.262   1.00 33.48 ? 79  GLU A N   1 
ATOM   662  C  CA  . GLU A 1 80  ? 5.920   8.542   4.916   1.00 33.96 ? 79  GLU A CA  1 
ATOM   663  C  C   . GLU A 1 80  ? 4.437   8.199   4.701   1.00 33.87 ? 79  GLU A C   1 
ATOM   664  O  O   . GLU A 1 80  ? 3.567   9.057   4.927   1.00 36.52 ? 79  GLU A O   1 
ATOM   665  C  CB  . GLU A 1 80  ? 6.492   9.267   3.700   1.00 37.20 ? 79  GLU A CB  1 
ATOM   666  N  N   . GLY A 1 81  ? 4.139   6.960   4.285   1.00 30.26 ? 80  GLY A N   1 
ATOM   667  C  CA  . GLY A 1 81  ? 2.768   6.539   4.141   1.00 28.21 ? 80  GLY A CA  1 
ATOM   668  C  C   . GLY A 1 81  ? 2.460   6.535   2.661   1.00 27.20 ? 80  GLY A C   1 
ATOM   669  O  O   . GLY A 1 81  ? 2.774   7.508   1.937   1.00 23.44 ? 80  GLY A O   1 
ATOM   670  N  N   A ILE A 1 82  ? 1.849   5.440   2.195   0.50 23.41 ? 81  ILE A N   1 
ATOM   671  N  N   B ILE A 1 82  ? 1.834   5.465   2.194   0.50 24.28 ? 81  ILE A N   1 
ATOM   672  C  CA  A ILE A 1 82  ? 1.380   5.342   0.802   0.50 23.72 ? 81  ILE A CA  1 
ATOM   673  C  CA  B ILE A 1 82  ? 1.489   5.399   0.788   0.50 24.58 ? 81  ILE A CA  1 
ATOM   674  C  C   A ILE A 1 82  ? 0.418   6.472   0.418   0.50 23.24 ? 81  ILE A C   1 
ATOM   675  C  C   B ILE A 1 82  ? 0.380   6.416   0.390   0.50 23.95 ? 81  ILE A C   1 
ATOM   676  O  O   A ILE A 1 82  ? 0.497   7.017   -0.690  0.50 24.06 ? 81  ILE A O   1 
ATOM   677  O  O   B ILE A 1 82  ? 0.338   6.850   -0.766  0.50 25.10 ? 81  ILE A O   1 
ATOM   678  C  CB  A ILE A 1 82  ? 0.692   3.980   0.497   0.50 22.58 ? 81  ILE A CB  1 
ATOM   679  C  CB  B ILE A 1 82  ? 1.189   3.946   0.363   0.50 24.47 ? 81  ILE A CB  1 
ATOM   680  C  CG1 A ILE A 1 82  ? 1.710   2.839   0.552   0.50 16.38 ? 81  ILE A CG1 1 
ATOM   681  C  CG1 B ILE A 1 82  ? 1.392   3.803   -1.152  0.50 24.21 ? 81  ILE A CG1 1 
ATOM   682  C  CG2 A ILE A 1 82  ? 0.021   4.025   -0.902  0.50 22.77 ? 81  ILE A CG2 1 
ATOM   683  C  CG2 B ILE A 1 82  ? -0.194  3.536   0.825   0.50 17.02 ? 81  ILE A CG2 1 
ATOM   684  C  CD1 A ILE A 1 82  ? 3.021   3.096   -0.216  0.50 13.63 ? 81  ILE A CD1 1 
ATOM   685  C  CD1 B ILE A 1 82  ? 2.105   2.534   -1.527  0.50 17.42 ? 81  ILE A CD1 1 
ATOM   686  N  N   . ALA A 1 83  ? -0.471  6.822   1.342   1.00 23.94 ? 82  ALA A N   1 
ATOM   687  C  CA  . ALA A 1 83  ? -1.481  7.866   1.102   1.00 23.53 ? 82  ALA A CA  1 
ATOM   688  C  C   . ALA A 1 83  ? -0.813  9.158   0.587   1.00 24.49 ? 82  ALA A C   1 
ATOM   689  O  O   . ALA A 1 83  ? -1.326  9.783   -0.349  1.00 24.16 ? 82  ALA A O   1 
ATOM   690  C  CB  . ALA A 1 83  ? -2.302  8.164   2.359   1.00 20.96 ? 82  ALA A CB  1 
ATOM   691  N  N   . THR A 1 84  ? 0.332   9.526   1.182   1.00 23.74 ? 83  THR A N   1 
ATOM   692  C  CA  . THR A 1 84  ? 1.121   10.709  0.739   1.00 25.31 ? 83  THR A CA  1 
ATOM   693  C  C   . THR A 1 84  ? 1.534   10.609  -0.717  1.00 25.65 ? 83  THR A C   1 
ATOM   694  O  O   . THR A 1 84  ? 1.359   11.582  -1.473  1.00 24.15 ? 83  THR A O   1 
ATOM   695  C  CB  . THR A 1 84  ? 2.309   10.982  1.663   1.00 25.27 ? 83  THR A CB  1 
ATOM   696  O  OG1 . THR A 1 84  ? 1.826   11.010  3.015   1.00 31.12 ? 83  THR A OG1 1 
ATOM   697  C  CG2 . THR A 1 84  ? 2.966   12.328  1.336   1.00 25.92 ? 83  THR A CG2 1 
ATOM   698  N  N   . GLU A 1 85  ? 1.990   9.426   -1.141  1.00 25.15 ? 84  GLU A N   1 
ATOM   699  C  CA  . GLU A 1 85  ? 2.400   9.259   -2.526  1.00 26.25 ? 84  GLU A CA  1 
ATOM   700  C  C   . GLU A 1 85  ? 1.222   9.292   -3.491  1.00 24.73 ? 84  GLU A C   1 
ATOM   701  O  O   . GLU A 1 85  ? 1.329   9.894   -4.551  1.00 23.87 ? 84  GLU A O   1 
ATOM   702  C  CB  . GLU A 1 85  ? 3.200   7.966   -2.722  1.00 27.51 ? 84  GLU A CB  1 
ATOM   703  C  CG  . GLU A 1 85  ? 3.756   7.804   -4.130  1.00 32.26 ? 84  GLU A CG  1 
ATOM   704  C  CD  . GLU A 1 85  ? 4.587   8.996   -4.627  1.00 42.65 ? 84  GLU A CD  1 
ATOM   705  O  OE1 . GLU A 1 85  ? 5.262   9.665   -3.803  1.00 40.78 ? 84  GLU A OE1 1 
ATOM   706  O  OE2 . GLU A 1 85  ? 4.550   9.251   -5.854  1.00 47.43 ? 84  GLU A OE2 1 
ATOM   707  N  N   . LEU A 1 86  ? 0.094   8.697   -3.088  1.00 23.63 ? 85  LEU A N   1 
ATOM   708  C  CA  . LEU A 1 86  ? -1.092  8.688   -3.915  1.00 23.12 ? 85  LEU A CA  1 
ATOM   709  C  C   . LEU A 1 86  ? -1.596  10.100  -4.139  1.00 24.01 ? 85  LEU A C   1 
ATOM   710  O  O   . LEU A 1 86  ? -1.940  10.482  -5.263  1.00 23.51 ? 85  LEU A O   1 
ATOM   711  C  CB  . LEU A 1 86  ? -2.163  7.797   -3.324  1.00 24.40 ? 85  LEU A CB  1 
ATOM   712  C  CG  . LEU A 1 86  ? -1.794  6.280   -3.360  1.00 27.65 ? 85  LEU A CG  1 
ATOM   713  C  CD1 . LEU A 1 86  ? -2.766  5.487   -2.509  1.00 29.95 ? 85  LEU A CD1 1 
ATOM   714  C  CD2 . LEU A 1 86  ? -1.696  5.712   -4.779  1.00 27.06 ? 85  LEU A CD2 1 
HETATM 715  N  N   . MSE A 1 87  ? -1.643  10.871  -3.073  1.00 26.21 ? 86  MSE A N   1 
HETATM 716  C  CA  . MSE A 1 87  ? -2.042  12.287  -3.179  1.00 30.61 ? 86  MSE A CA  1 
HETATM 717  C  C   . MSE A 1 87  ? -1.142  13.078  -4.100  1.00 27.31 ? 86  MSE A C   1 
HETATM 718  O  O   . MSE A 1 87  ? -1.626  13.892  -4.849  1.00 26.21 ? 86  MSE A O   1 
HETATM 719  C  CB  . MSE A 1 87  ? -2.036  12.935  -1.820  1.00 28.28 ? 86  MSE A CB  1 
HETATM 720  C  CG  . MSE A 1 87  ? -3.127  12.408  -0.947  1.00 35.40 ? 86  MSE A CG  1 
HETATM 721  SE SE  . MSE A 1 87  ? -3.036  13.241  0.795   0.75 47.05 ? 86  MSE A SE  1 
HETATM 722  C  CE  . MSE A 1 87  ? -1.489  12.387  1.572   1.00 47.78 ? 86  MSE A CE  1 
ATOM   723  N  N   A ARG A 1 88  ? 0.155   12.815  -4.031  0.50 28.16 ? 87  ARG A N   1 
ATOM   724  N  N   B ARG A 1 88  ? 0.172   12.858  -4.034  0.50 27.17 ? 87  ARG A N   1 
ATOM   725  C  CA  A ARG A 1 88  ? 1.129   13.452  -4.905  0.50 30.96 ? 87  ARG A CA  1 
ATOM   726  C  CA  B ARG A 1 88  ? 1.103   13.530  -4.951  0.50 28.63 ? 87  ARG A CA  1 
ATOM   727  C  C   A ARG A 1 88  ? 0.865   13.118  -6.372  0.50 30.73 ? 87  ARG A C   1 
ATOM   728  C  C   B ARG A 1 88  ? 0.807   13.148  -6.398  0.50 29.62 ? 87  ARG A C   1 
ATOM   729  O  O   A ARG A 1 88  ? 1.134   13.924  -7.266  0.50 31.46 ? 87  ARG A O   1 
ATOM   730  O  O   B ARG A 1 88  ? 0.982   13.961  -7.312  0.50 30.20 ? 87  ARG A O   1 
ATOM   731  C  CB  A ARG A 1 88  ? 2.532   12.998  -4.521  0.50 31.44 ? 87  ARG A CB  1 
ATOM   732  C  CB  B ARG A 1 88  ? 2.567   13.213  -4.617  0.50 28.52 ? 87  ARG A CB  1 
ATOM   733  C  CG  A ARG A 1 88  ? 3.428   14.120  -4.127  0.50 32.52 ? 87  ARG A CG  1 
ATOM   734  C  CG  B ARG A 1 88  ? 3.578   13.971  -5.481  0.50 28.54 ? 87  ARG A CG  1 
ATOM   735  C  CD  A ARG A 1 88  ? 4.756   13.588  -3.630  0.50 33.59 ? 87  ARG A CD  1 
ATOM   736  C  CD  B ARG A 1 88  ? 5.008   13.539  -5.212  0.50 26.80 ? 87  ARG A CD  1 
ATOM   737  N  NE  A ARG A 1 88  ? 4.938   13.814  -2.196  0.50 34.21 ? 87  ARG A NE  1 
ATOM   738  N  NE  B ARG A 1 88  ? 5.315   12.271  -5.853  0.50 24.54 ? 87  ARG A NE  1 
ATOM   739  C  CZ  A ARG A 1 88  ? 5.350   12.907  -1.318  0.50 29.13 ? 87  ARG A CZ  1 
ATOM   740  C  CZ  B ARG A 1 88  ? 5.517   12.109  -7.157  0.50 23.86 ? 87  ARG A CZ  1 
ATOM   741  N  NH1 A ARG A 1 88  ? 5.624   11.666  -1.686  0.50 31.52 ? 87  ARG A NH1 1 
ATOM   742  N  NH1 B ARG A 1 88  ? 5.476   13.134  -7.994  0.50 28.90 ? 87  ARG A NH1 1 
ATOM   743  N  NH2 A ARG A 1 88  ? 5.504   13.264  -0.054  0.50 32.54 ? 87  ARG A NH2 1 
ATOM   744  N  NH2 B ARG A 1 88  ? 5.774   10.899  -7.631  0.50 28.69 ? 87  ARG A NH2 1 
ATOM   745  N  N   . LEU A 1 89  ? 0.332   11.925  -6.606  1.00 28.08 ? 88  LEU A N   1 
ATOM   746  C  CA  . LEU A 1 89  ? 0.015   11.463  -7.947  1.00 28.24 ? 88  LEU A CA  1 
ATOM   747  C  C   . LEU A 1 89  ? -1.406  11.872  -8.364  1.00 27.95 ? 88  LEU A C   1 
ATOM   748  O  O   . LEU A 1 89  ? -1.860  11.462  -9.441  1.00 30.45 ? 88  LEU A O   1 
ATOM   749  C  CB  . LEU A 1 89  ? 0.201   9.943   -8.034  1.00 25.94 ? 88  LEU A CB  1 
ATOM   750  C  CG  . LEU A 1 89  ? 1.632   9.424   -7.941  1.00 25.37 ? 88  LEU A CG  1 
ATOM   751  C  CD1 . LEU A 1 89  ? 1.620   7.919   -7.807  1.00 25.71 ? 88  LEU A CD1 1 
ATOM   752  C  CD2 . LEU A 1 89  ? 2.431   9.849   -9.183  1.00 29.88 ? 88  LEU A CD2 1 
ATOM   753  N  N   . GLY A 1 90  ? -2.110  12.638  -7.519  1.00 22.58 ? 89  GLY A N   1 
ATOM   754  C  CA  . GLY A 1 90  ? -3.382  13.214  -7.894  1.00 25.37 ? 89  GLY A CA  1 
ATOM   755  C  C   . GLY A 1 90  ? -4.645  12.529  -7.384  1.00 26.17 ? 89  GLY A C   1 
ATOM   756  O  O   . GLY A 1 90  ? -5.758  12.936  -7.732  1.00 26.79 ? 89  GLY A O   1 
ATOM   757  N  N   . VAL A 1 91  ? -4.506  11.507  -6.551  1.00 25.11 ? 90  VAL A N   1 
ATOM   758  C  CA  . VAL A 1 91  ? -5.680  10.902  -5.945  1.00 23.32 ? 90  VAL A CA  1 
ATOM   759  C  C   . VAL A 1 91  ? -6.190  11.823  -4.846  1.00 22.29 ? 90  VAL A C   1 
ATOM   760  O  O   . VAL A 1 91  ? -5.425  12.269  -3.997  1.00 22.03 ? 90  VAL A O   1 
ATOM   761  C  CB  . VAL A 1 91  ? -5.387  9.522   -5.374  1.00 24.02 ? 90  VAL A CB  1 
ATOM   762  C  CG1 . VAL A 1 91  ? -6.683  8.835   -4.908  1.00 18.51 ? 90  VAL A CG1 1 
ATOM   763  C  CG2 . VAL A 1 91  ? -4.617  8.674   -6.388  1.00 18.68 ? 90  VAL A CG2 1 
ATOM   764  N  N   . THR A 1 92  ? -7.489  12.100  -4.884  1.00 21.50 ? 91  THR A N   1 
ATOM   765  C  CA  . THR A 1 92  ? -8.148  12.943  -3.922  1.00 22.65 ? 91  THR A CA  1 
ATOM   766  C  C   . THR A 1 92  ? -8.302  12.217  -2.574  1.00 23.83 ? 91  THR A C   1 
ATOM   767  O  O   . THR A 1 92  ? -8.433  10.989  -2.521  1.00 20.98 ? 91  THR A O   1 
ATOM   768  C  CB  . THR A 1 92  ? -9.524  13.382  -4.466  1.00 21.87 ? 91  THR A CB  1 
ATOM   769  O  OG1 . THR A 1 92  ? -10.158 14.212  -3.508  1.00 37.95 ? 91  THR A OG1 1 
ATOM   770  C  CG2 . THR A 1 92  ? -10.449 12.198  -4.709  1.00 27.55 ? 91  THR A CG2 1 
ATOM   771  N  N   . ASN A 1 93  ? -8.273  12.980  -1.483  1.00 23.43 ? 92  ASN A N   1 
ATOM   772  C  CA  . ASN A 1 93  ? -8.376  12.409  -0.137  1.00 24.61 ? 92  ASN A CA  1 
ATOM   773  C  C   . ASN A 1 93  ? -9.710  11.713  0.059   1.00 22.33 ? 92  ASN A C   1 
ATOM   774  O  O   . ASN A 1 93  ? -9.788  10.758  0.827   1.00 20.09 ? 92  ASN A O   1 
ATOM   775  C  CB  . ASN A 1 93  ? -8.244  13.477  0.946   1.00 27.64 ? 92  ASN A CB  1 
ATOM   776  C  CG  . ASN A 1 93  ? -6.805  13.916  1.165   1.00 37.81 ? 92  ASN A CG  1 
ATOM   777  O  OD1 . ASN A 1 93  ? -5.990  13.929  0.229   1.00 47.65 ? 92  ASN A OD1 1 
ATOM   778  N  ND2 . ASN A 1 93  ? -6.479  14.263  2.412   1.00 41.78 ? 92  ASN A ND2 1 
ATOM   779  N  N   . ASN A 1 94  ? -10.733 12.179  -0.662  1.00 20.03 ? 93  ASN A N   1 
ATOM   780  C  CA  . ASN A 1 94  ? -12.035 11.545  -0.569  1.00 22.13 ? 93  ASN A CA  1 
ATOM   781  C  C   . ASN A 1 94  ? -12.107 10.147  -1.199  1.00 19.13 ? 93  ASN A C   1 
ATOM   782  O  O   . ASN A 1 94  ? -13.058 9.404   -0.935  1.00 22.92 ? 93  ASN A O   1 
ATOM   783  C  CB  . ASN A 1 94  ? -13.160 12.408  -1.142  1.00 23.93 ? 93  ASN A CB  1 
ATOM   784  C  CG  . ASN A 1 94  ? -14.536 11.766  -0.904  1.00 39.38 ? 93  ASN A CG  1 
ATOM   785  O  OD1 . ASN A 1 94  ? -14.910 11.491  0.247   1.00 37.99 ? 93  ASN A OD1 1 
ATOM   786  N  ND2 . ASN A 1 94  ? -15.264 11.462  -1.996  1.00 46.87 ? 93  ASN A ND2 1 
ATOM   787  N  N   . ASP A 1 95  ? -11.106 9.775   -1.992  1.00 17.20 ? 94  ASP A N   1 
ATOM   788  C  CA  . ASP A 1 95  ? -11.031 8.453   -2.553  1.00 19.35 ? 94  ASP A CA  1 
ATOM   789  C  C   . ASP A 1 95  ? -10.005 7.516   -1.864  1.00 19.67 ? 94  ASP A C   1 
ATOM   790  O  O   . ASP A 1 95  ? -9.709  6.432   -2.369  1.00 17.33 ? 94  ASP A O   1 
ATOM   791  C  CB  . ASP A 1 95  ? -10.755 8.572   -4.048  1.00 20.92 ? 94  ASP A CB  1 
ATOM   792  C  CG  . ASP A 1 95  ? -12.011 8.860   -4.841  1.00 24.94 ? 94  ASP A CG  1 
ATOM   793  O  OD1 . ASP A 1 95  ? -13.078 9.099   -4.245  1.00 27.87 ? 94  ASP A OD1 1 
ATOM   794  O  OD2 . ASP A 1 95  ? -11.930 8.801   -6.060  1.00 33.13 ? 94  ASP A OD2 1 
ATOM   795  N  N   . ILE A 1 96  ? -9.503  7.933   -0.697  1.00 18.92 ? 95  ILE A N   1 
ATOM   796  C  CA  . ILE A 1 96  ? -8.537  7.145   0.065   1.00 17.52 ? 95  ILE A CA  1 
ATOM   797  C  C   . ILE A 1 96  ? -9.138  6.859   1.418   1.00 16.75 ? 95  ILE A C   1 
ATOM   798  O  O   . ILE A 1 96  ? -9.644  7.744   2.091   1.00 16.40 ? 95  ILE A O   1 
ATOM   799  C  CB  . ILE A 1 96  ? -7.192  7.885   0.244   1.00 17.82 ? 95  ILE A CB  1 
ATOM   800  C  CG1 . ILE A 1 96  ? -6.540  8.169   -1.116  1.00 19.04 ? 95  ILE A CG1 1 
ATOM   801  C  CG2 . ILE A 1 96  ? -6.217  7.097   1.183   1.00 15.89 ? 95  ILE A CG2 1 
ATOM   802  C  CD1 . ILE A 1 96  ? -5.347  9.036   -1.036  1.00 21.40 ? 95  ILE A CD1 1 
ATOM   803  N  N   . VAL A 1 97  ? -9.097  5.601   1.823   1.00 15.52 ? 96  VAL A N   1 
ATOM   804  C  CA  . VAL A 1 97  ? -9.610  5.176   3.121   1.00 16.96 ? 96  VAL A CA  1 
ATOM   805  C  C   . VAL A 1 97  ? -8.430  4.560   3.877   1.00 21.34 ? 96  VAL A C   1 
ATOM   806  O  O   . VAL A 1 97  ? -7.766  3.664   3.358   1.00 19.65 ? 96  VAL A O   1 
ATOM   807  C  CB  . VAL A 1 97  ? -10.839 4.179   3.029   1.00 17.03 ? 96  VAL A CB  1 
ATOM   808  C  CG1 . VAL A 1 97  ? -11.276 3.755   4.411   1.00 21.41 ? 96  VAL A CG1 1 
ATOM   809  C  CG2 . VAL A 1 97  ? -11.996 4.805   2.321   1.00 16.15 ? 96  VAL A CG2 1 
ATOM   810  N  N   . LEU A 1 98  ? -8.131  5.097   5.064   1.00 18.08 ? 97  LEU A N   1 
ATOM   811  C  CA  . LEU A 1 98  ? -7.108  4.500   5.936   1.00 19.05 ? 97  LEU A CA  1 
ATOM   812  C  C   . LEU A 1 98  ? -7.740  3.342   6.712   1.00 21.07 ? 97  LEU A C   1 
ATOM   813  O  O   . LEU A 1 98  ? -8.115  3.482   7.884   1.00 19.86 ? 97  LEU A O   1 
ATOM   814  C  CB  . LEU A 1 98  ? -6.481  5.541   6.863   1.00 19.26 ? 97  LEU A CB  1 
ATOM   815  C  CG  . LEU A 1 98  ? -5.770  6.758   6.200   1.00 24.09 ? 97  LEU A CG  1 
ATOM   816  C  CD1 . LEU A 1 98  ? -5.054  7.541   7.262   1.00 23.54 ? 97  LEU A CD1 1 
ATOM   817  C  CD2 . LEU A 1 98  ? -4.820  6.412   5.021   1.00 17.29 ? 97  LEU A CD2 1 
ATOM   818  N  N   . ALA A 1 99  ? -7.847  2.190   6.051   1.00 17.15 ? 98  ALA A N   1 
ATOM   819  C  CA  . ALA A 1 99  ? -8.546  1.010   6.583   1.00 15.95 ? 98  ALA A CA  1 
ATOM   820  C  C   . ALA A 1 99  ? -7.749  0.314   7.697   1.00 18.03 ? 98  ALA A C   1 
ATOM   821  O  O   . ALA A 1 99  ? -8.283  -0.523  8.417   1.00 20.59 ? 98  ALA A O   1 
ATOM   822  C  CB  . ALA A 1 99  ? -8.882  0.009   5.406   1.00 17.19 ? 98  ALA A CB  1 
ATOM   823  N  N   . PHE A 1 100 ? -6.474  0.677   7.858   1.00 18.93 ? 99  PHE A N   1 
ATOM   824  C  CA  . PHE A 1 100 ? -5.677  0.231   9.007   1.00 21.28 ? 99  PHE A CA  1 
ATOM   825  C  C   . PHE A 1 100 ? -6.100  0.976   10.288  1.00 20.65 ? 99  PHE A C   1 
ATOM   826  O  O   . PHE A 1 100 ? -5.701  0.587   11.396  1.00 22.31 ? 99  PHE A O   1 
ATOM   827  C  CB  . PHE A 1 100 ? -4.165  0.317   8.783   1.00 20.17 ? 99  PHE A CB  1 
ATOM   828  C  CG  . PHE A 1 100 ? -3.655  1.686   8.366   1.00 16.20 ? 99  PHE A CG  1 
ATOM   829  C  CD1 . PHE A 1 100 ? -3.395  2.660   9.279   1.00 19.08 ? 99  PHE A CD1 1 
ATOM   830  C  CD2 . PHE A 1 100 ? -3.374  1.957   7.023   1.00 17.58 ? 99  PHE A CD2 1 
ATOM   831  C  CE1 . PHE A 1 100 ? -2.949  3.878   8.875   1.00 21.01 ? 99  PHE A CE1 1 
ATOM   832  C  CE2 . PHE A 1 100 ? -2.882  3.145   6.617   1.00 18.69 ? 99  PHE A CE2 1 
ATOM   833  C  CZ  . PHE A 1 100 ? -2.653  4.123   7.556   1.00 19.36 ? 99  PHE A CZ  1 
ATOM   834  N  N   . HIS A 1 101 ? -6.913  2.021   10.159  1.00 18.25 ? 100 HIS A N   1 
ATOM   835  C  CA  . HIS A 1 101 ? -7.549  2.636   11.334  1.00 20.58 ? 100 HIS A CA  1 
ATOM   836  C  C   . HIS A 1 101 ? -8.918  2.023   11.558  1.00 18.27 ? 100 HIS A C   1 
ATOM   837  O  O   . HIS A 1 101 ? -9.626  1.740   10.580  1.00 16.30 ? 100 HIS A O   1 
ATOM   838  C  CB  . HIS A 1 101 ? -7.745  4.154   11.145  1.00 20.47 ? 100 HIS A CB  1 
ATOM   839  C  CG  . HIS A 1 101 ? -6.479  4.931   11.138  1.00 23.05 ? 100 HIS A CG  1 
ATOM   840  N  ND1 . HIS A 1 101 ? -6.399  6.204   10.620  1.00 30.21 ? 100 HIS A ND1 1 
ATOM   841  C  CD2 . HIS A 1 101 ? -5.255  4.640   11.622  1.00 24.80 ? 100 HIS A CD2 1 
ATOM   842  C  CE1 . HIS A 1 101 ? -5.167  6.650   10.757  1.00 25.61 ? 100 HIS A CE1 1 
ATOM   843  N  NE2 . HIS A 1 101 ? -4.447  5.714   11.341  1.00 26.13 ? 100 HIS A NE2 1 
ATOM   844  N  N   . PRO A 1 102 ? -9.322  1.863   12.835  1.00 18.32 ? 101 PRO A N   1 
ATOM   845  C  CA  . PRO A 1 102 ? -10.648 1.386   13.153  1.00 18.17 ? 101 PRO A CA  1 
ATOM   846  C  C   . PRO A 1 102 ? -11.728 2.224   12.464  1.00 18.47 ? 101 PRO A C   1 
ATOM   847  O  O   . PRO A 1 102 ? -11.606 3.452   12.394  1.00 17.31 ? 101 PRO A O   1 
ATOM   848  C  CB  . PRO A 1 102 ? -10.734 1.530   14.686  1.00 19.93 ? 101 PRO A CB  1 
ATOM   849  C  CG  . PRO A 1 102 ? -9.351  1.622   15.161  1.00 21.44 ? 101 PRO A CG  1 
ATOM   850  C  CD  . PRO A 1 102 ? -8.536  2.178   14.044  1.00 17.49 ? 101 PRO A CD  1 
ATOM   851  N  N   . PRO A 1 103 ? -12.730 1.572   11.875  1.00 17.97 ? 102 PRO A N   1 
ATOM   852  C  CA  . PRO A 1 103 ? -13.798 2.306   11.187  1.00 18.75 ? 102 PRO A CA  1 
ATOM   853  C  C   . PRO A 1 103 ? -14.347 3.518   11.912  1.00 17.52 ? 102 PRO A C   1 
ATOM   854  O  O   . PRO A 1 103 ? -14.518 4.577   11.322  1.00 19.10 ? 102 PRO A O   1 
ATOM   855  C  CB  . PRO A 1 103 ? -14.860 1.241   10.996  1.00 19.80 ? 102 PRO A CB  1 
ATOM   856  C  CG  . PRO A 1 103 ? -14.058 0.010   10.716  1.00 22.37 ? 102 PRO A CG  1 
ATOM   857  C  CD  . PRO A 1 103 ? -12.892 0.113   11.699  1.00 18.74 ? 102 PRO A CD  1 
ATOM   858  N  N   . ASP A 1 104 ? -14.584 3.367   13.202  1.00 19.39 ? 103 ASP A N   1 
ATOM   859  C  CA  . ASP A 1 104 ? -15.185 4.428   14.014  1.00 19.93 ? 103 ASP A CA  1 
ATOM   860  C  C   . ASP A 1 104 ? -14.292 5.645   14.306  1.00 18.00 ? 103 ASP A C   1 
ATOM   861  O  O   . ASP A 1 104 ? -14.772 6.612   14.883  1.00 18.65 ? 103 ASP A O   1 
ATOM   862  C  CB  . ASP A 1 104 ? -15.783 3.848   15.314  1.00 20.38 ? 103 ASP A CB  1 
ATOM   863  C  CG  . ASP A 1 104 ? -14.766 3.164   16.239  1.00 25.28 ? 103 ASP A CG  1 
ATOM   864  O  OD1 . ASP A 1 104 ? -13.554 3.102   15.966  1.00 25.34 ? 103 ASP A OD1 1 
ATOM   865  O  OD2 . ASP A 1 104 ? -15.212 2.637   17.293  1.00 38.54 ? 103 ASP A OD2 1 
ATOM   866  N  N   . VAL A 1 105 ? -13.033 5.623   13.888  1.00 16.50 ? 104 VAL A N   1 
ATOM   867  C  CA  . VAL A 1 105 ? -12.143 6.787   14.041  1.00 17.87 ? 104 VAL A CA  1 
ATOM   868  C  C   . VAL A 1 105 ? -11.830 7.526   12.715  1.00 18.25 ? 104 VAL A C   1 
ATOM   869  O  O   . VAL A 1 105 ? -11.280 8.640   12.714  1.00 18.93 ? 104 VAL A O   1 
ATOM   870  C  CB  . VAL A 1 105 ? -10.797 6.417   14.761  1.00 17.07 ? 104 VAL A CB  1 
ATOM   871  C  CG1 . VAL A 1 105 ? -11.066 5.783   16.157  1.00 17.96 ? 104 VAL A CG1 1 
ATOM   872  C  CG2 . VAL A 1 105 ? -9.894  5.570   13.874  1.00 20.63 ? 104 VAL A CG2 1 
ATOM   873  N  N   . ARG A 1 106 ? -12.236 6.949   11.600  1.00 19.40 ? 105 ARG A N   1 
ATOM   874  C  CA  . ARG A 1 106 ? -11.828 7.483   10.298  1.00 19.43 ? 105 ARG A CA  1 
ATOM   875  C  C   . ARG A 1 106 ? -12.372 8.907   10.055  1.00 19.71 ? 105 ARG A C   1 
ATOM   876  O  O   . ARG A 1 106 ? -11.718 9.742   9.392   1.00 23.01 ? 105 ARG A O   1 
ATOM   877  C  CB  . ARG A 1 106 ? -12.207 6.498   9.203   1.00 17.66 ? 105 ARG A CB  1 
ATOM   878  C  CG  . ARG A 1 106 ? -11.438 5.211   9.261   1.00 18.28 ? 105 ARG A CG  1 
ATOM   879  C  CD  . ARG A 1 106 ? -11.941 4.228   8.253   1.00 19.75 ? 105 ARG A CD  1 
ATOM   880  N  NE  . ARG A 1 106 ? -11.384 2.935   8.497   1.00 18.67 ? 105 ARG A NE  1 
ATOM   881  C  CZ  . ARG A 1 106 ? -11.891 1.792   8.070   1.00 21.25 ? 105 ARG A CZ  1 
ATOM   882  N  NH1 . ARG A 1 106 ? -13.012 1.768   7.342   1.00 21.51 ? 105 ARG A NH1 1 
ATOM   883  N  NH2 . ARG A 1 106 ? -11.306 0.660   8.404   1.00 21.93 ? 105 ARG A NH2 1 
ATOM   884  N  N   . LYS A 1 107 ? -13.539 9.199   10.604  1.00 17.57 ? 106 LYS A N   1 
ATOM   885  C  CA  . LYS A 1 107 ? -14.134 10.534  10.513  1.00 19.82 ? 106 LYS A CA  1 
ATOM   886  C  C   . LYS A 1 107 ? -13.317 11.635  11.175  1.00 23.68 ? 106 LYS A C   1 
ATOM   887  O  O   . LYS A 1 107 ? -13.596 12.807  10.962  1.00 24.26 ? 106 LYS A O   1 
ATOM   888  C  CB  . LYS A 1 107 ? -15.565 10.542  11.065  1.00 19.23 ? 106 LYS A CB  1 
ATOM   889  C  CG  . LYS A 1 107 ? -15.719 10.097  12.505  1.00 24.88 ? 106 LYS A CG  1 
ATOM   890  C  CD  . LYS A 1 107 ? -17.075 10.440  13.073  1.00 25.90 ? 106 LYS A CD  1 
ATOM   891  C  CE  . LYS A 1 107 ? -17.340 9.589   14.295  1.00 39.01 ? 106 LYS A CE  1 
ATOM   892  N  NZ  . LYS A 1 107 ? -18.551 10.038  15.057  1.00 39.80 ? 106 LYS A NZ  1 
ATOM   893  N  N   . PHE A 1 108 ? -12.343 11.267  12.015  1.00 26.16 ? 107 PHE A N   1 
ATOM   894  C  CA  . PHE A 1 108 ? -11.490 12.252  12.694  1.00 27.63 ? 107 PHE A CA  1 
ATOM   895  C  C   . PHE A 1 108 ? -10.223 12.535  11.908  1.00 27.78 ? 107 PHE A C   1 
ATOM   896  O  O   . PHE A 1 108 ? -9.402  13.352  12.333  1.00 32.08 ? 107 PHE A O   1 
ATOM   897  C  CB  . PHE A 1 108 ? -11.110 11.739  14.089  1.00 24.79 ? 107 PHE A CB  1 
ATOM   898  C  CG  . PHE A 1 108 ? -12.261 11.509  14.926  1.00 15.65 ? 107 PHE A CG  1 
ATOM   899  C  CD1 . PHE A 1 108 ? -13.036 12.575  15.342  1.00 16.44 ? 107 PHE A CD1 1 
ATOM   900  C  CD2 . PHE A 1 108 ? -12.690 10.237  15.235  1.00 26.09 ? 107 PHE A CD2 1 
ATOM   901  C  CE1 . PHE A 1 108 ? -14.134 12.400  16.099  1.00 20.44 ? 107 PHE A CE1 1 
ATOM   902  C  CE2 . PHE A 1 108 ? -13.864 10.070  15.996  1.00 19.70 ? 107 PHE A CE2 1 
ATOM   903  C  CZ  . PHE A 1 108 ? -14.556 11.140  16.412  1.00 24.28 ? 107 PHE A CZ  1 
ATOM   904  N  N   . THR A 1 109 ? -10.051 11.815  10.806  1.00 29.11 ? 108 THR A N   1 
ATOM   905  C  CA  . THR A 1 109 ? -8.896  11.966  9.955   1.00 28.81 ? 108 THR A CA  1 
ATOM   906  C  C   . THR A 1 109 ? -9.225  12.842  8.723   1.00 26.37 ? 108 THR A C   1 
ATOM   907  O  O   . THR A 1 109 ? -10.360 13.260  8.505   1.00 24.07 ? 108 THR A O   1 
ATOM   908  C  CB  . THR A 1 109 ? -8.355  10.616  9.534   1.00 30.44 ? 108 THR A CB  1 
ATOM   909  O  OG1 . THR A 1 109 ? -9.160  10.037  8.479   1.00 24.92 ? 108 THR A OG1 1 
ATOM   910  C  CG2 . THR A 1 109 ? -8.281  9.648   10.758  1.00 35.62 ? 108 THR A CG2 1 
ATOM   911  N  N   . ASP A 1 110 ? -8.195  13.099  7.931   1.00 26.40 ? 109 ASP A N   1 
ATOM   912  C  CA  . ASP A 1 110 ? -8.328  13.821  6.689   1.00 26.46 ? 109 ASP A CA  1 
ATOM   913  C  C   . ASP A 1 110 ? -8.756  12.954  5.500   1.00 26.69 ? 109 ASP A C   1 
ATOM   914  O  O   . ASP A 1 110 ? -8.695  13.430  4.372   1.00 25.16 ? 109 ASP A O   1 
ATOM   915  C  CB  . ASP A 1 110 ? -6.978  14.419  6.325   1.00 29.81 ? 109 ASP A CB  1 
ATOM   916  C  CG  . ASP A 1 110 ? -6.747  15.764  6.952   1.00 31.06 ? 109 ASP A CG  1 
ATOM   917  O  OD1 . ASP A 1 110 ? -7.667  16.331  7.598   1.00 32.66 ? 109 ASP A OD1 1 
ATOM   918  O  OD2 . ASP A 1 110 ? -5.627  16.258  6.749   1.00 48.32 ? 109 ASP A OD2 1 
ATOM   919  N  N   . PHE A 1 111 ? -9.135  11.697  5.732   1.00 21.59 ? 110 PHE A N   1 
ATOM   920  C  CA  . PHE A 1 111 ? -9.439  10.754  4.634   1.00 21.68 ? 110 PHE A CA  1 
ATOM   921  C  C   . PHE A 1 111 ? -10.905 10.303  4.742   1.00 23.64 ? 110 PHE A C   1 
ATOM   922  O  O   . PHE A 1 111 ? -11.561 10.594  5.719   1.00 20.64 ? 110 PHE A O   1 
ATOM   923  C  CB  . PHE A 1 111 ? -8.442  9.587   4.672   1.00 21.12 ? 110 PHE A CB  1 
ATOM   924  C  CG  . PHE A 1 111 ? -7.007  10.029  4.445   1.00 19.84 ? 110 PHE A CG  1 
ATOM   925  C  CD1 . PHE A 1 111 ? -6.528  10.244  3.179   1.00 24.41 ? 110 PHE A CD1 1 
ATOM   926  C  CD2 . PHE A 1 111 ? -6.210  10.388  5.522   1.00 27.25 ? 110 PHE A CD2 1 
ATOM   927  C  CE1 . PHE A 1 111 ? -5.241  10.697  2.976   1.00 28.14 ? 110 PHE A CE1 1 
ATOM   928  C  CE2 . PHE A 1 111 ? -4.916  10.861  5.322   1.00 25.45 ? 110 PHE A CE2 1 
ATOM   929  C  CZ  . PHE A 1 111 ? -4.444  11.010  4.047   1.00 28.54 ? 110 PHE A CZ  1 
ATOM   930  N  N   . ALA A 1 112 ? -11.389 9.579   3.737   1.00 23.02 ? 111 ALA A N   1 
ATOM   931  C  CA  . ALA A 1 112 ? -12.761 9.030   3.724   1.00 22.98 ? 111 ALA A CA  1 
ATOM   932  C  C   . ALA A 1 112 ? -12.946 8.012   4.848   1.00 23.07 ? 111 ALA A C   1 
ATOM   933  O  O   . ALA A 1 112 ? -12.013 7.295   5.206   1.00 22.00 ? 111 ALA A O   1 
ATOM   934  C  CB  . ALA A 1 112 ? -13.073 8.365   2.348   1.00 17.28 ? 111 ALA A CB  1 
ATOM   935  N  N   . THR A 1 113 ? -14.163 7.922   5.392   1.00 24.94 ? 112 THR A N   1 
ATOM   936  C  CA  . THR A 1 113 ? -14.533 6.831   6.320   1.00 24.94 ? 112 THR A CA  1 
ATOM   937  C  C   . THR A 1 113 ? -14.794 5.513   5.644   1.00 24.66 ? 112 THR A C   1 
ATOM   938  O  O   . THR A 1 113 ? -14.493 4.398   6.166   1.00 24.76 ? 112 THR A O   1 
ATOM   939  C  CB  . THR A 1 113 ? -15.811 7.253   7.098   1.00 29.39 ? 112 THR A CB  1 
ATOM   940  O  OG1 . THR A 1 113 ? -15.487 8.390   7.863   1.00 34.21 ? 112 THR A OG1 1 
ATOM   941  C  CG2 . THR A 1 113 ? -16.328 6.122   8.030   1.00 30.64 ? 112 THR A CG2 1 
ATOM   942  N  N   . ALA A 1 114 ? -15.375 5.608   4.447   1.00 24.00 ? 113 ALA A N   1 
ATOM   943  C  CA  . ALA A 1 114 ? -15.712 4.448   3.654   1.00 25.13 ? 113 ALA A CA  1 
ATOM   944  C  C   . ALA A 1 114 ? -15.782 4.797   2.171   1.00 23.91 ? 113 ALA A C   1 
ATOM   945  O  O   . ALA A 1 114 ? -15.935 5.995   1.831   1.00 22.40 ? 113 ALA A O   1 
ATOM   946  C  CB  . ALA A 1 114 ? -17.038 3.853   4.117   1.00 28.29 ? 113 ALA A CB  1 
ATOM   947  O  OXT . ALA A 1 114 ? -15.700 3.893   1.314   1.00 22.98 ? 113 ALA A OXT 1 
HETATM 948  O  O   . HOH B 2 .   ? 20.456  -15.014 7.182   1.00 41.30 ? 114 HOH A O   1 
HETATM 949  O  O   . HOH B 2 .   ? -9.702  6.963   6.494   1.00 19.93 ? 115 HOH A O   1 
HETATM 950  O  O   . HOH B 2 .   ? 5.119   -11.899 3.879   1.00 15.32 ? 116 HOH A O   1 
HETATM 951  O  O   . HOH B 2 .   ? -15.505 7.047   11.306  1.00 20.97 ? 117 HOH A O   1 
HETATM 952  O  O   . HOH B 2 .   ? -14.765 -0.810  -6.380  1.00 26.68 ? 118 HOH A O   1 
HETATM 953  O  O   . HOH B 2 .   ? -3.751  -3.504  9.234   1.00 20.28 ? 119 HOH A O   1 
HETATM 954  O  O   . HOH B 2 .   ? 11.125  -18.141 1.988   1.00 36.11 ? 120 HOH A O   1 
HETATM 955  O  O   . HOH B 2 .   ? 3.053   -10.872 5.353   1.00 17.42 ? 121 HOH A O   1 
HETATM 956  O  O   . HOH B 2 .   ? 10.293  -5.402  -8.357  1.00 29.40 ? 122 HOH A O   1 
HETATM 957  O  O   . HOH B 2 .   ? -0.851  5.617   4.004   1.00 22.05 ? 123 HOH A O   1 
HETATM 958  O  O   . HOH B 2 .   ? -16.110 9.723   4.141   1.00 35.50 ? 124 HOH A O   1 
HETATM 959  O  O   . HOH B 2 .   ? -0.653  -0.665  9.016   1.00 22.40 ? 125 HOH A O   1 
HETATM 960  O  O   . HOH B 2 .   ? -12.771 -1.367  6.820   1.00 27.10 ? 126 HOH A O   1 
HETATM 961  O  O   . HOH B 2 .   ? 16.254  -2.794  -7.099  1.00 28.24 ? 127 HOH A O   1 
HETATM 962  O  O   . HOH B 2 .   ? -4.097  -1.578  12.319  1.00 33.95 ? 128 HOH A O   1 
HETATM 963  O  O   . HOH B 2 .   ? 13.376  -5.405  2.239   1.00 41.26 ? 129 HOH A O   1 
HETATM 964  O  O   . HOH B 2 .   ? -10.436 -5.896  2.935   1.00 25.90 ? 130 HOH A O   1 
HETATM 965  O  O   . HOH B 2 .   ? -8.913  11.002  -7.466  1.00 34.23 ? 131 HOH A O   1 
HETATM 966  O  O   . HOH B 2 .   ? -7.843  15.528  11.815  1.00 33.22 ? 132 HOH A O   1 
HETATM 967  O  O   . HOH B 2 .   ? -17.073 4.443   -1.016  1.00 22.27 ? 133 HOH A O   1 
HETATM 968  O  O   . HOH B 2 .   ? 2.851   -7.516  8.490   1.00 33.14 ? 134 HOH A O   1 
HETATM 969  O  O   . HOH B 2 .   ? -4.743  1.965   13.910  1.00 34.80 ? 135 HOH A O   1 
HETATM 970  O  O   . HOH B 2 .   ? -3.621  14.173  6.809   1.00 45.85 ? 136 HOH A O   1 
HETATM 971  O  O   . HOH B 2 .   ? 13.864  -4.176  -0.028  1.00 43.31 ? 137 HOH A O   1 
HETATM 972  O  O   . HOH B 2 .   ? 20.284  -4.025  -1.368  1.00 26.66 ? 138 HOH A O   1 
HETATM 973  O  O   . HOH B 2 .   ? 20.700  -20.769 10.875  1.00 47.29 ? 139 HOH A O   1 
HETATM 974  O  O   . HOH B 2 .   ? -0.932  7.315   6.139   1.00 30.62 ? 140 HOH A O   1 
HETATM 975  O  O   . HOH B 2 .   ? -11.994 -2.817  4.527   1.00 26.34 ? 141 HOH A O   1 
HETATM 976  O  O   . HOH B 2 .   ? 8.781   -11.896 10.847  1.00 29.82 ? 142 HOH A O   1 
HETATM 977  O  O   . HOH B 2 .   ? -14.443 10.296  7.206   1.00 47.16 ? 143 HOH A O   1 
HETATM 978  O  O   . HOH B 2 .   ? -11.544 -5.518  -3.521  1.00 29.56 ? 144 HOH A O   1 
HETATM 979  O  O   . HOH B 2 .   ? -16.457 -3.134  -3.909  1.00 30.00 ? 145 HOH A O   1 
HETATM 980  O  O   . HOH B 2 .   ? 9.612   -8.346  -5.663  1.00 33.54 ? 146 HOH A O   1 
HETATM 981  O  O   . HOH B 2 .   ? 7.216   -10.747 -6.519  1.00 37.23 ? 147 HOH A O   1 
HETATM 982  O  O   . HOH B 2 .   ? 11.137  -17.665 13.360  1.00 30.40 ? 148 HOH A O   1 
HETATM 983  O  O   . HOH B 2 .   ? 2.250   8.563   -12.650 1.00 48.92 ? 149 HOH A O   1 
HETATM 984  O  O   . HOH B 2 .   ? 0.741   0.208   -13.632 1.00 29.32 ? 150 HOH A O   1 
HETATM 985  O  O   . HOH B 2 .   ? -10.724 -16.877 -7.902  1.00 37.89 ? 151 HOH A O   1 
HETATM 986  O  O   . HOH B 2 .   ? 9.453   3.549   4.144   1.00 35.09 ? 152 HOH A O   1 
HETATM 987  O  O   . HOH B 2 .   ? 11.198  -15.074 -0.681  1.00 36.32 ? 153 HOH A O   1 
HETATM 988  O  O   . HOH B 2 .   ? -6.161  -0.415  -14.849 1.00 35.23 ? 154 HOH A O   1 
HETATM 989  O  O   . HOH B 2 .   ? 19.696  -17.879 13.764  1.00 38.33 ? 155 HOH A O   1 
HETATM 990  O  O   . HOH B 2 .   ? -0.345  -9.197  8.061   1.00 38.81 ? 156 HOH A O   1 
HETATM 991  O  O   . HOH B 2 .   ? -12.369 -12.495 -8.843  1.00 47.18 ? 157 HOH A O   1 
HETATM 992  O  O   . HOH B 2 .   ? 6.089   10.243  1.161   1.00 52.22 ? 158 HOH A O   1 
HETATM 993  O  O   . HOH B 2 .   ? -7.619  -13.611 -9.400  1.00 39.63 ? 159 HOH A O   1 
HETATM 994  O  O   . HOH B 2 .   ? 11.334  -9.093  12.344  1.00 55.80 ? 160 HOH A O   1 
HETATM 995  O  O   . HOH B 2 .   ? -1.801  -2.618  10.689  1.00 29.22 ? 161 HOH A O   1 
HETATM 996  O  O   . HOH B 2 .   ? 20.357  -2.296  2.676   1.00 38.96 ? 162 HOH A O   1 
HETATM 997  O  O   . HOH B 2 .   ? -12.812 12.449  7.381   1.00 49.49 ? 163 HOH A O   1 
HETATM 998  O  O   . HOH B 2 .   ? 7.841   6.119   3.118   1.00 42.97 ? 164 HOH A O   1 
HETATM 999  O  O   . HOH B 2 .   ? -7.614  9.307   -11.323 1.00 54.45 ? 165 HOH A O   1 
HETATM 1000 O  O   . HOH B 2 .   ? 2.325   5.089   7.499   1.00 48.69 ? 166 HOH A O   1 
HETATM 1001 O  O   . HOH B 2 .   ? -4.983  10.438  -10.833 1.00 42.37 ? 167 HOH A O   1 
HETATM 1002 O  O   . HOH B 2 .   ? -6.026  4.457   -16.695 1.00 53.86 ? 168 HOH A O   1 
HETATM 1003 O  O   . HOH B 2 .   ? -1.028  -8.662  4.722   1.00 38.85 ? 169 HOH A O   1 
HETATM 1004 O  O   . HOH B 2 .   ? -5.672  12.698  8.734   1.00 34.79 ? 170 HOH A O   1 
HETATM 1005 O  O   . HOH B 2 .   ? -0.979  -1.635  -15.529 1.00 43.89 ? 171 HOH A O   1 
HETATM 1006 O  O   . HOH B 2 .   ? -4.520  -12.822 -11.173 1.00 41.72 ? 172 HOH A O   1 
HETATM 1007 O  O   . HOH B 2 .   ? -6.036  -10.626 -11.738 1.00 42.62 ? 173 HOH A O   1 
HETATM 1008 O  O   . HOH B 2 .   ? -4.216  -2.329  -14.686 1.00 38.54 ? 174 HOH A O   1 
HETATM 1009 O  O   . HOH B 2 .   ? -11.961 2.345   17.866  1.00 32.54 ? 175 HOH A O   1 
HETATM 1010 O  O   . HOH B 2 .   ? -8.689  7.575   8.729   1.00 29.62 ? 176 HOH A O   1 
HETATM 1011 O  O   . HOH B 2 .   ? 14.742  -9.560  12.929  1.00 57.39 ? 177 HOH A O   1 
HETATM 1012 O  O   . HOH B 2 .   ? -10.165 -14.114 -9.446  1.00 42.95 ? 178 HOH A O   1 
HETATM 1013 O  O   . HOH B 2 .   ? 1.081   -5.349  -14.316 1.00 50.70 ? 179 HOH A O   1 
HETATM 1014 O  O   . HOH B 2 .   ? -17.821 -3.454  -0.853  1.00 35.87 ? 180 HOH A O   1 
HETATM 1015 O  O   . HOH B 2 .   ? -4.345  -1.430  15.008  1.00 36.35 ? 181 HOH A O   1 
HETATM 1016 O  O   . HOH B 2 .   ? -8.107  12.694  -9.079  1.00 51.96 ? 182 HOH A O   1 
HETATM 1017 O  O   . HOH B 2 .   ? -1.266  9.519   6.866   1.00 53.19 ? 183 HOH A O   1 
HETATM 1018 O  O   . HOH B 2 .   ? 3.015   8.095   8.263   1.00 55.69 ? 184 HOH A O   1 
HETATM 1019 O  O   . HOH B 2 .   ? 0.730   4.175   9.011   1.00 50.38 ? 185 HOH A O   1 
HETATM 1020 O  O   . HOH B 2 .   ? 14.685  -2.021  3.037   1.00 44.28 ? 186 HOH A O   1 
HETATM 1021 O  O   . HOH B 2 .   ? 12.154  -1.311  3.004   1.00 41.91 ? 187 HOH A O   1 
HETATM 1022 O  O   . HOH B 2 .   ? 9.946   -0.542  3.936   1.00 44.19 ? 188 HOH A O   1 
HETATM 1023 O  O   . HOH B 2 .   ? -8.172  -2.041  -15.153 1.00 40.98 ? 189 HOH A O   1 
# 
